data_1BMP
# 
_entry.id   1BMP 
# 
_audit_conform.dict_name       mmcif_pdbx.dic 
_audit_conform.dict_version    5.399 
_audit_conform.dict_location   http://mmcif.pdb.org/dictionaries/ascii/mmcif_pdbx.dic 
# 
loop_
_database_2.database_id 
_database_2.database_code 
_database_2.pdbx_database_accession 
_database_2.pdbx_DOI 
PDB   1BMP         pdb_00001bmp 10.2210/pdb1bmp/pdb 
WWPDB D_1000171917 ?            ?                   
# 
loop_
_pdbx_audit_revision_history.ordinal 
_pdbx_audit_revision_history.data_content_type 
_pdbx_audit_revision_history.major_revision 
_pdbx_audit_revision_history.minor_revision 
_pdbx_audit_revision_history.revision_date 
1 'Structure model' 1 0 1997-07-23 
2 'Structure model' 1 1 2008-03-24 
3 'Structure model' 1 2 2011-07-13 
4 'Structure model' 1 3 2024-06-05 
5 'Structure model' 1 4 2024-11-20 
# 
_pdbx_audit_revision_details.ordinal             1 
_pdbx_audit_revision_details.revision_ordinal    1 
_pdbx_audit_revision_details.data_content_type   'Structure model' 
_pdbx_audit_revision_details.provider            repository 
_pdbx_audit_revision_details.type                'Initial release' 
_pdbx_audit_revision_details.description         ? 
_pdbx_audit_revision_details.details             ? 
# 
loop_
_pdbx_audit_revision_group.ordinal 
_pdbx_audit_revision_group.revision_ordinal 
_pdbx_audit_revision_group.data_content_type 
_pdbx_audit_revision_group.group 
1 2 'Structure model' 'Version format compliance' 
2 3 'Structure model' 'Derived calculations'      
3 3 'Structure model' 'Version format compliance' 
4 4 'Structure model' 'Data collection'           
5 4 'Structure model' 'Database references'       
6 4 'Structure model' Other                       
7 5 'Structure model' 'Structure summary'         
# 
loop_
_pdbx_audit_revision_category.ordinal 
_pdbx_audit_revision_category.revision_ordinal 
_pdbx_audit_revision_category.data_content_type 
_pdbx_audit_revision_category.category 
1 4 'Structure model' chem_comp_atom            
2 4 'Structure model' chem_comp_bond            
3 4 'Structure model' database_2                
4 4 'Structure model' pdbx_database_status      
5 5 'Structure model' pdbx_entry_details        
6 5 'Structure model' pdbx_modification_feature 
# 
loop_
_pdbx_audit_revision_item.ordinal 
_pdbx_audit_revision_item.revision_ordinal 
_pdbx_audit_revision_item.data_content_type 
_pdbx_audit_revision_item.item 
1 4 'Structure model' '_database_2.pdbx_DOI'                
2 4 'Structure model' '_database_2.pdbx_database_accession' 
3 4 'Structure model' '_pdbx_database_status.process_site'  
# 
_pdbx_database_status.status_code                     REL 
_pdbx_database_status.entry_id                        1BMP 
_pdbx_database_status.recvd_initial_deposition_date   1995-12-14 
_pdbx_database_status.deposit_site                    ? 
_pdbx_database_status.process_site                    BNL 
_pdbx_database_status.SG_entry                        . 
_pdbx_database_status.pdb_format_compatible           Y 
_pdbx_database_status.status_code_mr                  ? 
_pdbx_database_status.status_code_sf                  ? 
_pdbx_database_status.status_code_cs                  ? 
_pdbx_database_status.status_code_nmr_data            ? 
_pdbx_database_status.methods_development_category    ? 
# 
loop_
_audit_author.name 
_audit_author.pdbx_ordinal 
'Griffith, D.L.' 1 
'Scott, D.L.'    2 
# 
loop_
_citation.id 
_citation.title 
_citation.journal_abbrev 
_citation.journal_volume 
_citation.page_first 
_citation.page_last 
_citation.year 
_citation.journal_id_ASTM 
_citation.country 
_citation.journal_id_ISSN 
_citation.journal_id_CSD 
_citation.book_publisher 
_citation.pdbx_database_id_PubMed 
_citation.pdbx_database_id_DOI 
primary 
;Three-dimensional structure of recombinant human osteogenic protein 1: structural paradigm for the transforming growth factor beta superfamily.
;
Proc.Natl.Acad.Sci.USA 93  878 883 1996 PNASA6 US 0027-8424 0040 ? 8570652 10.1073/pnas.93.2.878 
1       'Crystallization and Preliminary Crystallographic Data of Recombinant Human Osteogenic Protein-1 (Hop-1)' J.Mol.Biol. 244 
657 ?   1994 JMOBAK UK 0022-2836 0070 ? ?       ?                     
# 
loop_
_citation_author.citation_id 
_citation_author.name 
_citation_author.ordinal 
_citation_author.identifier_ORCID 
primary 'Griffith, D.L.' 1  ? 
primary 'Keck, P.C.'     2  ? 
primary 'Sampath, T.K.'  3  ? 
primary 'Rueger, D.C.'   4  ? 
primary 'Carlson, W.D.'  5  ? 
1       'Griffith, D.L.' 6  ? 
1       'Oppermann, H.'  7  ? 
1       'Rueger, D.C.'   8  ? 
1       'Sampath, T.K.'  9  ? 
1       'Tucker, R.F.'   10 ? 
1       'Carlson, W.D.'  11 ? 
# 
_entity.id                         1 
_entity.type                       polymer 
_entity.src_method                 man 
_entity.pdbx_description           'BONE MORPHOGENETIC PROTEIN-7' 
_entity.formula_weight             15699.730 
_entity.pdbx_number_of_molecules   1 
_entity.pdbx_ec                    ? 
_entity.pdbx_mutation              ? 
_entity.pdbx_fragment              ? 
_entity.details                    ? 
# 
_entity_name_com.entity_id   1 
_entity_name_com.name        'OSTEOGENIC PROTEIN-1, HOP-1, BMP-7' 
# 
_entity_poly.entity_id                      1 
_entity_poly.type                           'polypeptide(L)' 
_entity_poly.nstd_linkage                   no 
_entity_poly.nstd_monomer                   no 
_entity_poly.pdbx_seq_one_letter_code       
;STGSKQRSQNRSKTPKNQEALRMANVAENSSSDQRQACKKHELYVSFRDLGWQDWIIAPEGYAAYYCEGECAFPLNSYMN
ATNHAIVQTLVHFINPETVPKPCCAPTQLNAISVLYFDDSSNVILKKYRNMVVRACGCH
;
_entity_poly.pdbx_seq_one_letter_code_can   
;STGSKQRSQNRSKTPKNQEALRMANVAENSSSDQRQACKKHELYVSFRDLGWQDWIIAPEGYAAYYCEGECAFPLNSYMN
ATNHAIVQTLVHFINPETVPKPCCAPTQLNAISVLYFDDSSNVILKKYRNMVVRACGCH
;
_entity_poly.pdbx_strand_id                 A 
_entity_poly.pdbx_target_identifier         ? 
# 
loop_
_entity_poly_seq.entity_id 
_entity_poly_seq.num 
_entity_poly_seq.mon_id 
_entity_poly_seq.hetero 
1 1   SER n 
1 2   THR n 
1 3   GLY n 
1 4   SER n 
1 5   LYS n 
1 6   GLN n 
1 7   ARG n 
1 8   SER n 
1 9   GLN n 
1 10  ASN n 
1 11  ARG n 
1 12  SER n 
1 13  LYS n 
1 14  THR n 
1 15  PRO n 
1 16  LYS n 
1 17  ASN n 
1 18  GLN n 
1 19  GLU n 
1 20  ALA n 
1 21  LEU n 
1 22  ARG n 
1 23  MET n 
1 24  ALA n 
1 25  ASN n 
1 26  VAL n 
1 27  ALA n 
1 28  GLU n 
1 29  ASN n 
1 30  SER n 
1 31  SER n 
1 32  SER n 
1 33  ASP n 
1 34  GLN n 
1 35  ARG n 
1 36  GLN n 
1 37  ALA n 
1 38  CYS n 
1 39  LYS n 
1 40  LYS n 
1 41  HIS n 
1 42  GLU n 
1 43  LEU n 
1 44  TYR n 
1 45  VAL n 
1 46  SER n 
1 47  PHE n 
1 48  ARG n 
1 49  ASP n 
1 50  LEU n 
1 51  GLY n 
1 52  TRP n 
1 53  GLN n 
1 54  ASP n 
1 55  TRP n 
1 56  ILE n 
1 57  ILE n 
1 58  ALA n 
1 59  PRO n 
1 60  GLU n 
1 61  GLY n 
1 62  TYR n 
1 63  ALA n 
1 64  ALA n 
1 65  TYR n 
1 66  TYR n 
1 67  CYS n 
1 68  GLU n 
1 69  GLY n 
1 70  GLU n 
1 71  CYS n 
1 72  ALA n 
1 73  PHE n 
1 74  PRO n 
1 75  LEU n 
1 76  ASN n 
1 77  SER n 
1 78  TYR n 
1 79  MET n 
1 80  ASN n 
1 81  ALA n 
1 82  THR n 
1 83  ASN n 
1 84  HIS n 
1 85  ALA n 
1 86  ILE n 
1 87  VAL n 
1 88  GLN n 
1 89  THR n 
1 90  LEU n 
1 91  VAL n 
1 92  HIS n 
1 93  PHE n 
1 94  ILE n 
1 95  ASN n 
1 96  PRO n 
1 97  GLU n 
1 98  THR n 
1 99  VAL n 
1 100 PRO n 
1 101 LYS n 
1 102 PRO n 
1 103 CYS n 
1 104 CYS n 
1 105 ALA n 
1 106 PRO n 
1 107 THR n 
1 108 GLN n 
1 109 LEU n 
1 110 ASN n 
1 111 ALA n 
1 112 ILE n 
1 113 SER n 
1 114 VAL n 
1 115 LEU n 
1 116 TYR n 
1 117 PHE n 
1 118 ASP n 
1 119 ASP n 
1 120 SER n 
1 121 SER n 
1 122 ASN n 
1 123 VAL n 
1 124 ILE n 
1 125 LEU n 
1 126 LYS n 
1 127 LYS n 
1 128 TYR n 
1 129 ARG n 
1 130 ASN n 
1 131 MET n 
1 132 VAL n 
1 133 VAL n 
1 134 ARG n 
1 135 ALA n 
1 136 CYS n 
1 137 GLY n 
1 138 CYS n 
1 139 HIS n 
# 
_entity_src_gen.entity_id                          1 
_entity_src_gen.pdbx_src_id                        1 
_entity_src_gen.pdbx_alt_source_flag               sample 
_entity_src_gen.pdbx_seq_type                      ? 
_entity_src_gen.pdbx_beg_seq_num                   ? 
_entity_src_gen.pdbx_end_seq_num                   ? 
_entity_src_gen.gene_src_common_name               human 
_entity_src_gen.gene_src_genus                     Homo 
_entity_src_gen.pdbx_gene_src_gene                 'HOP-1 CDNA' 
_entity_src_gen.gene_src_species                   ? 
_entity_src_gen.gene_src_strain                    ? 
_entity_src_gen.gene_src_tissue                    ? 
_entity_src_gen.gene_src_tissue_fraction           ? 
_entity_src_gen.gene_src_details                   ? 
_entity_src_gen.pdbx_gene_src_fragment             ? 
_entity_src_gen.pdbx_gene_src_scientific_name      'Homo sapiens' 
_entity_src_gen.pdbx_gene_src_ncbi_taxonomy_id     9606 
_entity_src_gen.pdbx_gene_src_variant              ? 
_entity_src_gen.pdbx_gene_src_cell_line            ? 
_entity_src_gen.pdbx_gene_src_atcc                 ? 
_entity_src_gen.pdbx_gene_src_organ                OVARY 
_entity_src_gen.pdbx_gene_src_organelle            ? 
_entity_src_gen.pdbx_gene_src_cell                 ? 
_entity_src_gen.pdbx_gene_src_cellular_location    ? 
_entity_src_gen.host_org_common_name               'Chinese hamster' 
_entity_src_gen.pdbx_host_org_scientific_name      'Cricetulus griseus' 
_entity_src_gen.pdbx_host_org_ncbi_taxonomy_id     10029 
_entity_src_gen.host_org_genus                     Cricetulus 
_entity_src_gen.pdbx_host_org_gene                 'HOP-1 CDNA' 
_entity_src_gen.pdbx_host_org_organ                ? 
_entity_src_gen.host_org_species                   ? 
_entity_src_gen.pdbx_host_org_tissue               ? 
_entity_src_gen.pdbx_host_org_tissue_fraction      ? 
_entity_src_gen.pdbx_host_org_strain               ? 
_entity_src_gen.pdbx_host_org_variant              ? 
_entity_src_gen.pdbx_host_org_cell_line            ? 
_entity_src_gen.pdbx_host_org_atcc                 ? 
_entity_src_gen.pdbx_host_org_culture_collection   ? 
_entity_src_gen.pdbx_host_org_cell                 ? 
_entity_src_gen.pdbx_host_org_organelle            ? 
_entity_src_gen.pdbx_host_org_cellular_location    ? 
_entity_src_gen.pdbx_host_org_vector_type          ? 
_entity_src_gen.pdbx_host_org_vector               ? 
_entity_src_gen.host_org_details                   ? 
_entity_src_gen.expression_system_id               ? 
_entity_src_gen.plasmid_name                       ? 
_entity_src_gen.plasmid_details                    ? 
_entity_src_gen.pdbx_description                   'REFERENCE, T.K. SAMPATH, ET AL. (1992) J. BIOL. CHEM. 267, 20452-20362' 
# 
loop_
_chem_comp.id 
_chem_comp.type 
_chem_comp.mon_nstd_flag 
_chem_comp.name 
_chem_comp.pdbx_synonyms 
_chem_comp.formula 
_chem_comp.formula_weight 
ALA 'L-peptide linking' y ALANINE         ? 'C3 H7 N O2'     89.093  
ARG 'L-peptide linking' y ARGININE        ? 'C6 H15 N4 O2 1' 175.209 
ASN 'L-peptide linking' y ASPARAGINE      ? 'C4 H8 N2 O3'    132.118 
ASP 'L-peptide linking' y 'ASPARTIC ACID' ? 'C4 H7 N O4'     133.103 
CYS 'L-peptide linking' y CYSTEINE        ? 'C3 H7 N O2 S'   121.158 
GLN 'L-peptide linking' y GLUTAMINE       ? 'C5 H10 N2 O3'   146.144 
GLU 'L-peptide linking' y 'GLUTAMIC ACID' ? 'C5 H9 N O4'     147.129 
GLY 'peptide linking'   y GLYCINE         ? 'C2 H5 N O2'     75.067  
HIS 'L-peptide linking' y HISTIDINE       ? 'C6 H10 N3 O2 1' 156.162 
ILE 'L-peptide linking' y ISOLEUCINE      ? 'C6 H13 N O2'    131.173 
LEU 'L-peptide linking' y LEUCINE         ? 'C6 H13 N O2'    131.173 
LYS 'L-peptide linking' y LYSINE          ? 'C6 H15 N2 O2 1' 147.195 
MET 'L-peptide linking' y METHIONINE      ? 'C5 H11 N O2 S'  149.211 
PHE 'L-peptide linking' y PHENYLALANINE   ? 'C9 H11 N O2'    165.189 
PRO 'L-peptide linking' y PROLINE         ? 'C5 H9 N O2'     115.130 
SER 'L-peptide linking' y SERINE          ? 'C3 H7 N O3'     105.093 
THR 'L-peptide linking' y THREONINE       ? 'C4 H9 N O3'     119.119 
TRP 'L-peptide linking' y TRYPTOPHAN      ? 'C11 H12 N2 O2'  204.225 
TYR 'L-peptide linking' y TYROSINE        ? 'C9 H11 N O3'    181.189 
VAL 'L-peptide linking' y VALINE          ? 'C5 H11 N O2'    117.146 
# 
loop_
_pdbx_poly_seq_scheme.asym_id 
_pdbx_poly_seq_scheme.entity_id 
_pdbx_poly_seq_scheme.seq_id 
_pdbx_poly_seq_scheme.mon_id 
_pdbx_poly_seq_scheme.ndb_seq_num 
_pdbx_poly_seq_scheme.pdb_seq_num 
_pdbx_poly_seq_scheme.auth_seq_num 
_pdbx_poly_seq_scheme.pdb_mon_id 
_pdbx_poly_seq_scheme.auth_mon_id 
_pdbx_poly_seq_scheme.pdb_strand_id 
_pdbx_poly_seq_scheme.pdb_ins_code 
_pdbx_poly_seq_scheme.hetero 
A 1 1   SER 1   1   ?   ?   ?   A . n 
A 1 2   THR 2   2   ?   ?   ?   A . n 
A 1 3   GLY 3   3   ?   ?   ?   A . n 
A 1 4   SER 4   4   ?   ?   ?   A . n 
A 1 5   LYS 5   5   ?   ?   ?   A . n 
A 1 6   GLN 6   6   ?   ?   ?   A . n 
A 1 7   ARG 7   7   ?   ?   ?   A . n 
A 1 8   SER 8   8   ?   ?   ?   A . n 
A 1 9   GLN 9   9   ?   ?   ?   A . n 
A 1 10  ASN 10  10  ?   ?   ?   A . n 
A 1 11  ARG 11  11  ?   ?   ?   A . n 
A 1 12  SER 12  12  ?   ?   ?   A . n 
A 1 13  LYS 13  13  ?   ?   ?   A . n 
A 1 14  THR 14  14  ?   ?   ?   A . n 
A 1 15  PRO 15  15  ?   ?   ?   A . n 
A 1 16  LYS 16  16  ?   ?   ?   A . n 
A 1 17  ASN 17  17  ?   ?   ?   A . n 
A 1 18  GLN 18  18  ?   ?   ?   A . n 
A 1 19  GLU 19  19  ?   ?   ?   A . n 
A 1 20  ALA 20  20  ?   ?   ?   A . n 
A 1 21  LEU 21  21  ?   ?   ?   A . n 
A 1 22  ARG 22  22  ?   ?   ?   A . n 
A 1 23  MET 23  23  ?   ?   ?   A . n 
A 1 24  ALA 24  24  ?   ?   ?   A . n 
A 1 25  ASN 25  25  ?   ?   ?   A . n 
A 1 26  VAL 26  26  ?   ?   ?   A . n 
A 1 27  ALA 27  27  ?   ?   ?   A . n 
A 1 28  GLU 28  28  ?   ?   ?   A . n 
A 1 29  ASN 29  29  ?   ?   ?   A . n 
A 1 30  SER 30  30  ?   ?   ?   A . n 
A 1 31  SER 31  31  ?   ?   ?   A . n 
A 1 32  SER 32  32  ?   ?   ?   A . n 
A 1 33  ASP 33  33  ?   ?   ?   A . n 
A 1 34  GLN 34  34  ?   ?   ?   A . n 
A 1 35  ARG 35  35  ?   ?   ?   A . n 
A 1 36  GLN 36  36  36  GLN GLN A . n 
A 1 37  ALA 37  37  37  ALA ALA A . n 
A 1 38  CYS 38  38  38  CYS CYS A . n 
A 1 39  LYS 39  39  39  LYS LYS A . n 
A 1 40  LYS 40  40  40  LYS LYS A . n 
A 1 41  HIS 41  41  41  HIS HIS A . n 
A 1 42  GLU 42  42  42  GLU GLU A . n 
A 1 43  LEU 43  43  43  LEU LEU A . n 
A 1 44  TYR 44  44  44  TYR TYR A . n 
A 1 45  VAL 45  45  45  VAL VAL A . n 
A 1 46  SER 46  46  46  SER SER A . n 
A 1 47  PHE 47  47  47  PHE PHE A . n 
A 1 48  ARG 48  48  48  ARG ARG A . n 
A 1 49  ASP 49  49  49  ASP ASP A . n 
A 1 50  LEU 50  50  50  LEU LEU A . n 
A 1 51  GLY 51  51  51  GLY GLY A . n 
A 1 52  TRP 52  52  52  TRP TRP A . n 
A 1 53  GLN 53  53  53  GLN GLN A . n 
A 1 54  ASP 54  54  54  ASP ASP A . n 
A 1 55  TRP 55  55  55  TRP TRP A . n 
A 1 56  ILE 56  56  56  ILE ILE A . n 
A 1 57  ILE 57  57  57  ILE ILE A . n 
A 1 58  ALA 58  58  58  ALA ALA A . n 
A 1 59  PRO 59  59  59  PRO PRO A . n 
A 1 60  GLU 60  60  60  GLU GLU A . n 
A 1 61  GLY 61  61  61  GLY GLY A . n 
A 1 62  TYR 62  62  62  TYR TYR A . n 
A 1 63  ALA 63  63  63  ALA ALA A . n 
A 1 64  ALA 64  64  64  ALA ALA A . n 
A 1 65  TYR 65  65  65  TYR TYR A . n 
A 1 66  TYR 66  66  66  TYR TYR A . n 
A 1 67  CYS 67  67  67  CYS CYS A . n 
A 1 68  GLU 68  68  68  GLU GLU A . n 
A 1 69  GLY 69  69  69  GLY GLY A . n 
A 1 70  GLU 70  70  70  GLU GLU A . n 
A 1 71  CYS 71  71  71  CYS CYS A . n 
A 1 72  ALA 72  72  72  ALA ALA A . n 
A 1 73  PHE 73  73  73  PHE PHE A . n 
A 1 74  PRO 74  74  74  PRO PRO A . n 
A 1 75  LEU 75  75  75  LEU LEU A . n 
A 1 76  ASN 76  76  76  ASN ASN A . n 
A 1 77  SER 77  77  77  SER SER A . n 
A 1 78  TYR 78  78  78  TYR TYR A . n 
A 1 79  MET 79  79  79  MET MET A . n 
A 1 80  ASN 80  80  80  ASN ASN A . n 
A 1 81  ALA 81  81  81  ALA ALA A . n 
A 1 82  THR 82  82  82  THR THR A . n 
A 1 83  ASN 83  83  83  ASN ASN A . n 
A 1 84  HIS 84  84  84  HIS HIS A . n 
A 1 85  ALA 85  85  85  ALA ALA A . n 
A 1 86  ILE 86  86  86  ILE ILE A . n 
A 1 87  VAL 87  87  87  VAL VAL A . n 
A 1 88  GLN 88  88  88  GLN GLN A . n 
A 1 89  THR 89  89  89  THR THR A . n 
A 1 90  LEU 90  90  90  LEU LEU A . n 
A 1 91  VAL 91  91  91  VAL VAL A . n 
A 1 92  HIS 92  92  92  HIS HIS A . n 
A 1 93  PHE 93  93  93  PHE PHE A . n 
A 1 94  ILE 94  94  94  ILE ILE A . n 
A 1 95  ASN 95  95  95  ASN ASN A . n 
A 1 96  PRO 96  96  96  PRO PRO A . n 
A 1 97  GLU 97  97  97  GLU GLU A . n 
A 1 98  THR 98  98  98  THR THR A . n 
A 1 99  VAL 99  99  99  VAL VAL A . n 
A 1 100 PRO 100 100 100 PRO PRO A . n 
A 1 101 LYS 101 101 101 LYS LYS A . n 
A 1 102 PRO 102 102 102 PRO PRO A . n 
A 1 103 CYS 103 103 103 CYS CYS A . n 
A 1 104 CYS 104 104 104 CYS CYS A . n 
A 1 105 ALA 105 105 105 ALA ALA A . n 
A 1 106 PRO 106 106 106 PRO PRO A . n 
A 1 107 THR 107 107 107 THR THR A . n 
A 1 108 GLN 108 108 108 GLN GLN A . n 
A 1 109 LEU 109 109 109 LEU LEU A . n 
A 1 110 ASN 110 110 110 ASN ASN A . n 
A 1 111 ALA 111 111 111 ALA ALA A . n 
A 1 112 ILE 112 112 112 ILE ILE A . n 
A 1 113 SER 113 113 113 SER SER A . n 
A 1 114 VAL 114 114 114 VAL VAL A . n 
A 1 115 LEU 115 115 115 LEU LEU A . n 
A 1 116 TYR 116 116 116 TYR TYR A . n 
A 1 117 PHE 117 117 117 PHE PHE A . n 
A 1 118 ASP 118 118 118 ASP ASP A . n 
A 1 119 ASP 119 119 119 ASP ASP A . n 
A 1 120 SER 120 120 120 SER SER A . n 
A 1 121 SER 121 121 121 SER SER A . n 
A 1 122 ASN 122 122 122 ASN ASN A . n 
A 1 123 VAL 123 123 123 VAL VAL A . n 
A 1 124 ILE 124 124 124 ILE ILE A . n 
A 1 125 LEU 125 125 125 LEU LEU A . n 
A 1 126 LYS 126 126 126 LYS LYS A . n 
A 1 127 LYS 127 127 127 LYS LYS A . n 
A 1 128 TYR 128 128 128 TYR TYR A . n 
A 1 129 ARG 129 129 129 ARG ARG A . n 
A 1 130 ASN 130 130 130 ASN ASN A . n 
A 1 131 MET 131 131 131 MET MET A . n 
A 1 132 VAL 132 132 132 VAL VAL A . n 
A 1 133 VAL 133 133 133 VAL VAL A . n 
A 1 134 ARG 134 134 134 ARG ARG A . n 
A 1 135 ALA 135 135 135 ALA ALA A . n 
A 1 136 CYS 136 136 136 CYS CYS A . n 
A 1 137 GLY 137 137 137 GLY GLY A . n 
A 1 138 CYS 138 138 138 CYS CYS A . n 
A 1 139 HIS 139 139 139 HIS HIS A . n 
# 
loop_
_software.name 
_software.classification 
_software.version 
_software.citation_id 
_software.pdbx_ordinal 
R-AXIS 'data collection' SOFTWARE ? 1 
R-AXIS 'data reduction'  SOFTWARE ? 2 
X-PLOR 'model building'  .        ? 3 
PROFFT refinement        .        ? 4 
X-PLOR refinement        .        ? 5 
R-AXIS 'data scaling'    .        ? 6 
X-PLOR phasing           .        ? 7 
# 
_cell.entry_id           1BMP 
_cell.length_a           99.460 
_cell.length_b           99.460 
_cell.length_c           42.090 
_cell.angle_alpha        90.00 
_cell.angle_beta         90.00 
_cell.angle_gamma        120.00 
_cell.Z_PDB              6 
_cell.pdbx_unique_axis   ? 
# 
_symmetry.entry_id                         1BMP 
_symmetry.space_group_name_H-M             'P 32 2 1' 
_symmetry.pdbx_full_space_group_name_H-M   ? 
_symmetry.cell_setting                     ? 
_symmetry.Int_Tables_number                154 
# 
_exptl.entry_id          1BMP 
_exptl.method            'X-RAY DIFFRACTION' 
_exptl.crystals_number   ? 
# 
_exptl_crystal.id                    1 
_exptl_crystal.density_meas          ? 
_exptl_crystal.density_Matthews      3.83 
_exptl_crystal.density_percent_sol   60. 
_exptl_crystal.description           ? 
# 
_diffrn.id                     1 
_diffrn.ambient_temp           ? 
_diffrn.ambient_temp_details   ? 
_diffrn.crystal_id             1 
# 
_diffrn_detector.diffrn_id              1 
_diffrn_detector.detector               'IMAGE PLATE' 
_diffrn_detector.type                   RIGAKU 
_diffrn_detector.pdbx_collection_date   1993-11-30 
_diffrn_detector.details                ? 
# 
_diffrn_radiation.diffrn_id                        1 
_diffrn_radiation.wavelength_id                    1 
_diffrn_radiation.pdbx_monochromatic_or_laue_m_l   M 
_diffrn_radiation.monochromator                    ? 
_diffrn_radiation.pdbx_diffrn_protocol             ? 
_diffrn_radiation.pdbx_scattering_type             x-ray 
# 
_diffrn_radiation_wavelength.id           1 
_diffrn_radiation_wavelength.wavelength   1.5418 
_diffrn_radiation_wavelength.wt           1.0 
# 
_diffrn_source.diffrn_id                   1 
_diffrn_source.source                      ? 
_diffrn_source.type                        ? 
_diffrn_source.pdbx_synchrotron_site       ? 
_diffrn_source.pdbx_synchrotron_beamline   ? 
_diffrn_source.pdbx_wavelength             1.5418 
_diffrn_source.pdbx_wavelength_list        ? 
# 
_reflns.entry_id                     1BMP 
_reflns.observed_criterion_sigma_I   2. 
_reflns.observed_criterion_sigma_F   ? 
_reflns.d_resolution_low             ? 
_reflns.d_resolution_high            ? 
_reflns.number_obs                   5502 
_reflns.number_all                   ? 
_reflns.percent_possible_obs         87. 
_reflns.pdbx_Rmerge_I_obs            0.067 
_reflns.pdbx_Rsym_value              ? 
_reflns.pdbx_netI_over_sigmaI        ? 
_reflns.B_iso_Wilson_estimate        ? 
_reflns.pdbx_redundancy              2.6 
_reflns.pdbx_ordinal                 1 
_reflns.pdbx_diffrn_id               1 
# 
_refine.entry_id                                 1BMP 
_refine.ls_number_reflns_obs                     5418 
_refine.ls_number_reflns_all                     ? 
_refine.pdbx_ls_sigma_I                          ? 
_refine.pdbx_ls_sigma_F                          2.0 
_refine.pdbx_data_cutoff_high_absF               ? 
_refine.pdbx_data_cutoff_low_absF                ? 
_refine.pdbx_data_cutoff_high_rms_absF           ? 
_refine.ls_d_res_low                             10. 
_refine.ls_d_res_high                            2.8 
_refine.ls_percent_reflns_obs                    ? 
_refine.ls_R_factor_obs                          ? 
_refine.ls_R_factor_all                          ? 
_refine.ls_R_factor_R_work                       0.227 
_refine.ls_R_factor_R_free                       0.308 
_refine.ls_R_factor_R_free_error                 ? 
_refine.ls_R_factor_R_free_error_details         ? 
_refine.ls_percent_reflns_R_free                 ? 
_refine.ls_number_reflns_R_free                  ? 
_refine.ls_number_parameters                     ? 
_refine.ls_number_restraints                     ? 
_refine.occupancy_min                            ? 
_refine.occupancy_max                            ? 
_refine.B_iso_mean                               28.48 
_refine.aniso_B[1][1]                            ? 
_refine.aniso_B[2][2]                            ? 
_refine.aniso_B[3][3]                            ? 
_refine.aniso_B[1][2]                            ? 
_refine.aniso_B[1][3]                            ? 
_refine.aniso_B[2][3]                            ? 
_refine.solvent_model_details                    ? 
_refine.solvent_model_param_ksol                 ? 
_refine.solvent_model_param_bsol                 ? 
_refine.pdbx_ls_cross_valid_method               ? 
_refine.details                                  
;LOOP REGION (RESIDUES 118 - 122) IS DISORDERED AND MODELED
STEREOCHEMICALLY.

NOTE THAT RESIDUE 59 IS DESCRIBED AS TRANS IN THE PAPER
CITED ON JRNL RECORDS ABOVE BUT THE CURRENT MODEL
PRESENTED IN THIS ENTRY HAS RESIDUE 59 AS CIS.
;
_refine.pdbx_starting_model                      ? 
_refine.pdbx_method_to_determine_struct          ? 
_refine.pdbx_isotropic_thermal_model             ? 
_refine.pdbx_stereochemistry_target_values       ? 
_refine.pdbx_stereochem_target_val_spec_case     ? 
_refine.pdbx_R_Free_selection_details            ? 
_refine.pdbx_overall_ESU_R                       ? 
_refine.pdbx_overall_ESU_R_Free                  ? 
_refine.overall_SU_ML                            ? 
_refine.overall_SU_B                             ? 
_refine.pdbx_refine_id                           'X-RAY DIFFRACTION' 
_refine.pdbx_diffrn_id                           1 
_refine.pdbx_TLS_residual_ADP_flag               ? 
_refine.correlation_coeff_Fo_to_Fc               ? 
_refine.correlation_coeff_Fo_to_Fc_free          ? 
_refine.pdbx_solvent_vdw_probe_radii             ? 
_refine.pdbx_solvent_ion_probe_radii             ? 
_refine.pdbx_solvent_shrinkage_radii             ? 
_refine.pdbx_overall_phase_error                 ? 
_refine.overall_SU_R_Cruickshank_DPI             ? 
_refine.pdbx_overall_SU_R_free_Cruickshank_DPI   ? 
_refine.pdbx_overall_SU_R_Blow_DPI               ? 
_refine.pdbx_overall_SU_R_free_Blow_DPI          ? 
# 
_refine_analyze.entry_id                        1BMP 
_refine_analyze.Luzzati_coordinate_error_obs    0.25 
_refine_analyze.Luzzati_sigma_a_obs             ? 
_refine_analyze.Luzzati_d_res_low_obs           ? 
_refine_analyze.Luzzati_coordinate_error_free   ? 
_refine_analyze.Luzzati_sigma_a_free            ? 
_refine_analyze.Luzzati_d_res_low_free          ? 
_refine_analyze.number_disordered_residues      ? 
_refine_analyze.occupancy_sum_hydrogen          ? 
_refine_analyze.occupancy_sum_non_hydrogen      ? 
_refine_analyze.pdbx_refine_id                  'X-RAY DIFFRACTION' 
# 
_refine_hist.pdbx_refine_id                   'X-RAY DIFFRACTION' 
_refine_hist.cycle_id                         LAST 
_refine_hist.pdbx_number_atoms_protein        828 
_refine_hist.pdbx_number_atoms_nucleic_acid   0 
_refine_hist.pdbx_number_atoms_ligand         0 
_refine_hist.number_atoms_solvent             0 
_refine_hist.number_atoms_total               828 
_refine_hist.d_res_high                       2.8 
_refine_hist.d_res_low                        10. 
# 
loop_
_refine_ls_restr.type 
_refine_ls_restr.dev_ideal 
_refine_ls_restr.dev_ideal_target 
_refine_ls_restr.weight 
_refine_ls_restr.number 
_refine_ls_restr.pdbx_refine_id 
_refine_ls_restr.pdbx_restraint_function 
p_bond_d            0.008 0.030 ? ? 'X-RAY DIFFRACTION' ? 
p_angle_d           0.025 0.050 ? ? 'X-RAY DIFFRACTION' ? 
p_angle_deg         ?     ?     ? ? 'X-RAY DIFFRACTION' ? 
p_planar_d          0.138 0.100 ? ? 'X-RAY DIFFRACTION' ? 
p_hb_or_metal_coord ?     ?     ? ? 'X-RAY DIFFRACTION' ? 
p_mcbond_it         ?     ?     ? ? 'X-RAY DIFFRACTION' ? 
p_mcangle_it        ?     ?     ? ? 'X-RAY DIFFRACTION' ? 
p_scbond_it         ?     ?     ? ? 'X-RAY DIFFRACTION' ? 
p_scangle_it        ?     ?     ? ? 'X-RAY DIFFRACTION' ? 
p_plane_restr       0.045 0.100 ? ? 'X-RAY DIFFRACTION' ? 
p_chiral_restr      0.211 1.00  ? ? 'X-RAY DIFFRACTION' ? 
p_singtor_nbd       0.185 1.0   ? ? 'X-RAY DIFFRACTION' ? 
p_multtor_nbd       0.250 1.0   ? ? 'X-RAY DIFFRACTION' ? 
p_xhyhbond_nbd      ?     ?     ? ? 'X-RAY DIFFRACTION' ? 
p_xyhbond_nbd       0.194 1.0   ? ? 'X-RAY DIFFRACTION' ? 
p_planar_tor        23.2  30.   ? ? 'X-RAY DIFFRACTION' ? 
p_staggered_tor     25.9  50.0  ? ? 'X-RAY DIFFRACTION' ? 
p_orthonormal_tor   ?     ?     ? ? 'X-RAY DIFFRACTION' ? 
p_transverse_tor    35.1  50.0  ? ? 'X-RAY DIFFRACTION' ? 
p_special_tor       ?     ?     ? ? 'X-RAY DIFFRACTION' ? 
# 
_struct.entry_id                  1BMP 
_struct.title                     'BONE MORPHOGENETIC PROTEIN-7' 
_struct.pdbx_model_details        ? 
_struct.pdbx_CASP_flag            ? 
_struct.pdbx_model_type_details   ? 
# 
_struct_keywords.entry_id        1BMP 
_struct_keywords.pdbx_keywords   'TRANSFORMING GROWTH FACTOR' 
_struct_keywords.text            'MORPHOGEN, TRANSFORMING GROWTH FACTOR, CYTOKINE, BONE, CARTILAGE, GLYCOPROTEIN' 
# 
_struct_asym.id                            A 
_struct_asym.pdbx_blank_PDB_chainid_flag   N 
_struct_asym.pdbx_modified                 N 
_struct_asym.entity_id                     1 
_struct_asym.details                       ? 
# 
_struct_ref.id                         1 
_struct_ref.db_name                    UNP 
_struct_ref.db_code                    BMP7_HUMAN 
_struct_ref.entity_id                  1 
_struct_ref.pdbx_db_accession          P18075 
_struct_ref.pdbx_align_begin           1 
_struct_ref.pdbx_seq_one_letter_code   
;MHVRSLRAAAPHSFVALWAPLFLLRSALADFSLDNEVHSSFIHRRLRSQERREMQREILSILGLPHRPRPHLQGKHNSAP
MFMLDLYNAMAVEEGGGPGGQGFSYPYKAVFSTQGPPLASLQDSHFLTDADMVMSFVNLVEHDKEFFHPRYHHREFRFDL
SKIPEGEAVTAAEFRIYKDYIRERFDNETFRISVYQVLQEHLGRESDLFLLDSRTLWASEEGWLVFDITATSNHWVVNPR
HNLGLQLSVETLDGQSINPKLAGLIGRHGPQNKQPFMVAFFKATEVHFRSIRSTGSKQRSQNRSKTPKNQEALRMANVAE
NSSSDQRQACKKHELYVSFRDLGWQDWIIAPEGYAAYYCEGECAFPLNSYMNATNHAIVQTLVHFINPETVPKPCCAPTQ
LNAISVLYFDDSSNVILKKYRNMVVRACGCH
;
_struct_ref.pdbx_db_isoform            ? 
# 
_struct_ref_seq.align_id                      1 
_struct_ref_seq.ref_id                        1 
_struct_ref_seq.pdbx_PDB_id_code              1BMP 
_struct_ref_seq.pdbx_strand_id                A 
_struct_ref_seq.seq_align_beg                 1 
_struct_ref_seq.pdbx_seq_align_beg_ins_code   ? 
_struct_ref_seq.seq_align_end                 139 
_struct_ref_seq.pdbx_seq_align_end_ins_code   ? 
_struct_ref_seq.pdbx_db_accession             P18075 
_struct_ref_seq.db_align_beg                  293 
_struct_ref_seq.pdbx_db_align_beg_ins_code    ? 
_struct_ref_seq.db_align_end                  431 
_struct_ref_seq.pdbx_db_align_end_ins_code    ? 
_struct_ref_seq.pdbx_auth_seq_align_beg       1 
_struct_ref_seq.pdbx_auth_seq_align_end       139 
# 
_pdbx_struct_assembly.id                   1 
_pdbx_struct_assembly.details              author_and_software_defined_assembly 
_pdbx_struct_assembly.method_details       PISA,PQS 
_pdbx_struct_assembly.oligomeric_details   dimeric 
_pdbx_struct_assembly.oligomeric_count     2 
# 
loop_
_pdbx_struct_assembly_prop.biol_id 
_pdbx_struct_assembly_prop.type 
_pdbx_struct_assembly_prop.value 
_pdbx_struct_assembly_prop.details 
1 'ABSA (A^2)' 2370  ? 
1 MORE         -26   ? 
1 'SSA (A^2)'  11690 ? 
# 
_pdbx_struct_assembly_gen.assembly_id       1 
_pdbx_struct_assembly_gen.oper_expression   1,2 
_pdbx_struct_assembly_gen.asym_id_list      A 
# 
loop_
_pdbx_struct_oper_list.id 
_pdbx_struct_oper_list.type 
_pdbx_struct_oper_list.name 
_pdbx_struct_oper_list.symmetry_operation 
_pdbx_struct_oper_list.matrix[1][1] 
_pdbx_struct_oper_list.matrix[1][2] 
_pdbx_struct_oper_list.matrix[1][3] 
_pdbx_struct_oper_list.vector[1] 
_pdbx_struct_oper_list.matrix[2][1] 
_pdbx_struct_oper_list.matrix[2][2] 
_pdbx_struct_oper_list.matrix[2][3] 
_pdbx_struct_oper_list.vector[2] 
_pdbx_struct_oper_list.matrix[3][1] 
_pdbx_struct_oper_list.matrix[3][2] 
_pdbx_struct_oper_list.matrix[3][3] 
_pdbx_struct_oper_list.vector[3] 
1 'identity operation'         1_555 x,y,z  1.0000000000  0.0000000000  0.0000000000  0.0000000000  0.0000000000  1.0000000000  0.0000000000 0.0000000000  0.0000000000  0.0000000000 1.0000000000  0.0000000000  
2 'crystal symmetry operation' 4_555 y,x,-z -0.2680158070 -0.7520809264 -0.6021144471 10.7452427714 -0.7520809264 -0.2272705815 0.6186455875 -0.4960886844 -0.6021144471 0.6186455875 -0.5047136115 13.6825261960 
# 
_struct_biol.id   1 
# 
_struct_conf.conf_type_id            HELX_P 
_struct_conf.id                      HELX_P1 
_struct_conf.pdbx_PDB_helix_id       1 
_struct_conf.beg_label_comp_id       HIS 
_struct_conf.beg_label_asym_id       A 
_struct_conf.beg_label_seq_id        84 
_struct_conf.pdbx_beg_PDB_ins_code   ? 
_struct_conf.end_label_comp_id       PHE 
_struct_conf.end_label_asym_id       A 
_struct_conf.end_label_seq_id        93 
_struct_conf.pdbx_end_PDB_ins_code   ? 
_struct_conf.beg_auth_comp_id        HIS 
_struct_conf.beg_auth_asym_id        A 
_struct_conf.beg_auth_seq_id         84 
_struct_conf.end_auth_comp_id        PHE 
_struct_conf.end_auth_asym_id        A 
_struct_conf.end_auth_seq_id         93 
_struct_conf.pdbx_PDB_helix_class    1 
_struct_conf.details                 ? 
_struct_conf.pdbx_PDB_helix_length   10 
# 
_struct_conf_type.id          HELX_P 
_struct_conf_type.criteria    ? 
_struct_conf_type.reference   ? 
# 
loop_
_struct_conn.id 
_struct_conn.conn_type_id 
_struct_conn.pdbx_leaving_atom_flag 
_struct_conn.pdbx_PDB_id 
_struct_conn.ptnr1_label_asym_id 
_struct_conn.ptnr1_label_comp_id 
_struct_conn.ptnr1_label_seq_id 
_struct_conn.ptnr1_label_atom_id 
_struct_conn.pdbx_ptnr1_label_alt_id 
_struct_conn.pdbx_ptnr1_PDB_ins_code 
_struct_conn.pdbx_ptnr1_standard_comp_id 
_struct_conn.ptnr1_symmetry 
_struct_conn.ptnr2_label_asym_id 
_struct_conn.ptnr2_label_comp_id 
_struct_conn.ptnr2_label_seq_id 
_struct_conn.ptnr2_label_atom_id 
_struct_conn.pdbx_ptnr2_label_alt_id 
_struct_conn.pdbx_ptnr2_PDB_ins_code 
_struct_conn.ptnr1_auth_asym_id 
_struct_conn.ptnr1_auth_comp_id 
_struct_conn.ptnr1_auth_seq_id 
_struct_conn.ptnr2_auth_asym_id 
_struct_conn.ptnr2_auth_comp_id 
_struct_conn.ptnr2_auth_seq_id 
_struct_conn.ptnr2_symmetry 
_struct_conn.pdbx_ptnr3_label_atom_id 
_struct_conn.pdbx_ptnr3_label_seq_id 
_struct_conn.pdbx_ptnr3_label_comp_id 
_struct_conn.pdbx_ptnr3_label_asym_id 
_struct_conn.pdbx_ptnr3_label_alt_id 
_struct_conn.pdbx_ptnr3_PDB_ins_code 
_struct_conn.details 
_struct_conn.pdbx_dist_value 
_struct_conn.pdbx_value_order 
_struct_conn.pdbx_role 
disulf1 disulf ? ? A CYS 38  SG ? ? ? 1_555 A CYS 104 SG ? ? A CYS 38  A CYS 104 1_555 ? ? ? ? ? ? ? 2.022 ? ? 
disulf2 disulf ? ? A CYS 67  SG ? ? ? 1_555 A CYS 136 SG ? ? A CYS 67  A CYS 136 1_555 ? ? ? ? ? ? ? 2.054 ? ? 
disulf3 disulf ? ? A CYS 71  SG ? ? ? 1_555 A CYS 138 SG ? ? A CYS 71  A CYS 138 1_555 ? ? ? ? ? ? ? 2.014 ? ? 
disulf4 disulf ? ? A CYS 103 SG ? ? ? 1_555 A CYS 103 SG ? ? A CYS 103 A CYS 103 4_555 ? ? ? ? ? ? ? 1.948 ? ? 
# 
_struct_conn_type.id          disulf 
_struct_conn_type.criteria    ? 
_struct_conn_type.reference   ? 
# 
loop_
_pdbx_modification_feature.ordinal 
_pdbx_modification_feature.label_comp_id 
_pdbx_modification_feature.label_asym_id 
_pdbx_modification_feature.label_seq_id 
_pdbx_modification_feature.label_alt_id 
_pdbx_modification_feature.modified_residue_label_comp_id 
_pdbx_modification_feature.modified_residue_label_asym_id 
_pdbx_modification_feature.modified_residue_label_seq_id 
_pdbx_modification_feature.modified_residue_label_alt_id 
_pdbx_modification_feature.auth_comp_id 
_pdbx_modification_feature.auth_asym_id 
_pdbx_modification_feature.auth_seq_id 
_pdbx_modification_feature.PDB_ins_code 
_pdbx_modification_feature.symmetry 
_pdbx_modification_feature.modified_residue_auth_comp_id 
_pdbx_modification_feature.modified_residue_auth_asym_id 
_pdbx_modification_feature.modified_residue_auth_seq_id 
_pdbx_modification_feature.modified_residue_PDB_ins_code 
_pdbx_modification_feature.modified_residue_symmetry 
_pdbx_modification_feature.comp_id_linking_atom 
_pdbx_modification_feature.modified_residue_id_linking_atom 
_pdbx_modification_feature.modified_residue_id 
_pdbx_modification_feature.ref_pcm_id 
_pdbx_modification_feature.ref_comp_id 
_pdbx_modification_feature.type 
_pdbx_modification_feature.category 
1 CYS A 38  ? CYS A 104 ? CYS A 38  ? 1_555 CYS A 104 ? 1_555 SG SG . . . None 'Disulfide bridge' 
2 CYS A 67  ? CYS A 136 ? CYS A 67  ? 1_555 CYS A 136 ? 1_555 SG SG . . . None 'Disulfide bridge' 
3 CYS A 71  ? CYS A 138 ? CYS A 71  ? 1_555 CYS A 138 ? 1_555 SG SG . . . None 'Disulfide bridge' 
4 CYS A 103 ? CYS A 103 ? CYS A 103 ? 1_555 CYS A 103 ? 4_555 SG SG . . . None 'Disulfide bridge' 
# 
loop_
_struct_mon_prot_cis.pdbx_id 
_struct_mon_prot_cis.label_comp_id 
_struct_mon_prot_cis.label_seq_id 
_struct_mon_prot_cis.label_asym_id 
_struct_mon_prot_cis.label_alt_id 
_struct_mon_prot_cis.pdbx_PDB_ins_code 
_struct_mon_prot_cis.auth_comp_id 
_struct_mon_prot_cis.auth_seq_id 
_struct_mon_prot_cis.auth_asym_id 
_struct_mon_prot_cis.pdbx_label_comp_id_2 
_struct_mon_prot_cis.pdbx_label_seq_id_2 
_struct_mon_prot_cis.pdbx_label_asym_id_2 
_struct_mon_prot_cis.pdbx_PDB_ins_code_2 
_struct_mon_prot_cis.pdbx_auth_comp_id_2 
_struct_mon_prot_cis.pdbx_auth_seq_id_2 
_struct_mon_prot_cis.pdbx_auth_asym_id_2 
_struct_mon_prot_cis.pdbx_PDB_model_num 
_struct_mon_prot_cis.pdbx_omega_angle 
1 ALA 58 A . ? ALA 58 A PRO 59 A ? PRO 59 A 1 -27.14 
2 PHE 73 A . ? PHE 73 A PRO 74 A ? PRO 74 A 1 20.83  
# 
loop_
_struct_sheet.id 
_struct_sheet.type 
_struct_sheet.number_strands 
_struct_sheet.details 
A ? 2 ? 
B ? 2 ? 
C ? 2 ? 
D ? 2 ? 
# 
loop_
_struct_sheet_order.sheet_id 
_struct_sheet_order.range_id_1 
_struct_sheet_order.range_id_2 
_struct_sheet_order.offset 
_struct_sheet_order.sense 
A 1 2 ? anti-parallel 
B 1 2 ? anti-parallel 
C 1 2 ? anti-parallel 
D 1 2 ? anti-parallel 
# 
loop_
_struct_sheet_range.sheet_id 
_struct_sheet_range.id 
_struct_sheet_range.beg_label_comp_id 
_struct_sheet_range.beg_label_asym_id 
_struct_sheet_range.beg_label_seq_id 
_struct_sheet_range.pdbx_beg_PDB_ins_code 
_struct_sheet_range.end_label_comp_id 
_struct_sheet_range.end_label_asym_id 
_struct_sheet_range.end_label_seq_id 
_struct_sheet_range.pdbx_end_PDB_ins_code 
_struct_sheet_range.beg_auth_comp_id 
_struct_sheet_range.beg_auth_asym_id 
_struct_sheet_range.beg_auth_seq_id 
_struct_sheet_range.end_auth_comp_id 
_struct_sheet_range.end_auth_asym_id 
_struct_sheet_range.end_auth_seq_id 
A 1 LYS A 39  ? HIS A 41  ? LYS A 39  HIS A 41  
A 2 TYR A 66  ? GLU A 68  ? TYR A 66  GLU A 68  
B 1 TYR A 44  ? SER A 46  ? TYR A 44  SER A 46  
B 2 GLY A 61  ? ALA A 63  ? GLY A 61  ALA A 63  
C 1 ILE A 112 ? PHE A 117 ? ILE A 112 PHE A 117 
C 2 VAL A 123 ? TYR A 128 ? VAL A 123 TYR A 128 
D 1 CYS A 103 ? GLN A 108 ? CYS A 103 GLN A 108 
D 2 ALA A 135 ? HIS A 139 ? ALA A 135 HIS A 139 
# 
loop_
_pdbx_struct_sheet_hbond.sheet_id 
_pdbx_struct_sheet_hbond.range_id_1 
_pdbx_struct_sheet_hbond.range_id_2 
_pdbx_struct_sheet_hbond.range_1_label_atom_id 
_pdbx_struct_sheet_hbond.range_1_label_comp_id 
_pdbx_struct_sheet_hbond.range_1_label_asym_id 
_pdbx_struct_sheet_hbond.range_1_label_seq_id 
_pdbx_struct_sheet_hbond.range_1_PDB_ins_code 
_pdbx_struct_sheet_hbond.range_1_auth_atom_id 
_pdbx_struct_sheet_hbond.range_1_auth_comp_id 
_pdbx_struct_sheet_hbond.range_1_auth_asym_id 
_pdbx_struct_sheet_hbond.range_1_auth_seq_id 
_pdbx_struct_sheet_hbond.range_2_label_atom_id 
_pdbx_struct_sheet_hbond.range_2_label_comp_id 
_pdbx_struct_sheet_hbond.range_2_label_asym_id 
_pdbx_struct_sheet_hbond.range_2_label_seq_id 
_pdbx_struct_sheet_hbond.range_2_PDB_ins_code 
_pdbx_struct_sheet_hbond.range_2_auth_atom_id 
_pdbx_struct_sheet_hbond.range_2_auth_comp_id 
_pdbx_struct_sheet_hbond.range_2_auth_asym_id 
_pdbx_struct_sheet_hbond.range_2_auth_seq_id 
A 1 2 O LYS A 39  ? O LYS A 39  N GLU A 68  ? N GLU A 68  
B 1 2 O VAL A 45  ? O VAL A 45  N TYR A 62  ? N TYR A 62  
C 1 2 O ILE A 112 ? O ILE A 112 N TYR A 128 ? N TYR A 128 
D 1 2 O CYS A 103 ? O CYS A 103 N HIS A 139 ? N HIS A 139 
# 
_pdbx_entry_details.entry_id                   1BMP 
_pdbx_entry_details.compound_details           ? 
_pdbx_entry_details.source_details             ? 
_pdbx_entry_details.nonpolymer_details         ? 
_pdbx_entry_details.sequence_details           ? 
_pdbx_entry_details.has_ligand_of_interest     ? 
_pdbx_entry_details.has_protein_modification   Y 
# 
loop_
_pdbx_validate_torsion.id 
_pdbx_validate_torsion.PDB_model_num 
_pdbx_validate_torsion.auth_comp_id 
_pdbx_validate_torsion.auth_asym_id 
_pdbx_validate_torsion.auth_seq_id 
_pdbx_validate_torsion.PDB_ins_code 
_pdbx_validate_torsion.label_alt_id 
_pdbx_validate_torsion.phi 
_pdbx_validate_torsion.psi 
1  1 TRP A 52  ? ? -64.51  19.70   
2  1 TYR A 65  ? ? 63.72   173.88  
3  1 TYR A 78  ? ? -81.65  47.59   
4  1 MET A 79  ? ? -154.22 6.04    
5  1 ASN A 80  ? ? 22.96   96.27   
6  1 ASN A 95  ? ? -157.97 78.50   
7  1 ASP A 118 ? ? -67.98  -178.51 
8  1 ASP A 119 ? ? -52.29  -178.81 
9  1 SER A 120 ? ? 68.50   -23.63  
10 1 ASN A 130 ? ? 72.46   43.08   
# 
loop_
_pdbx_validate_planes.id 
_pdbx_validate_planes.PDB_model_num 
_pdbx_validate_planes.auth_comp_id 
_pdbx_validate_planes.auth_asym_id 
_pdbx_validate_planes.auth_seq_id 
_pdbx_validate_planes.PDB_ins_code 
_pdbx_validate_planes.label_alt_id 
_pdbx_validate_planes.rmsd 
_pdbx_validate_planes.type 
1 1 ARG A 129 ? ? 0.095 'SIDE CHAIN' 
2 1 ARG A 134 ? ? 0.248 'SIDE CHAIN' 
# 
loop_
_pdbx_validate_main_chain_plane.id 
_pdbx_validate_main_chain_plane.PDB_model_num 
_pdbx_validate_main_chain_plane.auth_comp_id 
_pdbx_validate_main_chain_plane.auth_asym_id 
_pdbx_validate_main_chain_plane.auth_seq_id 
_pdbx_validate_main_chain_plane.PDB_ins_code 
_pdbx_validate_main_chain_plane.label_alt_id 
_pdbx_validate_main_chain_plane.improper_torsion_angle 
1  1 GLU A 42  ? ? 12.67  
2  1 TYR A 44  ? ? 11.12  
3  1 VAL A 45  ? ? 12.60  
4  1 ASP A 49  ? ? 17.81  
5  1 TRP A 55  ? ? 14.50  
6  1 ILE A 56  ? ? -13.16 
7  1 ILE A 57  ? ? 11.66  
8  1 ALA A 58  ? ? -11.58 
9  1 PHE A 73  ? ? 15.50  
10 1 ALA A 85  ? ? 11.05  
11 1 VAL A 91  ? ? 12.43  
12 1 PRO A 102 ? ? -10.21 
13 1 LEU A 109 ? ? -14.68 
14 1 VAL A 123 ? ? -10.37 
15 1 CYS A 136 ? ? -10.42 
# 
loop_
_pdbx_unobs_or_zero_occ_residues.id 
_pdbx_unobs_or_zero_occ_residues.PDB_model_num 
_pdbx_unobs_or_zero_occ_residues.polymer_flag 
_pdbx_unobs_or_zero_occ_residues.occupancy_flag 
_pdbx_unobs_or_zero_occ_residues.auth_asym_id 
_pdbx_unobs_or_zero_occ_residues.auth_comp_id 
_pdbx_unobs_or_zero_occ_residues.auth_seq_id 
_pdbx_unobs_or_zero_occ_residues.PDB_ins_code 
_pdbx_unobs_or_zero_occ_residues.label_asym_id 
_pdbx_unobs_or_zero_occ_residues.label_comp_id 
_pdbx_unobs_or_zero_occ_residues.label_seq_id 
1  1 Y 1 A SER 1  ? A SER 1  
2  1 Y 1 A THR 2  ? A THR 2  
3  1 Y 1 A GLY 3  ? A GLY 3  
4  1 Y 1 A SER 4  ? A SER 4  
5  1 Y 1 A LYS 5  ? A LYS 5  
6  1 Y 1 A GLN 6  ? A GLN 6  
7  1 Y 1 A ARG 7  ? A ARG 7  
8  1 Y 1 A SER 8  ? A SER 8  
9  1 Y 1 A GLN 9  ? A GLN 9  
10 1 Y 1 A ASN 10 ? A ASN 10 
11 1 Y 1 A ARG 11 ? A ARG 11 
12 1 Y 1 A SER 12 ? A SER 12 
13 1 Y 1 A LYS 13 ? A LYS 13 
14 1 Y 1 A THR 14 ? A THR 14 
15 1 Y 1 A PRO 15 ? A PRO 15 
16 1 Y 1 A LYS 16 ? A LYS 16 
17 1 Y 1 A ASN 17 ? A ASN 17 
18 1 Y 1 A GLN 18 ? A GLN 18 
19 1 Y 1 A GLU 19 ? A GLU 19 
20 1 Y 1 A ALA 20 ? A ALA 20 
21 1 Y 1 A LEU 21 ? A LEU 21 
22 1 Y 1 A ARG 22 ? A ARG 22 
23 1 Y 1 A MET 23 ? A MET 23 
24 1 Y 1 A ALA 24 ? A ALA 24 
25 1 Y 1 A ASN 25 ? A ASN 25 
26 1 Y 1 A VAL 26 ? A VAL 26 
27 1 Y 1 A ALA 27 ? A ALA 27 
28 1 Y 1 A GLU 28 ? A GLU 28 
29 1 Y 1 A ASN 29 ? A ASN 29 
30 1 Y 1 A SER 30 ? A SER 30 
31 1 Y 1 A SER 31 ? A SER 31 
32 1 Y 1 A SER 32 ? A SER 32 
33 1 Y 1 A ASP 33 ? A ASP 33 
34 1 Y 1 A GLN 34 ? A GLN 34 
35 1 Y 1 A ARG 35 ? A ARG 35 
# 
loop_
_chem_comp_atom.comp_id 
_chem_comp_atom.atom_id 
_chem_comp_atom.type_symbol 
_chem_comp_atom.pdbx_aromatic_flag 
_chem_comp_atom.pdbx_stereo_config 
_chem_comp_atom.pdbx_ordinal 
ALA N    N N N 1   
ALA CA   C N S 2   
ALA C    C N N 3   
ALA O    O N N 4   
ALA CB   C N N 5   
ALA OXT  O N N 6   
ALA H    H N N 7   
ALA H2   H N N 8   
ALA HA   H N N 9   
ALA HB1  H N N 10  
ALA HB2  H N N 11  
ALA HB3  H N N 12  
ALA HXT  H N N 13  
ARG N    N N N 14  
ARG CA   C N S 15  
ARG C    C N N 16  
ARG O    O N N 17  
ARG CB   C N N 18  
ARG CG   C N N 19  
ARG CD   C N N 20  
ARG NE   N N N 21  
ARG CZ   C N N 22  
ARG NH1  N N N 23  
ARG NH2  N N N 24  
ARG OXT  O N N 25  
ARG H    H N N 26  
ARG H2   H N N 27  
ARG HA   H N N 28  
ARG HB2  H N N 29  
ARG HB3  H N N 30  
ARG HG2  H N N 31  
ARG HG3  H N N 32  
ARG HD2  H N N 33  
ARG HD3  H N N 34  
ARG HE   H N N 35  
ARG HH11 H N N 36  
ARG HH12 H N N 37  
ARG HH21 H N N 38  
ARG HH22 H N N 39  
ARG HXT  H N N 40  
ASN N    N N N 41  
ASN CA   C N S 42  
ASN C    C N N 43  
ASN O    O N N 44  
ASN CB   C N N 45  
ASN CG   C N N 46  
ASN OD1  O N N 47  
ASN ND2  N N N 48  
ASN OXT  O N N 49  
ASN H    H N N 50  
ASN H2   H N N 51  
ASN HA   H N N 52  
ASN HB2  H N N 53  
ASN HB3  H N N 54  
ASN HD21 H N N 55  
ASN HD22 H N N 56  
ASN HXT  H N N 57  
ASP N    N N N 58  
ASP CA   C N S 59  
ASP C    C N N 60  
ASP O    O N N 61  
ASP CB   C N N 62  
ASP CG   C N N 63  
ASP OD1  O N N 64  
ASP OD2  O N N 65  
ASP OXT  O N N 66  
ASP H    H N N 67  
ASP H2   H N N 68  
ASP HA   H N N 69  
ASP HB2  H N N 70  
ASP HB3  H N N 71  
ASP HD2  H N N 72  
ASP HXT  H N N 73  
CYS N    N N N 74  
CYS CA   C N R 75  
CYS C    C N N 76  
CYS O    O N N 77  
CYS CB   C N N 78  
CYS SG   S N N 79  
CYS OXT  O N N 80  
CYS H    H N N 81  
CYS H2   H N N 82  
CYS HA   H N N 83  
CYS HB2  H N N 84  
CYS HB3  H N N 85  
CYS HG   H N N 86  
CYS HXT  H N N 87  
GLN N    N N N 88  
GLN CA   C N S 89  
GLN C    C N N 90  
GLN O    O N N 91  
GLN CB   C N N 92  
GLN CG   C N N 93  
GLN CD   C N N 94  
GLN OE1  O N N 95  
GLN NE2  N N N 96  
GLN OXT  O N N 97  
GLN H    H N N 98  
GLN H2   H N N 99  
GLN HA   H N N 100 
GLN HB2  H N N 101 
GLN HB3  H N N 102 
GLN HG2  H N N 103 
GLN HG3  H N N 104 
GLN HE21 H N N 105 
GLN HE22 H N N 106 
GLN HXT  H N N 107 
GLU N    N N N 108 
GLU CA   C N S 109 
GLU C    C N N 110 
GLU O    O N N 111 
GLU CB   C N N 112 
GLU CG   C N N 113 
GLU CD   C N N 114 
GLU OE1  O N N 115 
GLU OE2  O N N 116 
GLU OXT  O N N 117 
GLU H    H N N 118 
GLU H2   H N N 119 
GLU HA   H N N 120 
GLU HB2  H N N 121 
GLU HB3  H N N 122 
GLU HG2  H N N 123 
GLU HG3  H N N 124 
GLU HE2  H N N 125 
GLU HXT  H N N 126 
GLY N    N N N 127 
GLY CA   C N N 128 
GLY C    C N N 129 
GLY O    O N N 130 
GLY OXT  O N N 131 
GLY H    H N N 132 
GLY H2   H N N 133 
GLY HA2  H N N 134 
GLY HA3  H N N 135 
GLY HXT  H N N 136 
HIS N    N N N 137 
HIS CA   C N S 138 
HIS C    C N N 139 
HIS O    O N N 140 
HIS CB   C N N 141 
HIS CG   C Y N 142 
HIS ND1  N Y N 143 
HIS CD2  C Y N 144 
HIS CE1  C Y N 145 
HIS NE2  N Y N 146 
HIS OXT  O N N 147 
HIS H    H N N 148 
HIS H2   H N N 149 
HIS HA   H N N 150 
HIS HB2  H N N 151 
HIS HB3  H N N 152 
HIS HD1  H N N 153 
HIS HD2  H N N 154 
HIS HE1  H N N 155 
HIS HE2  H N N 156 
HIS HXT  H N N 157 
ILE N    N N N 158 
ILE CA   C N S 159 
ILE C    C N N 160 
ILE O    O N N 161 
ILE CB   C N S 162 
ILE CG1  C N N 163 
ILE CG2  C N N 164 
ILE CD1  C N N 165 
ILE OXT  O N N 166 
ILE H    H N N 167 
ILE H2   H N N 168 
ILE HA   H N N 169 
ILE HB   H N N 170 
ILE HG12 H N N 171 
ILE HG13 H N N 172 
ILE HG21 H N N 173 
ILE HG22 H N N 174 
ILE HG23 H N N 175 
ILE HD11 H N N 176 
ILE HD12 H N N 177 
ILE HD13 H N N 178 
ILE HXT  H N N 179 
LEU N    N N N 180 
LEU CA   C N S 181 
LEU C    C N N 182 
LEU O    O N N 183 
LEU CB   C N N 184 
LEU CG   C N N 185 
LEU CD1  C N N 186 
LEU CD2  C N N 187 
LEU OXT  O N N 188 
LEU H    H N N 189 
LEU H2   H N N 190 
LEU HA   H N N 191 
LEU HB2  H N N 192 
LEU HB3  H N N 193 
LEU HG   H N N 194 
LEU HD11 H N N 195 
LEU HD12 H N N 196 
LEU HD13 H N N 197 
LEU HD21 H N N 198 
LEU HD22 H N N 199 
LEU HD23 H N N 200 
LEU HXT  H N N 201 
LYS N    N N N 202 
LYS CA   C N S 203 
LYS C    C N N 204 
LYS O    O N N 205 
LYS CB   C N N 206 
LYS CG   C N N 207 
LYS CD   C N N 208 
LYS CE   C N N 209 
LYS NZ   N N N 210 
LYS OXT  O N N 211 
LYS H    H N N 212 
LYS H2   H N N 213 
LYS HA   H N N 214 
LYS HB2  H N N 215 
LYS HB3  H N N 216 
LYS HG2  H N N 217 
LYS HG3  H N N 218 
LYS HD2  H N N 219 
LYS HD3  H N N 220 
LYS HE2  H N N 221 
LYS HE3  H N N 222 
LYS HZ1  H N N 223 
LYS HZ2  H N N 224 
LYS HZ3  H N N 225 
LYS HXT  H N N 226 
MET N    N N N 227 
MET CA   C N S 228 
MET C    C N N 229 
MET O    O N N 230 
MET CB   C N N 231 
MET CG   C N N 232 
MET SD   S N N 233 
MET CE   C N N 234 
MET OXT  O N N 235 
MET H    H N N 236 
MET H2   H N N 237 
MET HA   H N N 238 
MET HB2  H N N 239 
MET HB3  H N N 240 
MET HG2  H N N 241 
MET HG3  H N N 242 
MET HE1  H N N 243 
MET HE2  H N N 244 
MET HE3  H N N 245 
MET HXT  H N N 246 
PHE N    N N N 247 
PHE CA   C N S 248 
PHE C    C N N 249 
PHE O    O N N 250 
PHE CB   C N N 251 
PHE CG   C Y N 252 
PHE CD1  C Y N 253 
PHE CD2  C Y N 254 
PHE CE1  C Y N 255 
PHE CE2  C Y N 256 
PHE CZ   C Y N 257 
PHE OXT  O N N 258 
PHE H    H N N 259 
PHE H2   H N N 260 
PHE HA   H N N 261 
PHE HB2  H N N 262 
PHE HB3  H N N 263 
PHE HD1  H N N 264 
PHE HD2  H N N 265 
PHE HE1  H N N 266 
PHE HE2  H N N 267 
PHE HZ   H N N 268 
PHE HXT  H N N 269 
PRO N    N N N 270 
PRO CA   C N S 271 
PRO C    C N N 272 
PRO O    O N N 273 
PRO CB   C N N 274 
PRO CG   C N N 275 
PRO CD   C N N 276 
PRO OXT  O N N 277 
PRO H    H N N 278 
PRO HA   H N N 279 
PRO HB2  H N N 280 
PRO HB3  H N N 281 
PRO HG2  H N N 282 
PRO HG3  H N N 283 
PRO HD2  H N N 284 
PRO HD3  H N N 285 
PRO HXT  H N N 286 
SER N    N N N 287 
SER CA   C N S 288 
SER C    C N N 289 
SER O    O N N 290 
SER CB   C N N 291 
SER OG   O N N 292 
SER OXT  O N N 293 
SER H    H N N 294 
SER H2   H N N 295 
SER HA   H N N 296 
SER HB2  H N N 297 
SER HB3  H N N 298 
SER HG   H N N 299 
SER HXT  H N N 300 
THR N    N N N 301 
THR CA   C N S 302 
THR C    C N N 303 
THR O    O N N 304 
THR CB   C N R 305 
THR OG1  O N N 306 
THR CG2  C N N 307 
THR OXT  O N N 308 
THR H    H N N 309 
THR H2   H N N 310 
THR HA   H N N 311 
THR HB   H N N 312 
THR HG1  H N N 313 
THR HG21 H N N 314 
THR HG22 H N N 315 
THR HG23 H N N 316 
THR HXT  H N N 317 
TRP N    N N N 318 
TRP CA   C N S 319 
TRP C    C N N 320 
TRP O    O N N 321 
TRP CB   C N N 322 
TRP CG   C Y N 323 
TRP CD1  C Y N 324 
TRP CD2  C Y N 325 
TRP NE1  N Y N 326 
TRP CE2  C Y N 327 
TRP CE3  C Y N 328 
TRP CZ2  C Y N 329 
TRP CZ3  C Y N 330 
TRP CH2  C Y N 331 
TRP OXT  O N N 332 
TRP H    H N N 333 
TRP H2   H N N 334 
TRP HA   H N N 335 
TRP HB2  H N N 336 
TRP HB3  H N N 337 
TRP HD1  H N N 338 
TRP HE1  H N N 339 
TRP HE3  H N N 340 
TRP HZ2  H N N 341 
TRP HZ3  H N N 342 
TRP HH2  H N N 343 
TRP HXT  H N N 344 
TYR N    N N N 345 
TYR CA   C N S 346 
TYR C    C N N 347 
TYR O    O N N 348 
TYR CB   C N N 349 
TYR CG   C Y N 350 
TYR CD1  C Y N 351 
TYR CD2  C Y N 352 
TYR CE1  C Y N 353 
TYR CE2  C Y N 354 
TYR CZ   C Y N 355 
TYR OH   O N N 356 
TYR OXT  O N N 357 
TYR H    H N N 358 
TYR H2   H N N 359 
TYR HA   H N N 360 
TYR HB2  H N N 361 
TYR HB3  H N N 362 
TYR HD1  H N N 363 
TYR HD2  H N N 364 
TYR HE1  H N N 365 
TYR HE2  H N N 366 
TYR HH   H N N 367 
TYR HXT  H N N 368 
VAL N    N N N 369 
VAL CA   C N S 370 
VAL C    C N N 371 
VAL O    O N N 372 
VAL CB   C N N 373 
VAL CG1  C N N 374 
VAL CG2  C N N 375 
VAL OXT  O N N 376 
VAL H    H N N 377 
VAL H2   H N N 378 
VAL HA   H N N 379 
VAL HB   H N N 380 
VAL HG11 H N N 381 
VAL HG12 H N N 382 
VAL HG13 H N N 383 
VAL HG21 H N N 384 
VAL HG22 H N N 385 
VAL HG23 H N N 386 
VAL HXT  H N N 387 
# 
loop_
_chem_comp_bond.comp_id 
_chem_comp_bond.atom_id_1 
_chem_comp_bond.atom_id_2 
_chem_comp_bond.value_order 
_chem_comp_bond.pdbx_aromatic_flag 
_chem_comp_bond.pdbx_stereo_config 
_chem_comp_bond.pdbx_ordinal 
ALA N   CA   sing N N 1   
ALA N   H    sing N N 2   
ALA N   H2   sing N N 3   
ALA CA  C    sing N N 4   
ALA CA  CB   sing N N 5   
ALA CA  HA   sing N N 6   
ALA C   O    doub N N 7   
ALA C   OXT  sing N N 8   
ALA CB  HB1  sing N N 9   
ALA CB  HB2  sing N N 10  
ALA CB  HB3  sing N N 11  
ALA OXT HXT  sing N N 12  
ARG N   CA   sing N N 13  
ARG N   H    sing N N 14  
ARG N   H2   sing N N 15  
ARG CA  C    sing N N 16  
ARG CA  CB   sing N N 17  
ARG CA  HA   sing N N 18  
ARG C   O    doub N N 19  
ARG C   OXT  sing N N 20  
ARG CB  CG   sing N N 21  
ARG CB  HB2  sing N N 22  
ARG CB  HB3  sing N N 23  
ARG CG  CD   sing N N 24  
ARG CG  HG2  sing N N 25  
ARG CG  HG3  sing N N 26  
ARG CD  NE   sing N N 27  
ARG CD  HD2  sing N N 28  
ARG CD  HD3  sing N N 29  
ARG NE  CZ   sing N N 30  
ARG NE  HE   sing N N 31  
ARG CZ  NH1  sing N N 32  
ARG CZ  NH2  doub N N 33  
ARG NH1 HH11 sing N N 34  
ARG NH1 HH12 sing N N 35  
ARG NH2 HH21 sing N N 36  
ARG NH2 HH22 sing N N 37  
ARG OXT HXT  sing N N 38  
ASN N   CA   sing N N 39  
ASN N   H    sing N N 40  
ASN N   H2   sing N N 41  
ASN CA  C    sing N N 42  
ASN CA  CB   sing N N 43  
ASN CA  HA   sing N N 44  
ASN C   O    doub N N 45  
ASN C   OXT  sing N N 46  
ASN CB  CG   sing N N 47  
ASN CB  HB2  sing N N 48  
ASN CB  HB3  sing N N 49  
ASN CG  OD1  doub N N 50  
ASN CG  ND2  sing N N 51  
ASN ND2 HD21 sing N N 52  
ASN ND2 HD22 sing N N 53  
ASN OXT HXT  sing N N 54  
ASP N   CA   sing N N 55  
ASP N   H    sing N N 56  
ASP N   H2   sing N N 57  
ASP CA  C    sing N N 58  
ASP CA  CB   sing N N 59  
ASP CA  HA   sing N N 60  
ASP C   O    doub N N 61  
ASP C   OXT  sing N N 62  
ASP CB  CG   sing N N 63  
ASP CB  HB2  sing N N 64  
ASP CB  HB3  sing N N 65  
ASP CG  OD1  doub N N 66  
ASP CG  OD2  sing N N 67  
ASP OD2 HD2  sing N N 68  
ASP OXT HXT  sing N N 69  
CYS N   CA   sing N N 70  
CYS N   H    sing N N 71  
CYS N   H2   sing N N 72  
CYS CA  C    sing N N 73  
CYS CA  CB   sing N N 74  
CYS CA  HA   sing N N 75  
CYS C   O    doub N N 76  
CYS C   OXT  sing N N 77  
CYS CB  SG   sing N N 78  
CYS CB  HB2  sing N N 79  
CYS CB  HB3  sing N N 80  
CYS SG  HG   sing N N 81  
CYS OXT HXT  sing N N 82  
GLN N   CA   sing N N 83  
GLN N   H    sing N N 84  
GLN N   H2   sing N N 85  
GLN CA  C    sing N N 86  
GLN CA  CB   sing N N 87  
GLN CA  HA   sing N N 88  
GLN C   O    doub N N 89  
GLN C   OXT  sing N N 90  
GLN CB  CG   sing N N 91  
GLN CB  HB2  sing N N 92  
GLN CB  HB3  sing N N 93  
GLN CG  CD   sing N N 94  
GLN CG  HG2  sing N N 95  
GLN CG  HG3  sing N N 96  
GLN CD  OE1  doub N N 97  
GLN CD  NE2  sing N N 98  
GLN NE2 HE21 sing N N 99  
GLN NE2 HE22 sing N N 100 
GLN OXT HXT  sing N N 101 
GLU N   CA   sing N N 102 
GLU N   H    sing N N 103 
GLU N   H2   sing N N 104 
GLU CA  C    sing N N 105 
GLU CA  CB   sing N N 106 
GLU CA  HA   sing N N 107 
GLU C   O    doub N N 108 
GLU C   OXT  sing N N 109 
GLU CB  CG   sing N N 110 
GLU CB  HB2  sing N N 111 
GLU CB  HB3  sing N N 112 
GLU CG  CD   sing N N 113 
GLU CG  HG2  sing N N 114 
GLU CG  HG3  sing N N 115 
GLU CD  OE1  doub N N 116 
GLU CD  OE2  sing N N 117 
GLU OE2 HE2  sing N N 118 
GLU OXT HXT  sing N N 119 
GLY N   CA   sing N N 120 
GLY N   H    sing N N 121 
GLY N   H2   sing N N 122 
GLY CA  C    sing N N 123 
GLY CA  HA2  sing N N 124 
GLY CA  HA3  sing N N 125 
GLY C   O    doub N N 126 
GLY C   OXT  sing N N 127 
GLY OXT HXT  sing N N 128 
HIS N   CA   sing N N 129 
HIS N   H    sing N N 130 
HIS N   H2   sing N N 131 
HIS CA  C    sing N N 132 
HIS CA  CB   sing N N 133 
HIS CA  HA   sing N N 134 
HIS C   O    doub N N 135 
HIS C   OXT  sing N N 136 
HIS CB  CG   sing N N 137 
HIS CB  HB2  sing N N 138 
HIS CB  HB3  sing N N 139 
HIS CG  ND1  sing Y N 140 
HIS CG  CD2  doub Y N 141 
HIS ND1 CE1  doub Y N 142 
HIS ND1 HD1  sing N N 143 
HIS CD2 NE2  sing Y N 144 
HIS CD2 HD2  sing N N 145 
HIS CE1 NE2  sing Y N 146 
HIS CE1 HE1  sing N N 147 
HIS NE2 HE2  sing N N 148 
HIS OXT HXT  sing N N 149 
ILE N   CA   sing N N 150 
ILE N   H    sing N N 151 
ILE N   H2   sing N N 152 
ILE CA  C    sing N N 153 
ILE CA  CB   sing N N 154 
ILE CA  HA   sing N N 155 
ILE C   O    doub N N 156 
ILE C   OXT  sing N N 157 
ILE CB  CG1  sing N N 158 
ILE CB  CG2  sing N N 159 
ILE CB  HB   sing N N 160 
ILE CG1 CD1  sing N N 161 
ILE CG1 HG12 sing N N 162 
ILE CG1 HG13 sing N N 163 
ILE CG2 HG21 sing N N 164 
ILE CG2 HG22 sing N N 165 
ILE CG2 HG23 sing N N 166 
ILE CD1 HD11 sing N N 167 
ILE CD1 HD12 sing N N 168 
ILE CD1 HD13 sing N N 169 
ILE OXT HXT  sing N N 170 
LEU N   CA   sing N N 171 
LEU N   H    sing N N 172 
LEU N   H2   sing N N 173 
LEU CA  C    sing N N 174 
LEU CA  CB   sing N N 175 
LEU CA  HA   sing N N 176 
LEU C   O    doub N N 177 
LEU C   OXT  sing N N 178 
LEU CB  CG   sing N N 179 
LEU CB  HB2  sing N N 180 
LEU CB  HB3  sing N N 181 
LEU CG  CD1  sing N N 182 
LEU CG  CD2  sing N N 183 
LEU CG  HG   sing N N 184 
LEU CD1 HD11 sing N N 185 
LEU CD1 HD12 sing N N 186 
LEU CD1 HD13 sing N N 187 
LEU CD2 HD21 sing N N 188 
LEU CD2 HD22 sing N N 189 
LEU CD2 HD23 sing N N 190 
LEU OXT HXT  sing N N 191 
LYS N   CA   sing N N 192 
LYS N   H    sing N N 193 
LYS N   H2   sing N N 194 
LYS CA  C    sing N N 195 
LYS CA  CB   sing N N 196 
LYS CA  HA   sing N N 197 
LYS C   O    doub N N 198 
LYS C   OXT  sing N N 199 
LYS CB  CG   sing N N 200 
LYS CB  HB2  sing N N 201 
LYS CB  HB3  sing N N 202 
LYS CG  CD   sing N N 203 
LYS CG  HG2  sing N N 204 
LYS CG  HG3  sing N N 205 
LYS CD  CE   sing N N 206 
LYS CD  HD2  sing N N 207 
LYS CD  HD3  sing N N 208 
LYS CE  NZ   sing N N 209 
LYS CE  HE2  sing N N 210 
LYS CE  HE3  sing N N 211 
LYS NZ  HZ1  sing N N 212 
LYS NZ  HZ2  sing N N 213 
LYS NZ  HZ3  sing N N 214 
LYS OXT HXT  sing N N 215 
MET N   CA   sing N N 216 
MET N   H    sing N N 217 
MET N   H2   sing N N 218 
MET CA  C    sing N N 219 
MET CA  CB   sing N N 220 
MET CA  HA   sing N N 221 
MET C   O    doub N N 222 
MET C   OXT  sing N N 223 
MET CB  CG   sing N N 224 
MET CB  HB2  sing N N 225 
MET CB  HB3  sing N N 226 
MET CG  SD   sing N N 227 
MET CG  HG2  sing N N 228 
MET CG  HG3  sing N N 229 
MET SD  CE   sing N N 230 
MET CE  HE1  sing N N 231 
MET CE  HE2  sing N N 232 
MET CE  HE3  sing N N 233 
MET OXT HXT  sing N N 234 
PHE N   CA   sing N N 235 
PHE N   H    sing N N 236 
PHE N   H2   sing N N 237 
PHE CA  C    sing N N 238 
PHE CA  CB   sing N N 239 
PHE CA  HA   sing N N 240 
PHE C   O    doub N N 241 
PHE C   OXT  sing N N 242 
PHE CB  CG   sing N N 243 
PHE CB  HB2  sing N N 244 
PHE CB  HB3  sing N N 245 
PHE CG  CD1  doub Y N 246 
PHE CG  CD2  sing Y N 247 
PHE CD1 CE1  sing Y N 248 
PHE CD1 HD1  sing N N 249 
PHE CD2 CE2  doub Y N 250 
PHE CD2 HD2  sing N N 251 
PHE CE1 CZ   doub Y N 252 
PHE CE1 HE1  sing N N 253 
PHE CE2 CZ   sing Y N 254 
PHE CE2 HE2  sing N N 255 
PHE CZ  HZ   sing N N 256 
PHE OXT HXT  sing N N 257 
PRO N   CA   sing N N 258 
PRO N   CD   sing N N 259 
PRO N   H    sing N N 260 
PRO CA  C    sing N N 261 
PRO CA  CB   sing N N 262 
PRO CA  HA   sing N N 263 
PRO C   O    doub N N 264 
PRO C   OXT  sing N N 265 
PRO CB  CG   sing N N 266 
PRO CB  HB2  sing N N 267 
PRO CB  HB3  sing N N 268 
PRO CG  CD   sing N N 269 
PRO CG  HG2  sing N N 270 
PRO CG  HG3  sing N N 271 
PRO CD  HD2  sing N N 272 
PRO CD  HD3  sing N N 273 
PRO OXT HXT  sing N N 274 
SER N   CA   sing N N 275 
SER N   H    sing N N 276 
SER N   H2   sing N N 277 
SER CA  C    sing N N 278 
SER CA  CB   sing N N 279 
SER CA  HA   sing N N 280 
SER C   O    doub N N 281 
SER C   OXT  sing N N 282 
SER CB  OG   sing N N 283 
SER CB  HB2  sing N N 284 
SER CB  HB3  sing N N 285 
SER OG  HG   sing N N 286 
SER OXT HXT  sing N N 287 
THR N   CA   sing N N 288 
THR N   H    sing N N 289 
THR N   H2   sing N N 290 
THR CA  C    sing N N 291 
THR CA  CB   sing N N 292 
THR CA  HA   sing N N 293 
THR C   O    doub N N 294 
THR C   OXT  sing N N 295 
THR CB  OG1  sing N N 296 
THR CB  CG2  sing N N 297 
THR CB  HB   sing N N 298 
THR OG1 HG1  sing N N 299 
THR CG2 HG21 sing N N 300 
THR CG2 HG22 sing N N 301 
THR CG2 HG23 sing N N 302 
THR OXT HXT  sing N N 303 
TRP N   CA   sing N N 304 
TRP N   H    sing N N 305 
TRP N   H2   sing N N 306 
TRP CA  C    sing N N 307 
TRP CA  CB   sing N N 308 
TRP CA  HA   sing N N 309 
TRP C   O    doub N N 310 
TRP C   OXT  sing N N 311 
TRP CB  CG   sing N N 312 
TRP CB  HB2  sing N N 313 
TRP CB  HB3  sing N N 314 
TRP CG  CD1  doub Y N 315 
TRP CG  CD2  sing Y N 316 
TRP CD1 NE1  sing Y N 317 
TRP CD1 HD1  sing N N 318 
TRP CD2 CE2  doub Y N 319 
TRP CD2 CE3  sing Y N 320 
TRP NE1 CE2  sing Y N 321 
TRP NE1 HE1  sing N N 322 
TRP CE2 CZ2  sing Y N 323 
TRP CE3 CZ3  doub Y N 324 
TRP CE3 HE3  sing N N 325 
TRP CZ2 CH2  doub Y N 326 
TRP CZ2 HZ2  sing N N 327 
TRP CZ3 CH2  sing Y N 328 
TRP CZ3 HZ3  sing N N 329 
TRP CH2 HH2  sing N N 330 
TRP OXT HXT  sing N N 331 
TYR N   CA   sing N N 332 
TYR N   H    sing N N 333 
TYR N   H2   sing N N 334 
TYR CA  C    sing N N 335 
TYR CA  CB   sing N N 336 
TYR CA  HA   sing N N 337 
TYR C   O    doub N N 338 
TYR C   OXT  sing N N 339 
TYR CB  CG   sing N N 340 
TYR CB  HB2  sing N N 341 
TYR CB  HB3  sing N N 342 
TYR CG  CD1  doub Y N 343 
TYR CG  CD2  sing Y N 344 
TYR CD1 CE1  sing Y N 345 
TYR CD1 HD1  sing N N 346 
TYR CD2 CE2  doub Y N 347 
TYR CD2 HD2  sing N N 348 
TYR CE1 CZ   doub Y N 349 
TYR CE1 HE1  sing N N 350 
TYR CE2 CZ   sing Y N 351 
TYR CE2 HE2  sing N N 352 
TYR CZ  OH   sing N N 353 
TYR OH  HH   sing N N 354 
TYR OXT HXT  sing N N 355 
VAL N   CA   sing N N 356 
VAL N   H    sing N N 357 
VAL N   H2   sing N N 358 
VAL CA  C    sing N N 359 
VAL CA  CB   sing N N 360 
VAL CA  HA   sing N N 361 
VAL C   O    doub N N 362 
VAL C   OXT  sing N N 363 
VAL CB  CG1  sing N N 364 
VAL CB  CG2  sing N N 365 
VAL CB  HB   sing N N 366 
VAL CG1 HG11 sing N N 367 
VAL CG1 HG12 sing N N 368 
VAL CG1 HG13 sing N N 369 
VAL CG2 HG21 sing N N 370 
VAL CG2 HG22 sing N N 371 
VAL CG2 HG23 sing N N 372 
VAL OXT HXT  sing N N 373 
# 
_atom_sites.entry_id                    1BMP 
_atom_sites.fract_transf_matrix[1][1]   0.01068920 
_atom_sites.fract_transf_matrix[1][2]   -0.00381114 
_atom_sites.fract_transf_matrix[1][3]   -0.00244889 
_atom_sites.fract_transf_matrix[2][1]   0.00147571 
_atom_sites.fract_transf_matrix[2][2]   -0.00868835 
_atom_sites.fract_transf_matrix[2][3]   -0.00755823 
_atom_sites.fract_transf_matrix[3][1]   0.00153242 
_atom_sites.fract_transf_matrix[3][2]   0.01570900 
_atom_sites.fract_transf_matrix[3][3]   -0.01775864 
_atom_sites.fract_transf_vector[1]      0.472528 
_atom_sites.fract_transf_vector[2]      0.555788 
_atom_sites.fract_transf_vector[3]      0.117155 
# 
loop_
_atom_type.symbol 
C 
N 
O 
S 
# 
loop_
_atom_site.group_PDB 
_atom_site.id 
_atom_site.type_symbol 
_atom_site.label_atom_id 
_atom_site.label_alt_id 
_atom_site.label_comp_id 
_atom_site.label_asym_id 
_atom_site.label_entity_id 
_atom_site.label_seq_id 
_atom_site.pdbx_PDB_ins_code 
_atom_site.Cartn_x 
_atom_site.Cartn_y 
_atom_site.Cartn_z 
_atom_site.occupancy 
_atom_site.B_iso_or_equiv 
_atom_site.pdbx_formal_charge 
_atom_site.auth_seq_id 
_atom_site.auth_comp_id 
_atom_site.auth_asym_id 
_atom_site.auth_atom_id 
_atom_site.pdbx_PDB_model_num 
ATOM 1   N N   . GLN A 1 36  ? 15.945  2.779   -7.927  1.00 39.49 ? 36  GLN A N   1 
ATOM 2   C CA  . GLN A 1 36  ? 15.294  1.601   -7.298  1.00 36.72 ? 36  GLN A CA  1 
ATOM 3   C C   . GLN A 1 36  ? 14.635  2.095   -6.000  1.00 30.49 ? 36  GLN A C   1 
ATOM 4   O O   . GLN A 1 36  ? 14.271  1.282   -5.143  1.00 30.60 ? 36  GLN A O   1 
ATOM 5   C CB  . GLN A 1 36  ? 16.362  0.553   -6.968  1.00 45.47 ? 36  GLN A CB  1 
ATOM 6   C CG  . GLN A 1 36  ? 16.291  -0.744  -7.751  1.00 54.81 ? 36  GLN A CG  1 
ATOM 7   C CD  . GLN A 1 36  ? 17.313  -1.755  -7.271  1.00 64.37 ? 36  GLN A CD  1 
ATOM 8   O OE1 . GLN A 1 36  ? 17.032  -2.916  -6.985  1.00 63.97 ? 36  GLN A OE1 1 
ATOM 9   N NE2 . GLN A 1 36  ? 18.551  -1.278  -7.120  1.00 69.09 ? 36  GLN A NE2 1 
ATOM 10  N N   . ALA A 1 37  ? 14.698  3.402   -5.809  1.00 25.56 ? 37  ALA A N   1 
ATOM 11  C CA  . ALA A 1 37  ? 14.382  4.010   -4.503  1.00 24.66 ? 37  ALA A CA  1 
ATOM 12  C C   . ALA A 1 37  ? 12.941  3.664   -4.133  1.00 24.33 ? 37  ALA A C   1 
ATOM 13  O O   . ALA A 1 37  ? 12.161  3.326   -5.031  1.00 29.15 ? 37  ALA A O   1 
ATOM 14  C CB  . ALA A 1 37  ? 14.644  5.499   -4.487  1.00 19.46 ? 37  ALA A CB  1 
ATOM 15  N N   . CYS A 1 38  ? 12.630  3.731   -2.867  1.00 21.41 ? 38  CYS A N   1 
ATOM 16  C CA  . CYS A 1 38  ? 11.289  3.436   -2.364  1.00 22.06 ? 38  CYS A CA  1 
ATOM 17  C C   . CYS A 1 38  ? 10.304  4.489   -2.878  1.00 23.08 ? 38  CYS A C   1 
ATOM 18  O O   . CYS A 1 38  ? 10.510  5.677   -2.633  1.00 22.51 ? 38  CYS A O   1 
ATOM 19  C CB  . CYS A 1 38  ? 11.244  3.402   -0.842  1.00 20.83 ? 38  CYS A CB  1 
ATOM 20  S SG  . CYS A 1 38  ? 9.568   3.463   -0.185  1.00 21.73 ? 38  CYS A SG  1 
ATOM 21  N N   . LYS A 1 39  ? 9.282   3.997   -3.551  1.00 25.32 ? 39  LYS A N   1 
ATOM 22  C CA  . LYS A 1 39  ? 8.188   4.778   -4.104  1.00 24.55 ? 39  LYS A CA  1 
ATOM 23  C C   . LYS A 1 39  ? 6.931   3.924   -4.287  1.00 23.98 ? 39  LYS A C   1 
ATOM 24  O O   . LYS A 1 39  ? 6.943   2.686   -4.120  1.00 23.36 ? 39  LYS A O   1 
ATOM 25  C CB  . LYS A 1 39  ? 8.535   5.478   -5.398  1.00 26.00 ? 39  LYS A CB  1 
ATOM 26  C CG  . LYS A 1 39  ? 9.401   4.695   -6.373  1.00 36.63 ? 39  LYS A CG  1 
ATOM 27  C CD  . LYS A 1 39  ? 9.270   5.246   -7.788  1.00 40.72 ? 39  LYS A CD  1 
ATOM 28  C CE  . LYS A 1 39  ? 9.372   4.158   -8.837  1.00 48.52 ? 39  LYS A CE  1 
ATOM 29  N NZ  . LYS A 1 39  ? 10.704  3.487   -8.784  1.00 52.36 ? 39  LYS A NZ  1 
ATOM 30  N N   . LYS A 1 40  ? 5.850   4.660   -4.480  1.00 21.60 ? 40  LYS A N   1 
ATOM 31  C CA  . LYS A 1 40  ? 4.523   4.088   -4.739  1.00 22.09 ? 40  LYS A CA  1 
ATOM 32  C C   . LYS A 1 40  ? 4.450   3.766   -6.238  1.00 25.22 ? 40  LYS A C   1 
ATOM 33  O O   . LYS A 1 40  ? 4.751   4.676   -7.032  1.00 29.47 ? 40  LYS A O   1 
ATOM 34  C CB  . LYS A 1 40  ? 3.439   5.134   -4.466  1.00 22.07 ? 40  LYS A CB  1 
ATOM 35  C CG  . LYS A 1 40  ? 2.029   4.703   -4.882  1.00 22.51 ? 40  LYS A CG  1 
ATOM 36  C CD  . LYS A 1 40  ? 1.010   5.704   -4.341  1.00 28.59 ? 40  LYS A CD  1 
ATOM 37  C CE  . LYS A 1 40  ? 0.941   6.922   -5.244  1.00 34.57 ? 40  LYS A CE  1 
ATOM 38  N NZ  . LYS A 1 40  ? -0.114  7.866   -4.801  1.00 40.94 ? 40  LYS A NZ  1 
ATOM 39  N N   . HIS A 1 41  ? 3.843   2.645   -6.541  1.00 24.32 ? 41  HIS A N   1 
ATOM 40  C CA  . HIS A 1 41  ? 3.678   2.169   -7.924  1.00 24.27 ? 41  HIS A CA  1 
ATOM 41  C C   . HIS A 1 41  ? 2.201   1.869   -8.195  1.00 26.35 ? 41  HIS A C   1 
ATOM 42  O O   . HIS A 1 41  ? 1.434   1.569   -7.265  1.00 29.02 ? 41  HIS A O   1 
ATOM 43  C CB  . HIS A 1 41  ? 4.445   0.839   -8.159  1.00 26.11 ? 41  HIS A CB  1 
ATOM 44  C CG  . HIS A 1 41  ? 5.893   0.969   -7.798  1.00 27.58 ? 41  HIS A CG  1 
ATOM 45  N ND1 . HIS A 1 41  ? 6.911   0.974   -8.708  1.00 29.09 ? 41  HIS A ND1 1 
ATOM 46  C CD2 . HIS A 1 41  ? 6.459   1.216   -6.589  1.00 27.70 ? 41  HIS A CD2 1 
ATOM 47  C CE1 . HIS A 1 41  ? 8.060   1.092   -8.068  1.00 32.63 ? 41  HIS A CE1 1 
ATOM 48  N NE2 . HIS A 1 41  ? 7.806   1.307   -6.796  1.00 35.56 ? 41  HIS A NE2 1 
ATOM 49  N N   . GLU A 1 42  ? 1.881   1.781   -9.472  1.00 25.74 ? 42  GLU A N   1 
ATOM 50  C CA  . GLU A 1 42  ? 0.503   1.567   -9.933  1.00 22.69 ? 42  GLU A CA  1 
ATOM 51  C C   . GLU A 1 42  ? 0.155   0.084   -9.918  1.00 20.14 ? 42  GLU A C   1 
ATOM 52  O O   . GLU A 1 42  ? 1.068   -0.749  -9.841  1.00 23.27 ? 42  GLU A O   1 
ATOM 53  C CB  . GLU A 1 42  ? 0.260   2.120   -11.324 1.00 22.36 ? 42  GLU A CB  1 
ATOM 54  C CG  . GLU A 1 42  ? 0.707   3.561   -11.560 1.00 40.60 ? 42  GLU A CG  1 
ATOM 55  C CD  . GLU A 1 42  ? -0.139  4.373   -12.490 1.00 52.30 ? 42  GLU A CD  1 
ATOM 56  O OE1 . GLU A 1 42  ? -1.279  4.088   -12.808 1.00 54.81 ? 42  GLU A OE1 1 
ATOM 57  O OE2 . GLU A 1 42  ? 0.423   5.439   -12.828 1.00 61.59 ? 42  GLU A OE2 1 
ATOM 58  N N   . LEU A 1 43  ? -1.072  -0.167  -9.501  1.00 16.22 ? 43  LEU A N   1 
ATOM 59  C CA  . LEU A 1 43  ? -1.664  -1.493  -9.423  1.00 16.55 ? 43  LEU A CA  1 
ATOM 60  C C   . LEU A 1 43  ? -3.196  -1.340  -9.450  1.00 19.90 ? 43  LEU A C   1 
ATOM 61  O O   . LEU A 1 43  ? -3.760  -0.596  -8.622  1.00 22.05 ? 43  LEU A O   1 
ATOM 62  C CB  . LEU A 1 43  ? -1.200  -2.243  -8.162  1.00 11.74 ? 43  LEU A CB  1 
ATOM 63  C CG  . LEU A 1 43  ? -1.784  -3.655  -8.106  1.00 7.06  ? 43  LEU A CG  1 
ATOM 64  C CD1 . LEU A 1 43  ? -1.161  -4.479  -9.223  1.00 4.33  ? 43  LEU A CD1 1 
ATOM 65  C CD2 . LEU A 1 43  ? -1.636  -4.302  -6.745  1.00 2.00  ? 43  LEU A CD2 1 
ATOM 66  N N   . TYR A 1 44  ? -3.789  -2.079  -10.374 1.00 18.36 ? 44  TYR A N   1 
ATOM 67  C CA  . TYR A 1 44  ? -5.229  -2.026  -10.623 1.00 15.27 ? 44  TYR A CA  1 
ATOM 68  C C   . TYR A 1 44  ? -5.914  -3.352  -10.405 1.00 15.95 ? 44  TYR A C   1 
ATOM 69  O O   . TYR A 1 44  ? -5.371  -4.432  -10.718 1.00 22.46 ? 44  TYR A O   1 
ATOM 70  C CB  . TYR A 1 44  ? -5.541  -1.368  -11.954 1.00 10.83 ? 44  TYR A CB  1 
ATOM 71  C CG  . TYR A 1 44  ? -7.022  -1.258  -12.228 1.00 21.80 ? 44  TYR A CG  1 
ATOM 72  C CD1 . TYR A 1 44  ? -7.807  -2.418  -12.241 1.00 28.25 ? 44  TYR A CD1 1 
ATOM 73  C CD2 . TYR A 1 44  ? -7.666  -0.030  -12.323 1.00 23.64 ? 44  TYR A CD2 1 
ATOM 74  C CE1 . TYR A 1 44  ? -9.169  -2.363  -12.528 1.00 34.01 ? 44  TYR A CE1 1 
ATOM 75  C CE2 . TYR A 1 44  ? -9.049  0.036   -12.478 1.00 32.32 ? 44  TYR A CE2 1 
ATOM 76  C CZ  . TYR A 1 44  ? -9.797  -1.122  -12.613 1.00 36.94 ? 44  TYR A CZ  1 
ATOM 77  O OH  . TYR A 1 44  ? -11.148 -1.028  -12.828 1.00 41.22 ? 44  TYR A OH  1 
ATOM 78  N N   . VAL A 1 45  ? -6.881  -3.351  -9.503  1.00 12.80 ? 45  VAL A N   1 
ATOM 79  C CA  . VAL A 1 45  ? -7.589  -4.592  -9.162  1.00 10.72 ? 45  VAL A CA  1 
ATOM 80  C C   . VAL A 1 45  ? -8.920  -4.669  -9.890  1.00 13.08 ? 45  VAL A C   1 
ATOM 81  O O   . VAL A 1 45  ? -9.603  -3.647  -10.084 1.00 15.49 ? 45  VAL A O   1 
ATOM 82  C CB  . VAL A 1 45  ? -7.633  -4.790  -7.652  1.00 7.69  ? 45  VAL A CB  1 
ATOM 83  C CG1 . VAL A 1 45  ? -8.126  -6.186  -7.269  1.00 2.40  ? 45  VAL A CG1 1 
ATOM 84  C CG2 . VAL A 1 45  ? -6.230  -4.548  -7.073  1.00 11.30 ? 45  VAL A CG2 1 
ATOM 85  N N   . SER A 1 46  ? -9.023  -5.721  -10.692 1.00 12.98 ? 46  SER A N   1 
ATOM 86  C CA  . SER A 1 46  ? -10.277 -5.986  -11.402 1.00 12.12 ? 46  SER A CA  1 
ATOM 87  C C   . SER A 1 46  ? -11.065 -6.962  -10.534 1.00 10.28 ? 46  SER A C   1 
ATOM 88  O O   . SER A 1 46  ? -10.529 -8.054  -10.274 1.00 12.17 ? 46  SER A O   1 
ATOM 89  C CB  . SER A 1 46  ? -10.048 -6.598  -12.772 1.00 16.97 ? 46  SER A CB  1 
ATOM 90  O OG  . SER A 1 46  ? -11.184 -6.293  -13.584 1.00 28.25 ? 46  SER A OG  1 
ATOM 91  N N   . PHE A 1 47  ? -12.162 -6.493  -9.983  1.00 8.65  ? 47  PHE A N   1 
ATOM 92  C CA  . PHE A 1 47  ? -12.989 -7.374  -9.131  1.00 9.76  ? 47  PHE A CA  1 
ATOM 93  C C   . PHE A 1 47  ? -13.118 -8.740  -9.785  1.00 14.32 ? 47  PHE A C   1 
ATOM 94  O O   . PHE A 1 47  ? -12.974 -9.780  -9.118  1.00 16.46 ? 47  PHE A O   1 
ATOM 95  C CB  . PHE A 1 47  ? -14.277 -6.707  -8.694  1.00 11.69 ? 47  PHE A CB  1 
ATOM 96  C CG  . PHE A 1 47  ? -14.074 -5.573  -7.729  1.00 14.12 ? 47  PHE A CG  1 
ATOM 97  C CD1 . PHE A 1 47  ? -13.225 -5.762  -6.627  1.00 15.22 ? 47  PHE A CD1 1 
ATOM 98  C CD2 . PHE A 1 47  ? -14.770 -4.388  -7.852  1.00 9.82  ? 47  PHE A CD2 1 
ATOM 99  C CE1 . PHE A 1 47  ? -12.933 -4.722  -5.761  1.00 12.19 ? 47  PHE A CE1 1 
ATOM 100 C CE2 . PHE A 1 47  ? -14.599 -3.373  -6.898  1.00 17.68 ? 47  PHE A CE2 1 
ATOM 101 C CZ  . PHE A 1 47  ? -13.640 -3.525  -5.889  1.00 13.29 ? 47  PHE A CZ  1 
ATOM 102 N N   . ARG A 1 48  ? -13.137 -8.740  -11.110 1.00 16.03 ? 48  ARG A N   1 
ATOM 103 C CA  . ARG A 1 48  ? -13.165 -9.974  -11.901 1.00 14.00 ? 48  ARG A CA  1 
ATOM 104 C C   . ARG A 1 48  ? -12.058 -10.931 -11.503 1.00 14.38 ? 48  ARG A C   1 
ATOM 105 O O   . ARG A 1 48  ? -12.287 -12.136 -11.372 1.00 16.35 ? 48  ARG A O   1 
ATOM 106 C CB  . ARG A 1 48  ? -13.129 -9.713  -13.400 1.00 16.07 ? 48  ARG A CB  1 
ATOM 107 C CG  . ARG A 1 48  ? -14.508 -9.603  -14.032 1.00 28.90 ? 48  ARG A CG  1 
ATOM 108 C CD  . ARG A 1 48  ? -14.426 -9.391  -15.510 1.00 39.56 ? 48  ARG A CD  1 
ATOM 109 N NE  . ARG A 1 48  ? -15.765 -9.145  -16.045 1.00 51.32 ? 48  ARG A NE  1 
ATOM 110 C CZ  . ARG A 1 48  ? -16.006 -8.828  -17.318 1.00 53.83 ? 48  ARG A CZ  1 
ATOM 111 N NH1 . ARG A 1 48  ? -15.079 -8.995  -18.250 1.00 51.41 ? 48  ARG A NH1 1 
ATOM 112 N NH2 . ARG A 1 48  ? -17.218 -8.384  -17.646 1.00 56.96 ? 48  ARG A NH2 1 
ATOM 113 N N   . ASP A 1 49  ? -10.856 -10.416 -11.392 1.00 18.59 ? 49  ASP A N   1 
ATOM 114 C CA  . ASP A 1 49  ? -9.672  -11.189 -11.030 1.00 22.79 ? 49  ASP A CA  1 
ATOM 115 C C   . ASP A 1 49  ? -9.901  -11.867 -9.672  1.00 25.79 ? 49  ASP A C   1 
ATOM 116 O O   . ASP A 1 49  ? -9.058  -12.746 -9.395  1.00 30.12 ? 49  ASP A O   1 
ATOM 117 C CB  . ASP A 1 49  ? -8.377  -10.381 -10.996 1.00 23.42 ? 49  ASP A CB  1 
ATOM 118 C CG  . ASP A 1 49  ? -8.083  -9.656  -12.293 1.00 31.38 ? 49  ASP A CG  1 
ATOM 119 O OD1 . ASP A 1 49  ? -8.665  -10.006 -13.333 1.00 30.93 ? 49  ASP A OD1 1 
ATOM 120 O OD2 . ASP A 1 49  ? -7.379  -8.630  -12.166 1.00 34.28 ? 49  ASP A OD2 1 
ATOM 121 N N   . LEU A 1 50  ? -10.447 -11.090 -8.749  1.00 27.47 ? 50  LEU A N   1 
ATOM 122 C CA  . LEU A 1 50  ? -10.511 -11.544 -7.345  1.00 29.26 ? 50  LEU A CA  1 
ATOM 123 C C   . LEU A 1 50  ? -11.722 -12.474 -7.162  1.00 30.24 ? 50  LEU A C   1 
ATOM 124 O O   . LEU A 1 50  ? -11.972 -12.848 -6.005  1.00 29.54 ? 50  LEU A O   1 
ATOM 125 C CB  . LEU A 1 50  ? -10.632 -10.324 -6.434  1.00 29.48 ? 50  LEU A CB  1 
ATOM 126 C CG  . LEU A 1 50  ? -9.438  -9.418  -6.218  1.00 26.12 ? 50  LEU A CG  1 
ATOM 127 C CD1 . LEU A 1 50  ? -9.753  -8.496  -5.037  1.00 22.03 ? 50  LEU A CD1 1 
ATOM 128 C CD2 . LEU A 1 50  ? -8.226  -10.294 -5.900  1.00 20.13 ? 50  LEU A CD2 1 
ATOM 129 N N   . GLY A 1 51  ? -12.578 -12.486 -8.162  1.00 31.39 ? 51  GLY A N   1 
ATOM 130 C CA  . GLY A 1 51  ? -13.736 -13.385 -8.200  1.00 32.89 ? 51  GLY A CA  1 
ATOM 131 C C   . GLY A 1 51  ? -14.972 -12.674 -7.662  1.00 35.60 ? 51  GLY A C   1 
ATOM 132 O O   . GLY A 1 51  ? -16.113 -13.136 -7.853  1.00 36.69 ? 51  GLY A O   1 
ATOM 133 N N   . TRP A 1 52  ? -14.720 -11.558 -6.992  1.00 36.20 ? 52  TRP A N   1 
ATOM 134 C CA  . TRP A 1 52  ? -15.829 -10.738 -6.472  1.00 38.66 ? 52  TRP A CA  1 
ATOM 135 C C   . TRP A 1 52  ? -16.631 -10.196 -7.659  1.00 39.73 ? 52  TRP A C   1 
ATOM 136 O O   . TRP A 1 52  ? -17.371 -9.215  -7.542  1.00 39.61 ? 52  TRP A O   1 
ATOM 137 C CB  . TRP A 1 52  ? -15.359 -9.663  -5.533  1.00 44.87 ? 52  TRP A CB  1 
ATOM 138 C CG  . TRP A 1 52  ? -14.403 -9.982  -4.447  1.00 54.62 ? 52  TRP A CG  1 
ATOM 139 C CD1 . TRP A 1 52  ? -14.189 -11.174 -3.821  1.00 56.70 ? 52  TRP A CD1 1 
ATOM 140 C CD2 . TRP A 1 52  ? -13.532 -9.030  -3.789  1.00 58.53 ? 52  TRP A CD2 1 
ATOM 141 N NE1 . TRP A 1 52  ? -13.223 -11.040 -2.853  1.00 61.82 ? 52  TRP A NE1 1 
ATOM 142 C CE2 . TRP A 1 52  ? -12.797 -9.740  -2.819  1.00 60.73 ? 52  TRP A CE2 1 
ATOM 143 C CE3 . TRP A 1 52  ? -13.293 -7.667  -3.967  1.00 54.95 ? 52  TRP A CE3 1 
ATOM 144 C CZ2 . TRP A 1 52  ? -11.871 -9.118  -1.989  1.00 56.06 ? 52  TRP A CZ2 1 
ATOM 145 C CZ3 . TRP A 1 52  ? -12.361 -7.054  -3.161  1.00 51.06 ? 52  TRP A CZ3 1 
ATOM 146 C CH2 . TRP A 1 52  ? -11.652 -7.765  -2.193  1.00 53.13 ? 52  TRP A CH2 1 
ATOM 147 N N   . GLN A 1 53  ? -16.467 -10.845 -8.789  1.00 43.19 ? 53  GLN A N   1 
ATOM 148 C CA  . GLN A 1 53  ? -17.021 -10.413 -10.076 1.00 45.15 ? 53  GLN A CA  1 
ATOM 149 C C   . GLN A 1 53  ? -18.517 -10.131 -9.953  1.00 46.00 ? 53  GLN A C   1 
ATOM 150 O O   . GLN A 1 53  ? -19.051 -9.375  -10.777 1.00 46.47 ? 53  GLN A O   1 
ATOM 151 C CB  . GLN A 1 53  ? -16.796 -11.466 -11.175 1.00 49.21 ? 53  GLN A CB  1 
ATOM 152 C CG  . GLN A 1 53  ? -15.987 -12.663 -10.711 1.00 58.25 ? 53  GLN A CG  1 
ATOM 153 C CD  . GLN A 1 53  ? -15.145 -13.286 -11.805 1.00 66.81 ? 53  GLN A CD  1 
ATOM 154 O OE1 . GLN A 1 53  ? -14.386 -14.243 -11.609 1.00 66.26 ? 53  GLN A OE1 1 
ATOM 155 N NE2 . GLN A 1 53  ? -15.355 -12.773 -13.020 1.00 68.90 ? 53  GLN A NE2 1 
ATOM 156 N N   . ASP A 1 54  ? -19.180 -10.865 -9.080  1.00 47.08 ? 54  ASP A N   1 
ATOM 157 C CA  . ASP A 1 54  ? -20.612 -11.121 -9.097  1.00 48.22 ? 54  ASP A CA  1 
ATOM 158 C C   . ASP A 1 54  ? -21.488 -10.179 -8.295  1.00 49.92 ? 54  ASP A C   1 
ATOM 159 O O   . ASP A 1 54  ? -22.543 -9.721  -8.799  1.00 53.53 ? 54  ASP A O   1 
ATOM 160 C CB  . ASP A 1 54  ? -20.889 -12.602 -8.827  1.00 49.60 ? 54  ASP A CB  1 
ATOM 161 C CG  . ASP A 1 54  ? -19.821 -13.211 -7.927  1.00 50.21 ? 54  ASP A CG  1 
ATOM 162 O OD1 . ASP A 1 54  ? -19.492 -12.617 -6.888  1.00 42.99 ? 54  ASP A OD1 1 
ATOM 163 O OD2 . ASP A 1 54  ? -19.296 -14.264 -8.360  1.00 50.40 ? 54  ASP A OD2 1 
ATOM 164 N N   . TRP A 1 55  ? -21.244 -10.086 -6.997  1.00 48.25 ? 55  TRP A N   1 
ATOM 165 C CA  . TRP A 1 55  ? -22.019 -9.257  -6.091  1.00 45.53 ? 55  TRP A CA  1 
ATOM 166 C C   . TRP A 1 55  ? -21.896 -7.748  -6.305  1.00 42.25 ? 55  TRP A C   1 
ATOM 167 O O   . TRP A 1 55  ? -22.672 -7.043  -5.606  1.00 43.01 ? 55  TRP A O   1 
ATOM 168 C CB  . TRP A 1 55  ? -21.774 -9.561  -4.629  1.00 49.50 ? 55  TRP A CB  1 
ATOM 169 C CG  . TRP A 1 55  ? -21.252 -10.893 -4.252  1.00 56.68 ? 55  TRP A CG  1 
ATOM 170 C CD1 . TRP A 1 55  ? -21.987 -11.955 -3.787  1.00 59.57 ? 55  TRP A CD1 1 
ATOM 171 C CD2 . TRP A 1 55  ? -19.873 -11.185 -3.933  1.00 57.02 ? 55  TRP A CD2 1 
ATOM 172 N NE1 . TRP A 1 55  ? -21.156 -12.899 -3.223  1.00 61.90 ? 55  TRP A NE1 1 
ATOM 173 C CE2 . TRP A 1 55  ? -19.864 -12.440 -3.275  1.00 60.53 ? 55  TRP A CE2 1 
ATOM 174 C CE3 . TRP A 1 55  ? -18.677 -10.515 -4.161  1.00 52.88 ? 55  TRP A CE3 1 
ATOM 175 C CZ2 . TRP A 1 55  ? -18.682 -13.033 -2.840  1.00 57.64 ? 55  TRP A CZ2 1 
ATOM 176 C CZ3 . TRP A 1 55  ? -17.514 -11.068 -3.657  1.00 52.53 ? 55  TRP A CZ3 1 
ATOM 177 C CH2 . TRP A 1 55  ? -17.508 -12.307 -3.017  1.00 51.34 ? 55  TRP A CH2 1 
ATOM 178 N N   . ILE A 1 56  ? -20.756 -7.261  -6.748  1.00 37.28 ? 56  ILE A N   1 
ATOM 179 C CA  . ILE A 1 56  ? -20.444 -5.832  -6.858  1.00 30.82 ? 56  ILE A CA  1 
ATOM 180 C C   . ILE A 1 56  ? -21.066 -5.252  -8.141  1.00 30.61 ? 56  ILE A C   1 
ATOM 181 O O   . ILE A 1 56  ? -20.327 -5.257  -9.148  1.00 34.59 ? 56  ILE A O   1 
ATOM 182 C CB  . ILE A 1 56  ? -18.875 -5.653  -6.992  1.00 23.84 ? 56  ILE A CB  1 
ATOM 183 C CG1 . ILE A 1 56  ? -18.202 -5.810  -5.613  1.00 25.56 ? 56  ILE A CG1 1 
ATOM 184 C CG2 . ILE A 1 56  ? -18.501 -4.311  -7.670  1.00 17.41 ? 56  ILE A CG2 1 
ATOM 185 C CD1 . ILE A 1 56  ? -18.858 -6.944  -4.761  1.00 34.88 ? 56  ILE A CD1 1 
ATOM 186 N N   . ILE A 1 57  ? -22.066 -4.404  -7.982  1.00 26.74 ? 57  ILE A N   1 
ATOM 187 C CA  . ILE A 1 57  ? -22.549 -3.551  -9.066  1.00 22.76 ? 57  ILE A CA  1 
ATOM 188 C C   . ILE A 1 57  ? -21.415 -2.643  -9.574  1.00 20.94 ? 57  ILE A C   1 
ATOM 189 O O   . ILE A 1 57  ? -21.392 -2.366  -10.797 1.00 23.16 ? 57  ILE A O   1 
ATOM 190 C CB  . ILE A 1 57  ? -23.773 -2.673  -8.653  1.00 25.78 ? 57  ILE A CB  1 
ATOM 191 C CG1 . ILE A 1 57  ? -24.953 -3.511  -8.127  1.00 31.03 ? 57  ILE A CG1 1 
ATOM 192 C CG2 . ILE A 1 57  ? -24.206 -1.698  -9.776  1.00 29.41 ? 57  ILE A CG2 1 
ATOM 193 C CD1 . ILE A 1 57  ? -26.214 -2.646  -7.785  1.00 33.85 ? 57  ILE A CD1 1 
ATOM 194 N N   . ALA A 1 58  ? -20.825 -1.886  -8.652  1.00 16.83 ? 58  ALA A N   1 
ATOM 195 C CA  . ALA A 1 58  ? -19.870 -0.848  -9.042  1.00 16.83 ? 58  ALA A CA  1 
ATOM 196 C C   . ALA A 1 58  ? -18.829 -0.646  -7.962  1.00 17.85 ? 58  ALA A C   1 
ATOM 197 O O   . ALA A 1 58  ? -19.379 -0.612  -6.849  1.00 18.64 ? 58  ALA A O   1 
ATOM 198 C CB  . ALA A 1 58  ? -20.465 0.449   -9.518  1.00 11.13 ? 58  ALA A CB  1 
ATOM 199 N N   . PRO A 1 59  ? -17.658 -0.157  -8.326  1.00 15.63 ? 59  PRO A N   1 
ATOM 200 C CA  . PRO A 1 59  ? -17.015 -0.274  -9.623  1.00 15.07 ? 59  PRO A CA  1 
ATOM 201 C C   . PRO A 1 59  ? -16.578 -1.645  -10.077 1.00 17.14 ? 59  PRO A C   1 
ATOM 202 O O   . PRO A 1 59  ? -16.780 -2.678  -9.416  1.00 17.02 ? 59  PRO A O   1 
ATOM 203 C CB  . PRO A 1 59  ? -15.874 0.723   -9.532  1.00 11.66 ? 59  PRO A CB  1 
ATOM 204 C CG  . PRO A 1 59  ? -15.387 0.570   -8.118  1.00 6.76  ? 59  PRO A CG  1 
ATOM 205 C CD  . PRO A 1 59  ? -16.563 0.013   -7.360  1.00 12.66 ? 59  PRO A CD  1 
ATOM 206 N N   . GLU A 1 60  ? -15.994 -1.685  -11.286 1.00 18.84 ? 60  GLU A N   1 
ATOM 207 C CA  . GLU A 1 60  ? -15.395 -2.940  -11.749 1.00 23.60 ? 60  GLU A CA  1 
ATOM 208 C C   . GLU A 1 60  ? -14.219 -3.364  -10.852 1.00 23.87 ? 60  GLU A C   1 
ATOM 209 O O   . GLU A 1 60  ? -14.029 -4.548  -10.562 1.00 24.53 ? 60  GLU A O   1 
ATOM 210 C CB  . GLU A 1 60  ? -14.811 -2.978  -13.165 1.00 27.59 ? 60  GLU A CB  1 
ATOM 211 C CG  . GLU A 1 60  ? -13.689 -4.038  -13.249 1.00 42.97 ? 60  GLU A CG  1 
ATOM 212 C CD  . GLU A 1 60  ? -12.797 -4.029  -14.447 1.00 50.51 ? 60  GLU A CD  1 
ATOM 213 O OE1 . GLU A 1 60  ? -11.763 -3.386  -14.548 1.00 46.04 ? 60  GLU A OE1 1 
ATOM 214 O OE2 . GLU A 1 60  ? -13.156 -4.893  -15.290 1.00 56.62 ? 60  GLU A OE2 1 
ATOM 215 N N   . GLY A 1 61  ? -13.269 -2.458  -10.762 1.00 25.91 ? 61  GLY A N   1 
ATOM 216 C CA  . GLY A 1 61  ? -12.044 -2.605  -9.965  1.00 25.34 ? 61  GLY A CA  1 
ATOM 217 C C   . GLY A 1 61  ? -11.612 -1.225  -9.477  1.00 22.80 ? 61  GLY A C   1 
ATOM 218 O O   . GLY A 1 61  ? -12.396 -0.274  -9.605  1.00 24.34 ? 61  GLY A O   1 
ATOM 219 N N   . TYR A 1 62  ? -10.362 -1.114  -9.064  1.00 21.49 ? 62  TYR A N   1 
ATOM 220 C CA  . TYR A 1 62  ? -9.879  0.186   -8.555  1.00 22.30 ? 62  TYR A CA  1 
ATOM 221 C C   . TYR A 1 62  ? -8.365  0.298   -8.600  1.00 24.56 ? 62  TYR A C   1 
ATOM 222 O O   . TYR A 1 62  ? -7.654  -0.618  -9.039  1.00 27.57 ? 62  TYR A O   1 
ATOM 223 C CB  . TYR A 1 62  ? -10.442 0.377   -7.139  1.00 17.44 ? 62  TYR A CB  1 
ATOM 224 C CG  . TYR A 1 62  ? -9.909  -0.631  -6.156  1.00 13.50 ? 62  TYR A CG  1 
ATOM 225 C CD1 . TYR A 1 62  ? -10.516 -1.875  -5.955  1.00 18.34 ? 62  TYR A CD1 1 
ATOM 226 C CD2 . TYR A 1 62  ? -8.874  -0.269  -5.298  1.00 17.45 ? 62  TYR A CD2 1 
ATOM 227 C CE1 . TYR A 1 62  ? -9.999  -2.797  -5.033  1.00 19.00 ? 62  TYR A CE1 1 
ATOM 228 C CE2 . TYR A 1 62  ? -8.415  -1.126  -4.300  1.00 18.28 ? 62  TYR A CE2 1 
ATOM 229 C CZ  . TYR A 1 62  ? -8.943  -2.404  -4.216  1.00 21.06 ? 62  TYR A CZ  1 
ATOM 230 O OH  . TYR A 1 62  ? -8.351  -3.255  -3.323  1.00 35.18 ? 62  TYR A OH  1 
ATOM 231 N N   . ALA A 1 63  ? -7.891  1.498   -8.294  1.00 22.11 ? 63  ALA A N   1 
ATOM 232 C CA  . ALA A 1 63  ? -6.446  1.775   -8.161  1.00 15.49 ? 63  ALA A CA  1 
ATOM 233 C C   . ALA A 1 63  ? -6.033  1.493   -6.718  1.00 14.86 ? 63  ALA A C   1 
ATOM 234 O O   . ALA A 1 63  ? -6.498  2.197   -5.803  1.00 18.60 ? 63  ALA A O   1 
ATOM 235 C CB  . ALA A 1 63  ? -6.190  3.232   -8.524  1.00 4.66  ? 63  ALA A CB  1 
ATOM 236 N N   . ALA A 1 64  ? -5.294  0.420   -6.519  1.00 13.27 ? 64  ALA A N   1 
ATOM 237 C CA  . ALA A 1 64  ? -4.895  0.019   -5.158  1.00 14.75 ? 64  ALA A CA  1 
ATOM 238 C C   . ALA A 1 64  ? -3.499  0.586   -4.854  1.00 16.07 ? 64  ALA A C   1 
ATOM 239 O O   . ALA A 1 64  ? -3.065  0.679   -3.700  1.00 16.59 ? 64  ALA A O   1 
ATOM 240 C CB  . ALA A 1 64  ? -4.851  -1.504  -5.095  1.00 15.71 ? 64  ALA A CB  1 
ATOM 241 N N   . TYR A 1 65  ? -2.723  0.619   -5.920  1.00 15.98 ? 65  TYR A N   1 
ATOM 242 C CA  . TYR A 1 65  ? -1.301  1.022   -5.840  1.00 10.29 ? 65  TYR A CA  1 
ATOM 243 C C   . TYR A 1 65  ? -0.560  0.015   -4.978  1.00 8.17  ? 65  TYR A C   1 
ATOM 244 O O   . TYR A 1 65  ? -1.143  -0.881  -4.336  1.00 3.29  ? 65  TYR A O   1 
ATOM 245 C CB  . TYR A 1 65  ? -1.310  2.445   -5.245  1.00 12.79 ? 65  TYR A CB  1 
ATOM 246 C CG  . TYR A 1 65  ? -1.888  3.470   -6.199  1.00 18.08 ? 65  TYR A CG  1 
ATOM 247 C CD1 . TYR A 1 65  ? -1.235  3.781   -7.392  1.00 17.38 ? 65  TYR A CD1 1 
ATOM 248 C CD2 . TYR A 1 65  ? -3.094  4.099   -5.925  1.00 18.80 ? 65  TYR A CD2 1 
ATOM 249 C CE1 . TYR A 1 65  ? -1.813  4.634   -8.331  1.00 19.85 ? 65  TYR A CE1 1 
ATOM 250 C CE2 . TYR A 1 65  ? -3.687  4.960   -6.841  1.00 19.58 ? 65  TYR A CE2 1 
ATOM 251 C CZ  . TYR A 1 65  ? -3.047  5.221   -8.044  1.00 25.66 ? 65  TYR A CZ  1 
ATOM 252 O OH  . TYR A 1 65  ? -3.638  6.107   -8.910  1.00 33.34 ? 65  TYR A OH  1 
ATOM 253 N N   . TYR A 1 66  ? 0.742   0.178   -4.922  1.00 12.75 ? 66  TYR A N   1 
ATOM 254 C CA  . TYR A 1 66  ? 1.572   -0.633  -4.000  1.00 16.55 ? 66  TYR A CA  1 
ATOM 255 C C   . TYR A 1 66  ? 2.907   0.074   -3.793  1.00 15.74 ? 66  TYR A C   1 
ATOM 256 O O   . TYR A 1 66  ? 3.288   0.902   -4.646  1.00 14.92 ? 66  TYR A O   1 
ATOM 257 C CB  . TYR A 1 66  ? 1.710   -2.068  -4.493  1.00 18.70 ? 66  TYR A CB  1 
ATOM 258 C CG  . TYR A 1 66  ? 2.635   -2.281  -5.669  1.00 19.12 ? 66  TYR A CG  1 
ATOM 259 C CD1 . TYR A 1 66  ? 2.224   -1.979  -6.965  1.00 28.39 ? 66  TYR A CD1 1 
ATOM 260 C CD2 . TYR A 1 66  ? 3.850   -2.941  -5.519  1.00 18.55 ? 66  TYR A CD2 1 
ATOM 261 C CE1 . TYR A 1 66  ? 3.042   -2.215  -8.065  1.00 31.86 ? 66  TYR A CE1 1 
ATOM 262 C CE2 . TYR A 1 66  ? 4.718   -3.114  -6.589  1.00 19.99 ? 66  TYR A CE2 1 
ATOM 263 C CZ  . TYR A 1 66  ? 4.340   -2.674  -7.849  1.00 25.15 ? 66  TYR A CZ  1 
ATOM 264 O OH  . TYR A 1 66  ? 5.175   -2.901  -8.899  1.00 32.60 ? 66  TYR A OH  1 
ATOM 265 N N   . CYS A 1 67  ? 3.454   -0.108  -2.609  1.00 14.81 ? 67  CYS A N   1 
ATOM 266 C CA  . CYS A 1 67  ? 4.788   0.449   -2.270  1.00 14.92 ? 67  CYS A CA  1 
ATOM 267 C C   . CYS A 1 67  ? 5.865   -0.577  -2.671  1.00 16.79 ? 67  CYS A C   1 
ATOM 268 O O   . CYS A 1 67  ? 5.912   -1.707  -2.149  1.00 11.23 ? 67  CYS A O   1 
ATOM 269 C CB  . CYS A 1 67  ? 4.876   0.649   -0.740  1.00 13.56 ? 67  CYS A CB  1 
ATOM 270 S SG  . CYS A 1 67  ? 3.780   2.015   -0.221  1.00 9.72  ? 67  CYS A SG  1 
ATOM 271 N N   . GLU A 1 68  ? 6.832   -0.049  -3.414  1.00 19.09 ? 68  GLU A N   1 
ATOM 272 C CA  . GLU A 1 68  ? 8.063   -0.812  -3.653  1.00 21.02 ? 68  GLU A CA  1 
ATOM 273 C C   . GLU A 1 68  ? 9.247   0.119   -3.864  1.00 25.23 ? 68  GLU A C   1 
ATOM 274 O O   . GLU A 1 68  ? 9.138   1.173   -4.514  1.00 29.10 ? 68  GLU A O   1 
ATOM 275 C CB  . GLU A 1 68  ? 7.953   -1.710  -4.875  1.00 16.59 ? 68  GLU A CB  1 
ATOM 276 C CG  . GLU A 1 68  ? 8.857   -2.943  -4.872  1.00 20.23 ? 68  GLU A CG  1 
ATOM 277 C CD  . GLU A 1 68  ? 9.010   -3.612  -6.205  1.00 25.85 ? 68  GLU A CD  1 
ATOM 278 O OE1 . GLU A 1 68  ? 8.733   -3.060  -7.259  1.00 29.52 ? 68  GLU A OE1 1 
ATOM 279 O OE2 . GLU A 1 68  ? 9.311   -4.821  -6.081  1.00 27.39 ? 68  GLU A OE2 1 
ATOM 280 N N   . GLY A 1 69  ? 10.402  -0.427  -3.517  1.00 24.50 ? 69  GLY A N   1 
ATOM 281 C CA  . GLY A 1 69  ? 11.674  0.294   -3.735  1.00 24.88 ? 69  GLY A CA  1 
ATOM 282 C C   . GLY A 1 69  ? 12.580  0.005   -2.540  1.00 25.89 ? 69  GLY A C   1 
ATOM 283 O O   . GLY A 1 69  ? 12.183  -0.706  -1.596  1.00 25.63 ? 69  GLY A O   1 
ATOM 284 N N   . GLU A 1 70  ? 13.734  0.654   -2.592  1.00 27.14 ? 70  GLU A N   1 
ATOM 285 C CA  . GLU A 1 70  ? 14.751  0.418   -1.563  1.00 27.47 ? 70  GLU A CA  1 
ATOM 286 C C   . GLU A 1 70  ? 14.781  1.593   -0.580  1.00 24.65 ? 70  GLU A C   1 
ATOM 287 O O   . GLU A 1 70  ? 14.777  2.728   -1.057  1.00 24.81 ? 70  GLU A O   1 
ATOM 288 C CB  . GLU A 1 70  ? 16.156  0.309   -2.147  1.00 32.62 ? 70  GLU A CB  1 
ATOM 289 C CG  . GLU A 1 70  ? 17.041  -0.751  -1.488  1.00 41.92 ? 70  GLU A CG  1 
ATOM 290 C CD  . GLU A 1 70  ? 18.374  -0.965  -2.147  1.00 52.94 ? 70  GLU A CD  1 
ATOM 291 O OE1 . GLU A 1 70  ? 18.904  -0.154  -2.893  1.00 49.85 ? 70  GLU A OE1 1 
ATOM 292 O OE2 . GLU A 1 70  ? 18.841  -2.074  -1.803  1.00 57.98 ? 70  GLU A OE2 1 
ATOM 293 N N   . CYS A 1 71  ? 15.109  1.224   0.646   1.00 23.53 ? 71  CYS A N   1 
ATOM 294 C CA  . CYS A 1 71  ? 15.357  2.130   1.759   1.00 21.71 ? 71  CYS A CA  1 
ATOM 295 C C   . CYS A 1 71  ? 16.803  2.115   2.254   1.00 20.57 ? 71  CYS A C   1 
ATOM 296 O O   . CYS A 1 71  ? 17.156  1.362   3.171   1.00 20.06 ? 71  CYS A O   1 
ATOM 297 C CB  . CYS A 1 71  ? 14.437  1.782   2.931   1.00 17.98 ? 71  CYS A CB  1 
ATOM 298 S SG  . CYS A 1 71  ? 12.745  2.136   2.525   1.00 14.43 ? 71  CYS A SG  1 
ATOM 299 N N   . ALA A 1 72  ? 17.539  3.041   1.685   1.00 18.15 ? 72  ALA A N   1 
ATOM 300 C CA  . ALA A 1 72  ? 18.982  3.161   1.949   1.00 20.49 ? 72  ALA A CA  1 
ATOM 301 C C   . ALA A 1 72  ? 19.377  4.604   1.662   1.00 21.77 ? 72  ALA A C   1 
ATOM 302 O O   . ALA A 1 72  ? 18.577  5.377   1.101   1.00 21.86 ? 72  ALA A O   1 
ATOM 303 C CB  . ALA A 1 72  ? 19.711  2.166   1.058   1.00 26.83 ? 72  ALA A CB  1 
ATOM 304 N N   . PHE A 1 73  ? 20.514  4.979   2.225   1.00 22.70 ? 73  PHE A N   1 
ATOM 305 C CA  . PHE A 1 73  ? 20.949  6.399   2.065   1.00 20.49 ? 73  PHE A CA  1 
ATOM 306 C C   . PHE A 1 73  ? 21.262  6.624   0.601   1.00 18.01 ? 73  PHE A C   1 
ATOM 307 O O   . PHE A 1 73  ? 21.552  5.542   0.043   1.00 19.57 ? 73  PHE A O   1 
ATOM 308 C CB  . PHE A 1 73  ? 22.076  6.736   3.024   1.00 16.10 ? 73  PHE A CB  1 
ATOM 309 C CG  . PHE A 1 73  ? 21.920  6.323   4.461   1.00 4.29  ? 73  PHE A CG  1 
ATOM 310 C CD1 . PHE A 1 73  ? 21.135  7.081   5.316   1.00 5.30  ? 73  PHE A CD1 1 
ATOM 311 C CD2 . PHE A 1 73  ? 22.787  5.392   5.021   1.00 3.42  ? 73  PHE A CD2 1 
ATOM 312 C CE1 . PHE A 1 73  ? 21.067  6.807   6.674   1.00 7.03  ? 73  PHE A CE1 1 
ATOM 313 C CE2 . PHE A 1 73  ? 22.669  5.011   6.357   1.00 9.04  ? 73  PHE A CE2 1 
ATOM 314 C CZ  . PHE A 1 73  ? 21.808  5.737   7.195   1.00 13.43 ? 73  PHE A CZ  1 
ATOM 315 N N   . PRO A 1 74  ? 20.762  7.644   -0.047  1.00 17.10 ? 74  PRO A N   1 
ATOM 316 C CA  . PRO A 1 74  ? 20.247  8.873   0.553   1.00 19.52 ? 74  PRO A CA  1 
ATOM 317 C C   . PRO A 1 74  ? 18.805  8.517   0.965   1.00 22.54 ? 74  PRO A C   1 
ATOM 318 O O   . PRO A 1 74  ? 18.151  7.866   0.136   1.00 26.38 ? 74  PRO A O   1 
ATOM 319 C CB  . PRO A 1 74  ? 20.173  9.925   -0.542  1.00 18.52 ? 74  PRO A CB  1 
ATOM 320 C CG  . PRO A 1 74  ? 21.051  9.392   -1.634  1.00 22.65 ? 74  PRO A CG  1 
ATOM 321 C CD  . PRO A 1 74  ? 21.003  7.890   -1.470  1.00 20.16 ? 74  PRO A CD  1 
ATOM 322 N N   . LEU A 1 75  ? 18.531  8.703   2.236   1.00 23.43 ? 75  LEU A N   1 
ATOM 323 C CA  . LEU A 1 75  ? 17.135  8.694   2.708   1.00 22.95 ? 75  LEU A CA  1 
ATOM 324 C C   . LEU A 1 75  ? 16.598  10.117  2.543   1.00 28.20 ? 75  LEU A C   1 
ATOM 325 O O   . LEU A 1 75  ? 16.455  10.861  3.531   1.00 28.97 ? 75  LEU A O   1 
ATOM 326 C CB  . LEU A 1 75  ? 17.129  8.173   4.144   1.00 16.15 ? 75  LEU A CB  1 
ATOM 327 C CG  . LEU A 1 75  ? 16.401  6.864   4.409   1.00 15.93 ? 75  LEU A CG  1 
ATOM 328 C CD1 . LEU A 1 75  ? 16.687  5.901   3.254   1.00 23.06 ? 75  LEU A CD1 1 
ATOM 329 C CD2 . LEU A 1 75  ? 16.903  6.245   5.708   1.00 18.61 ? 75  LEU A CD2 1 
ATOM 330 N N   . ASN A 1 76  ? 16.307  10.470  1.295   1.00 34.35 ? 76  ASN A N   1 
ATOM 331 C CA  . ASN A 1 76  ? 15.617  11.739  1.006   1.00 42.69 ? 76  ASN A CA  1 
ATOM 332 C C   . ASN A 1 76  ? 14.303  11.821  1.791   1.00 45.64 ? 76  ASN A C   1 
ATOM 333 O O   . ASN A 1 76  ? 13.630  10.825  2.095   1.00 45.79 ? 76  ASN A O   1 
ATOM 334 C CB  . ASN A 1 76  ? 15.454  12.030  -0.477  1.00 50.30 ? 76  ASN A CB  1 
ATOM 335 C CG  . ASN A 1 76  ? 16.426  11.255  -1.351  1.00 53.73 ? 76  ASN A CG  1 
ATOM 336 O OD1 . ASN A 1 76  ? 17.122  11.819  -2.205  1.00 56.15 ? 76  ASN A OD1 1 
ATOM 337 N ND2 . ASN A 1 76  ? 16.549  9.968   -1.025  1.00 58.64 ? 76  ASN A ND2 1 
ATOM 338 N N   . SER A 1 77  ? 13.907  13.067  1.981   1.00 47.34 ? 77  SER A N   1 
ATOM 339 C CA  . SER A 1 77  ? 12.753  13.449  2.803   1.00 46.12 ? 77  SER A CA  1 
ATOM 340 C C   . SER A 1 77  ? 11.447  13.036  2.136   1.00 47.28 ? 77  SER A C   1 
ATOM 341 O O   . SER A 1 77  ? 10.476  12.676  2.833   1.00 48.67 ? 77  SER A O   1 
ATOM 342 C CB  . SER A 1 77  ? 12.794  14.958  3.030   1.00 42.24 ? 77  SER A CB  1 
ATOM 343 O OG  . SER A 1 77  ? 13.132  15.600  1.808   1.00 40.42 ? 77  SER A OG  1 
ATOM 344 N N   . TYR A 1 78  ? 11.373  13.245  0.825   1.00 47.65 ? 78  TYR A N   1 
ATOM 345 C CA  . TYR A 1 78  ? 10.156  12.838  0.106   1.00 48.66 ? 78  TYR A CA  1 
ATOM 346 C C   . TYR A 1 78  ? 10.212  11.345  -0.205  1.00 43.10 ? 78  TYR A C   1 
ATOM 347 O O   . TYR A 1 78  ? 10.100  10.957  -1.374  1.00 44.03 ? 78  TYR A O   1 
ATOM 348 C CB  . TYR A 1 78  ? 9.684   13.734  -1.023  1.00 59.16 ? 78  TYR A CB  1 
ATOM 349 C CG  . TYR A 1 78  ? 8.844   14.913  -0.554  1.00 74.20 ? 78  TYR A CG  1 
ATOM 350 C CD1 . TYR A 1 78  ? 8.634   15.122  0.816   1.00 78.90 ? 78  TYR A CD1 1 
ATOM 351 C CD2 . TYR A 1 78  ? 8.361   15.871  -1.444  1.00 78.19 ? 78  TYR A CD2 1 
ATOM 352 C CE1 . TYR A 1 78  ? 7.930   16.230  1.279   1.00 84.16 ? 78  TYR A CE1 1 
ATOM 353 C CE2 . TYR A 1 78  ? 7.661   16.991  -0.997  1.00 83.28 ? 78  TYR A CE2 1 
ATOM 354 C CZ  . TYR A 1 78  ? 7.453   17.171  0.365   1.00 85.83 ? 78  TYR A CZ  1 
ATOM 355 O OH  . TYR A 1 78  ? 6.823   18.311  0.792   1.00 85.89 ? 78  TYR A OH  1 
ATOM 356 N N   . MET A 1 79  ? 10.560  10.633  0.842   1.00 34.25 ? 79  MET A N   1 
ATOM 357 C CA  . MET A 1 79  ? 10.888  9.204   0.910   1.00 25.08 ? 79  MET A CA  1 
ATOM 358 C C   . MET A 1 79  ? 10.566  8.803   2.362   1.00 20.10 ? 79  MET A C   1 
ATOM 359 O O   . MET A 1 79  ? 10.655  7.645   2.760   1.00 17.49 ? 79  MET A O   1 
ATOM 360 C CB  . MET A 1 79  ? 12.348  8.932   0.580   1.00 22.53 ? 79  MET A CB  1 
ATOM 361 C CG  . MET A 1 79  ? 12.768  7.531   0.901   1.00 26.34 ? 79  MET A CG  1 
ATOM 362 S SD  . MET A 1 79  ? 14.327  7.170   -0.027  1.00 29.00 ? 79  MET A SD  1 
ATOM 363 C CE  . MET A 1 79  ? 13.890  7.895   -1.603  1.00 20.67 ? 79  MET A CE  1 
ATOM 364 N N   . ASN A 1 80  ? 9.997   9.788   3.024   1.00 20.72 ? 80  ASN A N   1 
ATOM 365 C CA  . ASN A 1 80  ? 9.443   9.709   4.369   1.00 23.89 ? 80  ASN A CA  1 
ATOM 366 C C   . ASN A 1 80  ? 10.054  8.566   5.159   1.00 23.03 ? 80  ASN A C   1 
ATOM 367 O O   . ASN A 1 80  ? 9.481   7.469   5.208   1.00 24.58 ? 80  ASN A O   1 
ATOM 368 C CB  . ASN A 1 80  ? 7.918   9.770   4.408   1.00 33.08 ? 80  ASN A CB  1 
ATOM 369 C CG  . ASN A 1 80  ? 7.309   9.397   5.752   1.00 46.30 ? 80  ASN A CG  1 
ATOM 370 O OD1 . ASN A 1 80  ? 7.486   8.282   6.281   1.00 44.92 ? 80  ASN A OD1 1 
ATOM 371 N ND2 . ASN A 1 80  ? 6.522   10.316  6.334   1.00 49.29 ? 80  ASN A ND2 1 
ATOM 372 N N   . ALA A 1 81  ? 11.057  8.884   5.951   1.00 24.70 ? 81  ALA A N   1 
ATOM 373 C CA  . ALA A 1 81  ? 11.703  7.848   6.801   1.00 22.74 ? 81  ALA A CA  1 
ATOM 374 C C   . ALA A 1 81  ? 11.460  8.279   8.245   1.00 21.78 ? 81  ALA A C   1 
ATOM 375 O O   . ALA A 1 81  ? 11.463  9.504   8.465   1.00 25.59 ? 81  ALA A O   1 
ATOM 376 C CB  . ALA A 1 81  ? 13.186  7.795   6.455   1.00 19.18 ? 81  ALA A CB  1 
ATOM 377 N N   . THR A 1 82  ? 11.184  7.342   9.132   1.00 17.43 ? 82  THR A N   1 
ATOM 378 C CA  . THR A 1 82  ? 11.130  7.709   10.557  1.00 16.73 ? 82  THR A CA  1 
ATOM 379 C C   . THR A 1 82  ? 12.550  7.703   11.121  1.00 21.40 ? 82  THR A C   1 
ATOM 380 O O   . THR A 1 82  ? 13.469  7.210   10.447  1.00 25.92 ? 82  THR A O   1 
ATOM 381 C CB  . THR A 1 82  ? 10.210  6.733   11.371  1.00 13.88 ? 82  THR A CB  1 
ATOM 382 O OG1 . THR A 1 82  ? 10.718  5.396   11.134  1.00 7.95  ? 82  THR A OG1 1 
ATOM 383 C CG2 . THR A 1 82  ? 8.722   6.914   11.111  1.00 14.83 ? 82  THR A CG2 1 
ATOM 384 N N   . ASN A 1 83  ? 12.660  8.042   12.392  1.00 21.15 ? 83  ASN A N   1 
ATOM 385 C CA  . ASN A 1 83  ? 13.960  8.115   13.068  1.00 18.89 ? 83  ASN A CA  1 
ATOM 386 C C   . ASN A 1 83  ? 14.549  6.705   13.130  1.00 18.03 ? 83  ASN A C   1 
ATOM 387 O O   . ASN A 1 83  ? 15.713  6.464   12.823  1.00 21.40 ? 83  ASN A O   1 
ATOM 388 C CB  . ASN A 1 83  ? 13.849  8.725   14.465  1.00 23.25 ? 83  ASN A CB  1 
ATOM 389 C CG  . ASN A 1 83  ? 13.776  10.247  14.410  1.00 23.91 ? 83  ASN A CG  1 
ATOM 390 O OD1 . ASN A 1 83  ? 14.069  10.821  13.352  1.00 24.72 ? 83  ASN A OD1 1 
ATOM 391 N ND2 . ASN A 1 83  ? 13.191  10.814  15.455  1.00 24.06 ? 83  ASN A ND2 1 
ATOM 392 N N   . HIS A 1 84  ? 13.700  5.828   13.613  1.00 16.50 ? 84  HIS A N   1 
ATOM 393 C CA  . HIS A 1 84  ? 14.062  4.398   13.705  1.00 14.83 ? 84  HIS A CA  1 
ATOM 394 C C   . HIS A 1 84  ? 14.621  3.916   12.374  1.00 17.13 ? 84  HIS A C   1 
ATOM 395 O O   . HIS A 1 84  ? 15.723  3.332   12.319  1.00 17.90 ? 84  HIS A O   1 
ATOM 396 C CB  . HIS A 1 84  ? 12.944  3.529   14.269  1.00 6.40  ? 84  HIS A CB  1 
ATOM 397 C CG  . HIS A 1 84  ? 13.357  2.120   14.505  1.00 5.38  ? 84  HIS A CG  1 
ATOM 398 N ND1 . HIS A 1 84  ? 13.595  1.203   13.509  1.00 4.32  ? 84  HIS A ND1 1 
ATOM 399 C CD2 . HIS A 1 84  ? 13.481  1.455   15.688  1.00 6.90  ? 84  HIS A CD2 1 
ATOM 400 C CE1 . HIS A 1 84  ? 13.940  0.058   14.084  1.00 9.58  ? 84  HIS A CE1 1 
ATOM 401 N NE2 . HIS A 1 84  ? 13.865  0.163   15.403  1.00 3.11  ? 84  HIS A NE2 1 
ATOM 402 N N   . ALA A 1 85  ? 14.045  4.417   11.286  1.00 16.69 ? 85  ALA A N   1 
ATOM 403 C CA  . ALA A 1 85  ? 14.443  4.051   9.934   1.00 16.97 ? 85  ALA A CA  1 
ATOM 404 C C   . ALA A 1 85  ? 15.897  4.446   9.680   1.00 19.18 ? 85  ALA A C   1 
ATOM 405 O O   . ALA A 1 85  ? 16.514  3.847   8.771   1.00 25.32 ? 85  ALA A O   1 
ATOM 406 C CB  . ALA A 1 85  ? 13.541  4.651   8.866   1.00 17.56 ? 85  ALA A CB  1 
ATOM 407 N N   . ILE A 1 86  ? 16.262  5.641   10.137  1.00 15.53 ? 86  ILE A N   1 
ATOM 408 C CA  . ILE A 1 86  ? 17.639  6.100   9.961   1.00 12.35 ? 86  ILE A CA  1 
ATOM 409 C C   . ILE A 1 86  ? 18.617  5.253   10.782  1.00 12.15 ? 86  ILE A C   1 
ATOM 410 O O   . ILE A 1 86  ? 19.629  4.774   10.244  1.00 16.77 ? 86  ILE A O   1 
ATOM 411 C CB  . ILE A 1 86  ? 17.831  7.611   10.247  1.00 10.33 ? 86  ILE A CB  1 
ATOM 412 C CG1 . ILE A 1 86  ? 17.050  8.452   9.227   1.00 15.37 ? 86  ILE A CG1 1 
ATOM 413 C CG2 . ILE A 1 86  ? 19.338  7.968   10.323  1.00 9.97  ? 86  ILE A CG2 1 
ATOM 414 C CD1 . ILE A 1 86  ? 16.788  9.908   9.672   1.00 11.80 ? 86  ILE A CD1 1 
ATOM 415 N N   . VAL A 1 87  ? 18.387  5.193   12.075  1.00 6.77  ? 87  VAL A N   1 
ATOM 416 C CA  . VAL A 1 87  ? 19.211  4.362   12.952  1.00 3.86  ? 87  VAL A CA  1 
ATOM 417 C C   . VAL A 1 87  ? 19.406  3.009   12.262  1.00 9.66  ? 87  VAL A C   1 
ATOM 418 O O   . VAL A 1 87  ? 20.525  2.649   11.868  1.00 13.54 ? 87  VAL A O   1 
ATOM 419 C CB  . VAL A 1 87  ? 18.550  4.194   14.329  1.00 4.10  ? 87  VAL A CB  1 
ATOM 420 C CG1 . VAL A 1 87  ? 18.916  2.836   14.896  1.00 6.84  ? 87  VAL A CG1 1 
ATOM 421 C CG2 . VAL A 1 87  ? 18.825  5.319   15.287  1.00 5.45  ? 87  VAL A CG2 1 
ATOM 422 N N   . GLN A 1 88  ? 18.294  2.364   11.964  1.00 14.11 ? 88  GLN A N   1 
ATOM 423 C CA  . GLN A 1 88  ? 18.299  1.003   11.399  1.00 12.42 ? 88  GLN A CA  1 
ATOM 424 C C   . GLN A 1 88  ? 18.965  0.985   10.036  1.00 9.84  ? 88  GLN A C   1 
ATOM 425 O O   . GLN A 1 88  ? 19.881  0.189   9.775   1.00 11.94 ? 88  GLN A O   1 
ATOM 426 C CB  . GLN A 1 88  ? 16.992  0.257   11.442  1.00 15.51 ? 88  GLN A CB  1 
ATOM 427 C CG  . GLN A 1 88  ? 16.694  -0.576  10.214  1.00 19.62 ? 88  GLN A CG  1 
ATOM 428 C CD  . GLN A 1 88  ? 15.641  -1.634  10.457  1.00 13.59 ? 88  GLN A CD  1 
ATOM 429 O OE1 . GLN A 1 88  ? 15.011  -1.649  11.497  1.00 25.40 ? 88  GLN A OE1 1 
ATOM 430 N NE2 . GLN A 1 88  ? 15.355  -2.405  9.421   1.00 14.45 ? 88  GLN A NE2 1 
ATOM 431 N N   . THR A 1 89  ? 18.647  2.002   9.231   1.00 5.58  ? 89  THR A N   1 
ATOM 432 C CA  . THR A 1 89  ? 19.384  2.051   7.956   1.00 6.26  ? 89  THR A CA  1 
ATOM 433 C C   . THR A 1 89  ? 20.875  2.142   8.274   1.00 13.45 ? 89  THR A C   1 
ATOM 434 O O   . THR A 1 89  ? 21.670  1.833   7.374   1.00 20.72 ? 89  THR A O   1 
ATOM 435 C CB  . THR A 1 89  ? 18.943  3.184   6.969   1.00 2.92  ? 89  THR A CB  1 
ATOM 436 O OG1 . THR A 1 89  ? 17.636  2.780   6.483   1.00 8.18  ? 89  THR A OG1 1 
ATOM 437 C CG2 . THR A 1 89  ? 19.920  3.339   5.787   1.00 5.18  ? 89  THR A CG2 1 
ATOM 438 N N   . LEU A 1 90  ? 21.233  2.714   9.409   1.00 14.43 ? 90  LEU A N   1 
ATOM 439 C CA  . LEU A 1 90  ? 22.647  3.060   9.681   1.00 13.47 ? 90  LEU A CA  1 
ATOM 440 C C   . LEU A 1 90  ? 23.343  1.844   10.291  1.00 13.64 ? 90  LEU A C   1 
ATOM 441 O O   . LEU A 1 90  ? 24.247  1.280   9.663   1.00 16.98 ? 90  LEU A O   1 
ATOM 442 C CB  . LEU A 1 90  ? 22.727  4.259   10.636  1.00 14.62 ? 90  LEU A CB  1 
ATOM 443 C CG  . LEU A 1 90  ? 24.152  4.566   11.115  1.00 13.82 ? 90  LEU A CG  1 
ATOM 444 C CD1 . LEU A 1 90  ? 24.879  5.299   10.000  1.00 10.92 ? 90  LEU A CD1 1 
ATOM 445 C CD2 . LEU A 1 90  ? 24.058  5.439   12.372  1.00 13.12 ? 90  LEU A CD2 1 
ATOM 446 N N   . VAL A 1 91  ? 22.783  1.402   11.412  1.00 8.77  ? 91  VAL A N   1 
ATOM 447 C CA  . VAL A 1 91  ? 23.286  0.156   12.027  1.00 7.03  ? 91  VAL A CA  1 
ATOM 448 C C   . VAL A 1 91  ? 23.583  -0.864  10.926  1.00 10.22 ? 91  VAL A C   1 
ATOM 449 O O   . VAL A 1 91  ? 24.361  -1.794  11.131  1.00 13.43 ? 91  VAL A O   1 
ATOM 450 C CB  . VAL A 1 91  ? 22.254  -0.439  12.992  1.00 6.87  ? 91  VAL A CB  1 
ATOM 451 C CG1 . VAL A 1 91  ? 22.741  -1.809  13.476  1.00 8.19  ? 91  VAL A CG1 1 
ATOM 452 C CG2 . VAL A 1 91  ? 22.030  0.475   14.179  1.00 11.46 ? 91  VAL A CG2 1 
ATOM 453 N N   . HIS A 1 92  ? 22.634  -0.952  10.023  1.00 17.38 ? 92  HIS A N   1 
ATOM 454 C CA  . HIS A 1 92  ? 22.707  -1.918  8.904   1.00 19.48 ? 92  HIS A CA  1 
ATOM 455 C C   . HIS A 1 92  ? 24.103  -1.764  8.269   1.00 17.38 ? 92  HIS A C   1 
ATOM 456 O O   . HIS A 1 92  ? 24.857  -2.739  8.176   1.00 16.65 ? 92  HIS A O   1 
ATOM 457 C CB  . HIS A 1 92  ? 21.668  -1.599  7.795   1.00 18.40 ? 92  HIS A CB  1 
ATOM 458 C CG  . HIS A 1 92  ? 21.816  -2.542  6.634   1.00 18.94 ? 92  HIS A CG  1 
ATOM 459 N ND1 . HIS A 1 92  ? 21.802  -3.914  6.750   1.00 17.14 ? 92  HIS A ND1 1 
ATOM 460 C CD2 . HIS A 1 92  ? 22.050  -2.269  5.326   1.00 15.47 ? 92  HIS A CD2 1 
ATOM 461 C CE1 . HIS A 1 92  ? 21.965  -4.433  5.548   1.00 20.21 ? 92  HIS A CE1 1 
ATOM 462 N NE2 . HIS A 1 92  ? 22.064  -3.460  4.670   1.00 14.02 ? 92  HIS A NE2 1 
ATOM 463 N N   . PHE A 1 93  ? 24.289  -0.561  7.775   1.00 17.27 ? 93  PHE A N   1 
ATOM 464 C CA  . PHE A 1 93  ? 25.509  -0.150  7.076   1.00 23.20 ? 93  PHE A CA  1 
ATOM 465 C C   . PHE A 1 93  ? 26.764  -0.488  7.872   1.00 29.50 ? 93  PHE A C   1 
ATOM 466 O O   . PHE A 1 93  ? 27.818  -0.778  7.277   1.00 36.43 ? 93  PHE A O   1 
ATOM 467 C CB  . PHE A 1 93  ? 25.486  1.314   6.642   1.00 21.34 ? 93  PHE A CB  1 
ATOM 468 C CG  . PHE A 1 93  ? 26.814  1.994   6.707   1.00 25.35 ? 93  PHE A CG  1 
ATOM 469 C CD1 . PHE A 1 93  ? 27.402  2.238   7.953   1.00 35.37 ? 93  PHE A CD1 1 
ATOM 470 C CD2 . PHE A 1 93  ? 27.556  2.216   5.543   1.00 25.97 ? 93  PHE A CD2 1 
ATOM 471 C CE1 . PHE A 1 93  ? 28.648  2.857   8.041   1.00 37.75 ? 93  PHE A CE1 1 
ATOM 472 C CE2 . PHE A 1 93  ? 28.826  2.794   5.621   1.00 32.15 ? 93  PHE A CE2 1 
ATOM 473 C CZ  . PHE A 1 93  ? 29.404  3.056   6.878   1.00 31.97 ? 93  PHE A CZ  1 
ATOM 474 N N   . ILE A 1 94  ? 26.698  -0.391  9.181   1.00 27.28 ? 94  ILE A N   1 
ATOM 475 C CA  . ILE A 1 94  ? 27.818  -0.777  10.048  1.00 24.47 ? 94  ILE A CA  1 
ATOM 476 C C   . ILE A 1 94  ? 27.961  -2.303  10.043  1.00 25.92 ? 94  ILE A C   1 
ATOM 477 O O   . ILE A 1 94  ? 29.029  -2.858  10.350  1.00 27.85 ? 94  ILE A O   1 
ATOM 478 C CB  . ILE A 1 94  ? 27.571  -0.255  11.495  1.00 21.82 ? 94  ILE A CB  1 
ATOM 479 C CG1 . ILE A 1 94  ? 28.035  1.205   11.689  1.00 20.63 ? 94  ILE A CG1 1 
ATOM 480 C CG2 . ILE A 1 94  ? 28.105  -1.184  12.605  1.00 20.80 ? 94  ILE A CG2 1 
ATOM 481 C CD1 . ILE A 1 94  ? 27.511  1.751   13.064  1.00 25.25 ? 94  ILE A CD1 1 
ATOM 482 N N   . ASN A 1 95  ? 26.826  -2.965  9.955   1.00 27.83 ? 95  ASN A N   1 
ATOM 483 C CA  . ASN A 1 95  ? 26.753  -4.400  10.307  1.00 28.49 ? 95  ASN A CA  1 
ATOM 484 C C   . ASN A 1 95  ? 25.543  -5.034  9.623   1.00 26.51 ? 95  ASN A C   1 
ATOM 485 O O   . ASN A 1 95  ? 24.579  -5.410  10.298  1.00 25.51 ? 95  ASN A O   1 
ATOM 486 C CB  . ASN A 1 95  ? 26.694  -4.484  11.836  1.00 35.14 ? 95  ASN A CB  1 
ATOM 487 C CG  . ASN A 1 95  ? 27.661  -5.547  12.343  1.00 52.59 ? 95  ASN A CG  1 
ATOM 488 O OD1 . ASN A 1 95  ? 27.947  -6.487  11.580  1.00 60.24 ? 95  ASN A OD1 1 
ATOM 489 N ND2 . ASN A 1 95  ? 28.137  -5.372  13.573  1.00 58.52 ? 95  ASN A ND2 1 
ATOM 490 N N   . PRO A 1 96  ? 25.741  -5.306  8.346   1.00 25.34 ? 96  PRO A N   1 
ATOM 491 C CA  . PRO A 1 96  ? 24.677  -5.880  7.503   1.00 29.72 ? 96  PRO A CA  1 
ATOM 492 C C   . PRO A 1 96  ? 24.089  -7.090  8.212   1.00 36.22 ? 96  PRO A C   1 
ATOM 493 O O   . PRO A 1 96  ? 22.894  -7.114  8.547   1.00 39.83 ? 96  PRO A O   1 
ATOM 494 C CB  . PRO A 1 96  ? 25.427  -6.284  6.229   1.00 26.62 ? 96  PRO A CB  1 
ATOM 495 C CG  . PRO A 1 96  ? 26.493  -5.208  6.133   1.00 26.28 ? 96  PRO A CG  1 
ATOM 496 C CD  . PRO A 1 96  ? 26.973  -5.080  7.579   1.00 21.01 ? 96  PRO A CD  1 
ATOM 497 N N   . GLU A 1 97  ? 24.981  -8.018  8.507   1.00 40.58 ? 97  GLU A N   1 
ATOM 498 C CA  . GLU A 1 97  ? 24.568  -9.246  9.213   1.00 45.53 ? 97  GLU A CA  1 
ATOM 499 C C   . GLU A 1 97  ? 23.613  -8.878  10.342  1.00 42.42 ? 97  GLU A C   1 
ATOM 500 O O   . GLU A 1 97  ? 22.562  -9.505  10.556  1.00 43.58 ? 97  GLU A O   1 
ATOM 501 C CB  . GLU A 1 97  ? 25.779  -9.971  9.784   1.00 59.65 ? 97  GLU A CB  1 
ATOM 502 C CG  . GLU A 1 97  ? 27.080  -10.028 8.999   1.00 74.54 ? 97  GLU A CG  1 
ATOM 503 C CD  . GLU A 1 97  ? 27.051  -10.560 7.597   1.00 84.84 ? 97  GLU A CD  1 
ATOM 504 O OE1 . GLU A 1 97  ? 26.484  -11.585 7.243   1.00 88.22 ? 97  GLU A OE1 1 
ATOM 505 O OE2 . GLU A 1 97  ? 27.755  -9.875  6.813   1.00 86.77 ? 97  GLU A OE2 1 
ATOM 506 N N   . THR A 1 98  ? 23.882  -7.751  10.975  1.00 39.76 ? 98  THR A N   1 
ATOM 507 C CA  . THR A 1 98  ? 23.166  -7.339  12.189  1.00 38.55 ? 98  THR A CA  1 
ATOM 508 C C   . THR A 1 98  ? 21.674  -7.090  11.958  1.00 32.94 ? 98  THR A C   1 
ATOM 509 O O   . THR A 1 98  ? 20.841  -7.317  12.873  1.00 31.74 ? 98  THR A O   1 
ATOM 510 C CB  . THR A 1 98  ? 23.848  -6.042  12.805  1.00 41.66 ? 98  THR A CB  1 
ATOM 511 O OG1 . THR A 1 98  ? 25.214  -6.427  13.133  1.00 41.52 ? 98  THR A OG1 1 
ATOM 512 C CG2 . THR A 1 98  ? 23.083  -5.465  13.995  1.00 46.80 ? 98  THR A CG2 1 
ATOM 513 N N   . VAL A 1 99  ? 21.389  -6.452  10.827  1.00 21.60 ? 99  VAL A N   1 
ATOM 514 C CA  . VAL A 1 99  ? 20.049  -5.909  10.595  1.00 16.34 ? 99  VAL A CA  1 
ATOM 515 C C   . VAL A 1 99  ? 19.911  -5.503  9.120   1.00 18.22 ? 99  VAL A C   1 
ATOM 516 O O   . VAL A 1 99  ? 20.820  -4.871  8.543   1.00 16.12 ? 99  VAL A O   1 
ATOM 517 C CB  . VAL A 1 99  ? 19.844  -4.723  11.554  1.00 17.39 ? 99  VAL A CB  1 
ATOM 518 C CG1 . VAL A 1 99  ? 19.725  -3.383  10.836  1.00 18.05 ? 99  VAL A CG1 1 
ATOM 519 C CG2 . VAL A 1 99  ? 18.697  -4.922  12.519  1.00 22.92 ? 99  VAL A CG2 1 
ATOM 520 N N   . PRO A 1 100 ? 18.655  -5.634  8.677   1.00 17.14 ? 100 PRO A N   1 
ATOM 521 C CA  . PRO A 1 100 ? 18.267  -5.324  7.301   1.00 13.11 ? 100 PRO A CA  1 
ATOM 522 C C   . PRO A 1 100 ? 17.968  -3.845  7.140   1.00 14.01 ? 100 PRO A C   1 
ATOM 523 O O   . PRO A 1 100 ? 17.649  -3.178  8.133   1.00 21.64 ? 100 PRO A O   1 
ATOM 524 C CB  . PRO A 1 100 ? 17.008  -6.146  7.082   1.00 14.48 ? 100 PRO A CB  1 
ATOM 525 C CG  . PRO A 1 100 ? 16.532  -6.615  8.421   1.00 14.99 ? 100 PRO A CG  1 
ATOM 526 C CD  . PRO A 1 100 ? 17.582  -6.297  9.437   1.00 15.32 ? 100 PRO A CD  1 
ATOM 527 N N   . LYS A 1 101 ? 17.926  -3.351  5.917   1.00 12.90 ? 101 LYS A N   1 
ATOM 528 C CA  . LYS A 1 101 ? 17.362  -2.001  5.703   1.00 12.42 ? 101 LYS A CA  1 
ATOM 529 C C   . LYS A 1 101 ? 15.897  -2.039  6.123   1.00 15.43 ? 101 LYS A C   1 
ATOM 530 O O   . LYS A 1 101 ? 15.268  -3.103  6.189   1.00 19.37 ? 101 LYS A O   1 
ATOM 531 C CB  . LYS A 1 101 ? 17.463  -1.630  4.235   1.00 15.12 ? 101 LYS A CB  1 
ATOM 532 C CG  . LYS A 1 101 ? 18.647  -2.268  3.503   1.00 22.34 ? 101 LYS A CG  1 
ATOM 533 C CD  . LYS A 1 101 ? 19.451  -1.202  2.769   1.00 33.28 ? 101 LYS A CD  1 
ATOM 534 C CE  . LYS A 1 101 ? 19.908  -1.712  1.413   1.00 42.76 ? 101 LYS A CE  1 
ATOM 535 N NZ  . LYS A 1 101 ? 19.973  -0.603  0.423   1.00 44.49 ? 101 LYS A NZ  1 
ATOM 536 N N   . PRO A 1 102 ? 15.339  -0.877  6.436   1.00 16.38 ? 102 PRO A N   1 
ATOM 537 C CA  . PRO A 1 102 ? 13.867  -0.805  6.629   1.00 16.56 ? 102 PRO A CA  1 
ATOM 538 C C   . PRO A 1 102 ? 13.188  -1.223  5.327   1.00 17.65 ? 102 PRO A C   1 
ATOM 539 O O   . PRO A 1 102 ? 13.690  -0.791  4.267   1.00 21.43 ? 102 PRO A O   1 
ATOM 540 C CB  . PRO A 1 102 ? 13.621  0.647   6.973   1.00 10.49 ? 102 PRO A CB  1 
ATOM 541 C CG  . PRO A 1 102 ? 14.886  1.407   6.782   1.00 8.18  ? 102 PRO A CG  1 
ATOM 542 C CD  . PRO A 1 102 ? 15.893  0.464   6.158   1.00 16.55 ? 102 PRO A CD  1 
ATOM 543 N N   . CYS A 1 103 ? 11.947  -1.679  5.412   1.00 17.51 ? 103 CYS A N   1 
ATOM 544 C CA  . CYS A 1 103 ? 11.115  -1.971  4.252   1.00 16.82 ? 103 CYS A CA  1 
ATOM 545 C C   . CYS A 1 103 ? 10.284  -0.802  3.788   1.00 12.98 ? 103 CYS A C   1 
ATOM 546 O O   . CYS A 1 103 ? 9.664   -0.140  4.620   1.00 14.05 ? 103 CYS A O   1 
ATOM 547 C CB  . CYS A 1 103 ? 10.405  -3.282  4.212   1.00 25.06 ? 103 CYS A CB  1 
ATOM 548 S SG  . CYS A 1 103 ? 8.908   -3.529  5.164   1.00 38.61 ? 103 CYS A SG  1 
ATOM 549 N N   . CYS A 1 104 ? 10.144  -0.651  2.496   1.00 13.35 ? 104 CYS A N   1 
ATOM 550 C CA  . CYS A 1 104 ? 9.247   0.343   1.860   1.00 15.26 ? 104 CYS A CA  1 
ATOM 551 C C   . CYS A 1 104 ? 7.780   -0.050  1.965   1.00 17.77 ? 104 CYS A C   1 
ATOM 552 O O   . CYS A 1 104 ? 7.309   -0.950  1.261   1.00 20.74 ? 104 CYS A O   1 
ATOM 553 C CB  . CYS A 1 104 ? 9.714   0.498   0.433   1.00 13.99 ? 104 CYS A CB  1 
ATOM 554 S SG  . CYS A 1 104 ? 8.802   1.637   -0.597  1.00 27.20 ? 104 CYS A SG  1 
ATOM 555 N N   . ALA A 1 105 ? 7.054   0.504   2.912   1.00 18.95 ? 105 ALA A N   1 
ATOM 556 C CA  . ALA A 1 105 ? 5.656   0.234   3.202   1.00 18.57 ? 105 ALA A CA  1 
ATOM 557 C C   . ALA A 1 105 ? 4.807   1.486   3.053   1.00 21.50 ? 105 ALA A C   1 
ATOM 558 O O   . ALA A 1 105 ? 5.353   2.603   2.986   1.00 25.36 ? 105 ALA A O   1 
ATOM 559 C CB  . ALA A 1 105 ? 5.466   -0.382  4.576   1.00 18.71 ? 105 ALA A CB  1 
ATOM 560 N N   . PRO A 1 106 ? 3.507   1.263   2.913   1.00 22.88 ? 106 PRO A N   1 
ATOM 561 C CA  . PRO A 1 106 ? 2.553   2.383   2.715   1.00 22.22 ? 106 PRO A CA  1 
ATOM 562 C C   . PRO A 1 106 ? 2.348   3.097   4.050   1.00 18.68 ? 106 PRO A C   1 
ATOM 563 O O   . PRO A 1 106 ? 2.340   2.448   5.113   1.00 16.24 ? 106 PRO A O   1 
ATOM 564 C CB  . PRO A 1 106 ? 1.295   1.680   2.213   1.00 24.91 ? 106 PRO A CB  1 
ATOM 565 C CG  . PRO A 1 106 ? 1.352   0.317   2.844   1.00 25.85 ? 106 PRO A CG  1 
ATOM 566 C CD  . PRO A 1 106 ? 2.826   -0.036  2.898   1.00 23.45 ? 106 PRO A CD  1 
ATOM 567 N N   . THR A 1 107 ? 2.356   4.406   3.971   1.00 18.27 ? 107 THR A N   1 
ATOM 568 C CA  . THR A 1 107 ? 2.338   5.281   5.153   1.00 22.61 ? 107 THR A CA  1 
ATOM 569 C C   . THR A 1 107 ? 0.923   5.824   5.377   1.00 30.96 ? 107 THR A C   1 
ATOM 570 O O   . THR A 1 107 ? 0.453   5.914   6.538   1.00 36.96 ? 107 THR A O   1 
ATOM 571 C CB  . THR A 1 107 ? 3.387   6.459   4.993   1.00 15.40 ? 107 THR A CB  1 
ATOM 572 O OG1 . THR A 1 107 ? 2.949   7.183   3.787   1.00 21.73 ? 107 THR A OG1 1 
ATOM 573 C CG2 . THR A 1 107 ? 4.822   5.942   4.754   1.00 20.66 ? 107 THR A CG2 1 
ATOM 574 N N   . GLN A 1 108 ? 0.191   5.988   4.286   1.00 31.16 ? 108 GLN A N   1 
ATOM 575 C CA  . GLN A 1 108 ? -1.220  6.363   4.318   1.00 29.57 ? 108 GLN A CA  1 
ATOM 576 C C   . GLN A 1 108 ? -2.093  5.560   3.361   1.00 26.98 ? 108 GLN A C   1 
ATOM 577 O O   . GLN A 1 108 ? -1.870  5.502   2.141   1.00 24.57 ? 108 GLN A O   1 
ATOM 578 C CB  . GLN A 1 108 ? -1.420  7.862   4.195   1.00 35.77 ? 108 GLN A CB  1 
ATOM 579 C CG  . GLN A 1 108 ? -0.694  8.474   3.007   1.00 50.12 ? 108 GLN A CG  1 
ATOM 580 C CD  . GLN A 1 108 ? -0.910  9.975   2.963   1.00 63.57 ? 108 GLN A CD  1 
ATOM 581 O OE1 . GLN A 1 108 ? -1.989  10.453  2.610   1.00 65.52 ? 108 GLN A OE1 1 
ATOM 582 N NE2 . GLN A 1 108 ? 0.094   10.685  3.475   1.00 66.60 ? 108 GLN A NE2 1 
ATOM 583 N N   . LEU A 1 109 ? -3.218  5.136   3.909   1.00 27.07 ? 109 LEU A N   1 
ATOM 584 C CA  . LEU A 1 109 ? -4.279  4.396   3.233   1.00 26.22 ? 109 LEU A CA  1 
ATOM 585 C C   . LEU A 1 109 ? -5.599  5.189   3.182   1.00 29.91 ? 109 LEU A C   1 
ATOM 586 O O   . LEU A 1 109 ? -6.189  5.481   4.240   1.00 34.08 ? 109 LEU A O   1 
ATOM 587 C CB  . LEU A 1 109 ? -4.483  3.082   4.032   1.00 14.99 ? 109 LEU A CB  1 
ATOM 588 C CG  . LEU A 1 109 ? -3.278  2.151   3.956   1.00 9.38  ? 109 LEU A CG  1 
ATOM 589 C CD1 . LEU A 1 109 ? -3.547  0.921   4.812   1.00 10.27 ? 109 LEU A CD1 1 
ATOM 590 C CD2 . LEU A 1 109 ? -3.112  1.786   2.472   1.00 4.59  ? 109 LEU A CD2 1 
ATOM 591 N N   . ASN A 1 110 ? -6.260  4.982   2.059   1.00 30.25 ? 110 ASN A N   1 
ATOM 592 C CA  . ASN A 1 110 ? -7.590  5.529   1.753   1.00 28.96 ? 110 ASN A CA  1 
ATOM 593 C C   . ASN A 1 110 ? -8.575  4.367   1.562   1.00 26.32 ? 110 ASN A C   1 
ATOM 594 O O   . ASN A 1 110 ? -8.232  3.346   0.956   1.00 25.33 ? 110 ASN A O   1 
ATOM 595 C CB  . ASN A 1 110 ? -7.440  6.403   0.503   1.00 35.39 ? 110 ASN A CB  1 
ATOM 596 C CG  . ASN A 1 110 ? -7.873  7.836   0.729   1.00 48.61 ? 110 ASN A CG  1 
ATOM 597 O OD1 . ASN A 1 110 ? -8.836  8.303   0.092   1.00 57.74 ? 110 ASN A OD1 1 
ATOM 598 N ND2 . ASN A 1 110 ? -7.234  8.499   1.694   1.00 55.47 ? 110 ASN A ND2 1 
ATOM 599 N N   . ALA A 1 111 ? -9.766  4.548   2.105   1.00 25.50 ? 111 ALA A N   1 
ATOM 600 C CA  . ALA A 1 111 ? -10.878 3.594   1.962   1.00 20.70 ? 111 ALA A CA  1 
ATOM 601 C C   . ALA A 1 111 ? -11.510 3.749   0.574   1.00 18.22 ? 111 ALA A C   1 
ATOM 602 O O   . ALA A 1 111 ? -11.199 4.669   -0.198  1.00 15.83 ? 111 ALA A O   1 
ATOM 603 C CB  . ALA A 1 111 ? -11.934 3.737   3.049   1.00 8.03  ? 111 ALA A CB  1 
ATOM 604 N N   . ILE A 1 112 ? -12.256 2.704   0.247   1.00 19.91 ? 112 ILE A N   1 
ATOM 605 C CA  . ILE A 1 112 ? -13.081 2.707   -0.963  1.00 20.73 ? 112 ILE A CA  1 
ATOM 606 C C   . ILE A 1 112 ? -14.516 2.296   -0.629  1.00 18.11 ? 112 ILE A C   1 
ATOM 607 O O   . ILE A 1 112 ? -14.790 1.777   0.467   1.00 14.36 ? 112 ILE A O   1 
ATOM 608 C CB  . ILE A 1 112 ? -12.450 1.945   -2.154  1.00 24.35 ? 112 ILE A CB  1 
ATOM 609 C CG1 . ILE A 1 112 ? -12.588 0.414   -2.022  1.00 24.16 ? 112 ILE A CG1 1 
ATOM 610 C CG2 . ILE A 1 112 ? -11.046 2.405   -2.587  1.00 23.25 ? 112 ILE A CG2 1 
ATOM 611 C CD1 . ILE A 1 112 ? -12.812 -0.272  -3.404  1.00 24.47 ? 112 ILE A CD1 1 
ATOM 612 N N   . SER A 1 113 ? -15.384 2.672   -1.551  1.00 19.29 ? 113 SER A N   1 
ATOM 613 C CA  . SER A 1 113 ? -16.803 2.290   -1.506  1.00 19.90 ? 113 SER A CA  1 
ATOM 614 C C   . SER A 1 113 ? -17.165 1.531   -2.783  1.00 18.93 ? 113 SER A C   1 
ATOM 615 O O   . SER A 1 113 ? -16.787 1.908   -3.902  1.00 18.00 ? 113 SER A O   1 
ATOM 616 C CB  . SER A 1 113 ? -17.704 3.488   -1.296  1.00 20.14 ? 113 SER A CB  1 
ATOM 617 O OG  . SER A 1 113 ? -16.933 4.629   -0.908  1.00 30.27 ? 113 SER A OG  1 
ATOM 618 N N   . VAL A 1 114 ? -17.745 0.363   -2.556  1.00 18.05 ? 114 VAL A N   1 
ATOM 619 C CA  . VAL A 1 114 ? -18.308 -0.435  -3.669  1.00 17.80 ? 114 VAL A CA  1 
ATOM 620 C C   . VAL A 1 114 ? -19.811 -0.571  -3.375  1.00 19.78 ? 114 VAL A C   1 
ATOM 621 O O   . VAL A 1 114 ? -20.187 -0.779  -2.202  1.00 19.56 ? 114 VAL A O   1 
ATOM 622 C CB  . VAL A 1 114 ? -17.577 -1.800  -3.691  1.00 14.56 ? 114 VAL A CB  1 
ATOM 623 C CG1 . VAL A 1 114 ? -16.091 -1.638  -3.376  1.00 17.17 ? 114 VAL A CG1 1 
ATOM 624 C CG2 . VAL A 1 114 ? -18.200 -2.745  -2.682  1.00 2.49  ? 114 VAL A CG2 1 
ATOM 625 N N   . LEU A 1 115 ? -20.587 -0.526  -4.439  1.00 20.16 ? 115 LEU A N   1 
ATOM 626 C CA  . LEU A 1 115 ? -22.046 -0.803  -4.352  1.00 20.66 ? 115 LEU A CA  1 
ATOM 627 C C   . LEU A 1 115 ? -22.300 -2.242  -4.802  1.00 23.00 ? 115 LEU A C   1 
ATOM 628 O O   . LEU A 1 115 ? -21.964 -2.588  -5.948  1.00 24.93 ? 115 LEU A O   1 
ATOM 629 C CB  . LEU A 1 115 ? -22.714 0.229   -5.270  1.00 19.26 ? 115 LEU A CB  1 
ATOM 630 C CG  . LEU A 1 115 ? -24.201 0.083   -5.527  1.00 14.33 ? 115 LEU A CG  1 
ATOM 631 C CD1 . LEU A 1 115 ? -24.968 0.748   -4.393  1.00 19.38 ? 115 LEU A CD1 1 
ATOM 632 C CD2 . LEU A 1 115 ? -24.539 0.726   -6.871  1.00 9.64  ? 115 LEU A CD2 1 
ATOM 633 N N   . TYR A 1 116 ? -22.948 -3.016  -3.944  1.00 24.66 ? 116 TYR A N   1 
ATOM 634 C CA  . TYR A 1 116 ? -23.220 -4.421  -4.283  1.00 26.83 ? 116 TYR A CA  1 
ATOM 635 C C   . TYR A 1 116 ? -24.589 -4.906  -3.811  1.00 26.07 ? 116 TYR A C   1 
ATOM 636 O O   . TYR A 1 116 ? -25.247 -4.307  -2.956  1.00 21.81 ? 116 TYR A O   1 
ATOM 637 C CB  . TYR A 1 116 ? -22.114 -5.320  -3.681  1.00 29.04 ? 116 TYR A CB  1 
ATOM 638 C CG  . TYR A 1 116 ? -22.157 -5.308  -2.168  1.00 34.81 ? 116 TYR A CG  1 
ATOM 639 C CD1 . TYR A 1 116 ? -21.857 -4.145  -1.460  1.00 34.28 ? 116 TYR A CD1 1 
ATOM 640 C CD2 . TYR A 1 116 ? -22.664 -6.392  -1.467  1.00 38.17 ? 116 TYR A CD2 1 
ATOM 641 C CE1 . TYR A 1 116 ? -21.884 -4.134  -0.067  1.00 40.45 ? 116 TYR A CE1 1 
ATOM 642 C CE2 . TYR A 1 116 ? -22.816 -6.350  -0.083  1.00 45.17 ? 116 TYR A CE2 1 
ATOM 643 C CZ  . TYR A 1 116 ? -22.430 -5.215  0.619   1.00 45.80 ? 116 TYR A CZ  1 
ATOM 644 O OH  . TYR A 1 116 ? -22.455 -5.260  1.989   1.00 44.23 ? 116 TYR A OH  1 
ATOM 645 N N   . PHE A 1 117 ? -24.931 -6.073  -4.335  1.00 27.60 ? 117 PHE A N   1 
ATOM 646 C CA  . PHE A 1 117 ? -26.151 -6.806  -3.992  1.00 30.49 ? 117 PHE A CA  1 
ATOM 647 C C   . PHE A 1 117 ? -25.811 -7.726  -2.807  1.00 32.71 ? 117 PHE A C   1 
ATOM 648 O O   . PHE A 1 117 ? -25.314 -8.829  -3.094  1.00 32.67 ? 117 PHE A O   1 
ATOM 649 C CB  . PHE A 1 117 ? -26.643 -7.685  -5.145  1.00 36.04 ? 117 PHE A CB  1 
ATOM 650 C CG  . PHE A 1 117 ? -26.915 -7.013  -6.450  1.00 51.40 ? 117 PHE A CG  1 
ATOM 651 C CD1 . PHE A 1 117 ? -27.852 -5.982  -6.532  1.00 57.66 ? 117 PHE A CD1 1 
ATOM 652 C CD2 . PHE A 1 117 ? -26.301 -7.461  -7.619  1.00 60.32 ? 117 PHE A CD2 1 
ATOM 653 C CE1 . PHE A 1 117 ? -28.145 -5.372  -7.743  1.00 63.37 ? 117 PHE A CE1 1 
ATOM 654 C CE2 . PHE A 1 117 ? -26.552 -6.849  -8.850  1.00 65.33 ? 117 PHE A CE2 1 
ATOM 655 C CZ  . PHE A 1 117 ? -27.489 -5.801  -8.898  1.00 68.45 ? 117 PHE A CZ  1 
ATOM 656 N N   . ASP A 1 118 ? -26.260 -7.356  -1.626  1.00 36.91 ? 118 ASP A N   1 
ATOM 657 C CA  . ASP A 1 118 ? -26.178 -8.329  -0.505  1.00 43.09 ? 118 ASP A CA  1 
ATOM 658 C C   . ASP A 1 118 ? -27.168 -9.451  -0.854  1.00 47.08 ? 118 ASP A C   1 
ATOM 659 O O   . ASP A 1 118 ? -27.779 -9.413  -1.933  1.00 46.90 ? 118 ASP A O   1 
ATOM 660 C CB  . ASP A 1 118 ? -26.457 -7.686  0.839   1.00 47.40 ? 118 ASP A CB  1 
ATOM 661 C CG  . ASP A 1 118 ? -27.938 -7.629  1.178   1.00 50.88 ? 118 ASP A CG  1 
ATOM 662 O OD1 . ASP A 1 118 ? -28.714 -6.976  0.458   1.00 51.77 ? 118 ASP A OD1 1 
ATOM 663 O OD2 . ASP A 1 118 ? -28.315 -8.317  2.152   1.00 54.87 ? 118 ASP A OD2 1 
ATOM 664 N N   . ASP A 1 119 ? -27.248 -10.398 0.061   1.00 51.43 ? 119 ASP A N   1 
ATOM 665 C CA  . ASP A 1 119 ? -28.347 -11.399 -0.005  1.00 56.88 ? 119 ASP A CA  1 
ATOM 666 C C   . ASP A 1 119 ? -29.644 -10.566 -0.108  1.00 57.45 ? 119 ASP A C   1 
ATOM 667 O O   . ASP A 1 119 ? -29.593 -9.324  -0.026  1.00 57.61 ? 119 ASP A O   1 
ATOM 668 C CB  . ASP A 1 119 ? -28.307 -12.234 1.276   1.00 66.59 ? 119 ASP A CB  1 
ATOM 669 C CG  . ASP A 1 119 ? -27.528 -13.528 1.145   1.00 77.82 ? 119 ASP A CG  1 
ATOM 670 O OD1 . ASP A 1 119 ? -27.891 -14.406 0.338   1.00 82.42 ? 119 ASP A OD1 1 
ATOM 671 O OD2 . ASP A 1 119 ? -26.624 -13.716 1.993   1.00 84.74 ? 119 ASP A OD2 1 
ATOM 672 N N   . SER A 1 120 ? -30.759 -11.281 -0.154  1.00 54.46 ? 120 SER A N   1 
ATOM 673 C CA  . SER A 1 120 ? -32.069 -10.601 -0.022  1.00 48.80 ? 120 SER A CA  1 
ATOM 674 C C   . SER A 1 120 ? -32.316 -9.743  -1.264  1.00 43.57 ? 120 SER A C   1 
ATOM 675 O O   . SER A 1 120 ? -33.456 -9.323  -1.520  1.00 45.34 ? 120 SER A O   1 
ATOM 676 C CB  . SER A 1 120 ? -32.058 -9.709  1.215   1.00 51.25 ? 120 SER A CB  1 
ATOM 677 O OG  . SER A 1 120 ? -31.509 -10.340 2.354   1.00 52.23 ? 120 SER A OG  1 
ATOM 678 N N   . SER A 1 121 ? -31.231 -9.377  -1.914  1.00 38.43 ? 121 SER A N   1 
ATOM 679 C CA  . SER A 1 121 ? -31.246 -8.606  -3.156  1.00 35.47 ? 121 SER A CA  1 
ATOM 680 C C   . SER A 1 121 ? -31.460 -7.118  -2.885  1.00 31.96 ? 121 SER A C   1 
ATOM 681 O O   . SER A 1 121 ? -31.827 -6.375  -3.811  1.00 29.64 ? 121 SER A O   1 
ATOM 682 C CB  . SER A 1 121 ? -32.206 -9.126  -4.197  1.00 38.89 ? 121 SER A CB  1 
ATOM 683 O OG  . SER A 1 121 ? -32.816 -10.346 -3.798  1.00 47.45 ? 121 SER A OG  1 
ATOM 684 N N   . ASN A 1 122 ? -31.005 -6.716  -1.714  1.00 30.58 ? 122 ASN A N   1 
ATOM 685 C CA  . ASN A 1 122 ? -30.839 -5.288  -1.365  1.00 29.10 ? 122 ASN A CA  1 
ATOM 686 C C   . ASN A 1 122 ? -29.558 -4.812  -2.056  1.00 26.09 ? 122 ASN A C   1 
ATOM 687 O O   . ASN A 1 122 ? -28.579 -5.573  -2.082  1.00 28.61 ? 122 ASN A O   1 
ATOM 688 C CB  . ASN A 1 122 ? -30.816 -5.108  0.160   1.00 32.40 ? 122 ASN A CB  1 
ATOM 689 C CG  . ASN A 1 122 ? -31.804 -6.023  0.865   1.00 34.18 ? 122 ASN A CG  1 
ATOM 690 O OD1 . ASN A 1 122 ? -32.449 -6.866  0.220   1.00 36.92 ? 122 ASN A OD1 1 
ATOM 691 N ND2 . ASN A 1 122 ? -31.799 -6.040  2.191   1.00 34.33 ? 122 ASN A ND2 1 
ATOM 692 N N   . VAL A 1 123 ? -29.643 -3.699  -2.748  1.00 23.84 ? 123 VAL A N   1 
ATOM 693 C CA  . VAL A 1 123 ? -28.465 -3.030  -3.318  1.00 22.89 ? 123 VAL A CA  1 
ATOM 694 C C   . VAL A 1 123 ? -27.789 -2.189  -2.219  1.00 23.57 ? 123 VAL A C   1 
ATOM 695 O O   . VAL A 1 123 ? -28.281 -1.056  -2.032  1.00 25.25 ? 123 VAL A O   1 
ATOM 696 C CB  . VAL A 1 123 ? -28.918 -2.083  -4.460  1.00 18.44 ? 123 VAL A CB  1 
ATOM 697 C CG1 . VAL A 1 123 ? -27.895 -0.945  -4.601  1.00 23.87 ? 123 VAL A CG1 1 
ATOM 698 C CG2 . VAL A 1 123 ? -29.068 -2.827  -5.773  1.00 17.15 ? 123 VAL A CG2 1 
ATOM 699 N N   . ILE A 1 124 ? -26.573 -2.535  -1.831  1.00 23.05 ? 124 ILE A N   1 
ATOM 700 C CA  . ILE A 1 124 ? -25.874 -1.796  -0.792  1.00 21.31 ? 124 ILE A CA  1 
ATOM 701 C C   . ILE A 1 124 ? -24.623 -1.026  -1.113  1.00 22.16 ? 124 ILE A C   1 
ATOM 702 O O   . ILE A 1 124 ? -24.004 -1.169  -2.192  1.00 23.02 ? 124 ILE A O   1 
ATOM 703 C CB  . ILE A 1 124 ? -25.837 -2.590  0.537   1.00 16.04 ? 124 ILE A CB  1 
ATOM 704 C CG1 . ILE A 1 124 ? -24.519 -2.264  1.274   1.00 26.48 ? 124 ILE A CG1 1 
ATOM 705 C CG2 . ILE A 1 124 ? -26.061 -4.095  0.340   1.00 19.84 ? 124 ILE A CG2 1 
ATOM 706 C CD1 . ILE A 1 124 ? -24.398 -3.027  2.630   1.00 39.18 ? 124 ILE A CD1 1 
ATOM 707 N N   . LEU A 1 125 ? -24.278 -0.102  -0.200  1.00 22.13 ? 125 LEU A N   1 
ATOM 708 C CA  . LEU A 1 125 ? -23.018 0.673   -0.307  1.00 21.80 ? 125 LEU A CA  1 
ATOM 709 C C   . LEU A 1 125 ? -22.119 0.370   0.908   1.00 25.43 ? 125 LEU A C   1 
ATOM 710 O O   . LEU A 1 125 ? -22.456 0.840   2.012   1.00 25.55 ? 125 LEU A O   1 
ATOM 711 C CB  . LEU A 1 125 ? -23.372 2.166   -0.316  1.00 16.75 ? 125 LEU A CB  1 
ATOM 712 C CG  . LEU A 1 125 ? -22.246 3.132   -0.627  1.00 6.46  ? 125 LEU A CG  1 
ATOM 713 C CD1 . LEU A 1 125 ? -21.955 3.109   -2.136  1.00 8.88  ? 125 LEU A CD1 1 
ATOM 714 C CD2 . LEU A 1 125 ? -22.754 4.559   -0.346  1.00 13.85 ? 125 LEU A CD2 1 
ATOM 715 N N   . LYS A 1 126 ? -20.986 -0.263  0.627   1.00 25.70 ? 126 LYS A N   1 
ATOM 716 C CA  . LYS A 1 126 ? -19.945 -0.514  1.619   1.00 24.38 ? 126 LYS A CA  1 
ATOM 717 C C   . LYS A 1 126 ? -18.702 0.335   1.357   1.00 23.91 ? 126 LYS A C   1 
ATOM 718 O O   . LYS A 1 126 ? -18.238 0.531   0.227   1.00 20.74 ? 126 LYS A O   1 
ATOM 719 C CB  . LYS A 1 126 ? -19.528 -1.945  1.812   1.00 26.24 ? 126 LYS A CB  1 
ATOM 720 C CG  . LYS A 1 126 ? -20.636 -2.950  2.080   1.00 41.82 ? 126 LYS A CG  1 
ATOM 721 C CD  . LYS A 1 126 ? -20.189 -4.085  2.991   1.00 49.66 ? 126 LYS A CD  1 
ATOM 722 C CE  . LYS A 1 126 ? -18.827 -3.846  3.609   1.00 59.33 ? 126 LYS A CE  1 
ATOM 723 N NZ  . LYS A 1 126 ? -18.923 -2.946  4.791   1.00 64.83 ? 126 LYS A NZ  1 
ATOM 724 N N   . LYS A 1 127 ? -18.144 0.767   2.479   1.00 28.95 ? 127 LYS A N   1 
ATOM 725 C CA  . LYS A 1 127 ? -16.848 1.476   2.512   1.00 29.58 ? 127 LYS A CA  1 
ATOM 726 C C   . LYS A 1 127 ? -15.832 0.485   3.103   1.00 27.49 ? 127 LYS A C   1 
ATOM 727 O O   . LYS A 1 127 ? -16.101 -0.033  4.191   1.00 25.74 ? 127 LYS A O   1 
ATOM 728 C CB  . LYS A 1 127 ? -16.885 2.677   3.453   1.00 31.16 ? 127 LYS A CB  1 
ATOM 729 C CG  . LYS A 1 127 ? -15.531 3.357   3.650   1.00 35.17 ? 127 LYS A CG  1 
ATOM 730 C CD  . LYS A 1 127 ? -15.597 4.832   3.275   1.00 42.41 ? 127 LYS A CD  1 
ATOM 731 C CE  . LYS A 1 127 ? -15.116 5.738   4.389   1.00 47.07 ? 127 LYS A CE  1 
ATOM 732 N NZ  . LYS A 1 127 ? -15.364 5.117   5.722   1.00 48.84 ? 127 LYS A NZ  1 
ATOM 733 N N   . TYR A 1 128 ? -14.939 0.044   2.252   1.00 27.99 ? 128 TYR A N   1 
ATOM 734 C CA  . TYR A 1 128 ? -13.791 -0.787  2.692   1.00 27.18 ? 128 TYR A CA  1 
ATOM 735 C C   . TYR A 1 128 ? -12.659 0.224   2.955   1.00 26.63 ? 128 TYR A C   1 
ATOM 736 O O   . TYR A 1 128 ? -12.520 1.188   2.180   1.00 25.16 ? 128 TYR A O   1 
ATOM 737 C CB  . TYR A 1 128 ? -13.365 -1.710  1.517   1.00 28.95 ? 128 TYR A CB  1 
ATOM 738 C CG  . TYR A 1 128 ? -14.392 -2.784  1.255   1.00 28.00 ? 128 TYR A CG  1 
ATOM 739 C CD1 . TYR A 1 128 ? -14.828 -3.582  2.317   1.00 32.56 ? 128 TYR A CD1 1 
ATOM 740 C CD2 . TYR A 1 128 ? -15.071 -2.848  0.044   1.00 32.54 ? 128 TYR A CD2 1 
ATOM 741 C CE1 . TYR A 1 128 ? -15.879 -4.482  2.154   1.00 36.25 ? 128 TYR A CE1 1 
ATOM 742 C CE2 . TYR A 1 128 ? -16.051 -3.818  -0.162  1.00 35.95 ? 128 TYR A CE2 1 
ATOM 743 C CZ  . TYR A 1 128 ? -16.512 -4.560  0.918   1.00 41.59 ? 128 TYR A CZ  1 
ATOM 744 O OH  . TYR A 1 128 ? -17.598 -5.374  0.737   1.00 50.27 ? 128 TYR A OH  1 
ATOM 745 N N   . ARG A 1 129 ? -12.136 0.132   4.155   1.00 28.63 ? 129 ARG A N   1 
ATOM 746 C CA  . ARG A 1 129 ? -11.103 1.101   4.572   1.00 33.60 ? 129 ARG A CA  1 
ATOM 747 C C   . ARG A 1 129 ? -9.737  0.457   4.322   1.00 30.38 ? 129 ARG A C   1 
ATOM 748 O O   . ARG A 1 129 ? -9.666  -0.775  4.129   1.00 27.72 ? 129 ARG A O   1 
ATOM 749 C CB  . ARG A 1 129 ? -11.308 1.557   6.009   1.00 46.64 ? 129 ARG A CB  1 
ATOM 750 C CG  . ARG A 1 129 ? -11.842 2.977   6.195   1.00 59.61 ? 129 ARG A CG  1 
ATOM 751 C CD  . ARG A 1 129 ? -10.846 4.034   5.848   1.00 68.44 ? 129 ARG A CD  1 
ATOM 752 N NE  . ARG A 1 129 ? -11.436 5.225   5.250   1.00 75.83 ? 129 ARG A NE  1 
ATOM 753 C CZ  . ARG A 1 129 ? -10.815 6.391   5.055   1.00 78.45 ? 129 ARG A CZ  1 
ATOM 754 N NH1 . ARG A 1 129 ? -9.704  6.734   5.709   1.00 79.45 ? 129 ARG A NH1 1 
ATOM 755 N NH2 . ARG A 1 129 ? -11.299 7.264   4.162   1.00 73.27 ? 129 ARG A NH2 1 
ATOM 756 N N   . ASN A 1 130 ? -8.790  1.324   3.986   1.00 27.91 ? 130 ASN A N   1 
ATOM 757 C CA  . ASN A 1 130 ? -7.375  0.927   3.892   1.00 24.66 ? 130 ASN A CA  1 
ATOM 758 C C   . ASN A 1 130 ? -7.154  0.063   2.652   1.00 24.12 ? 130 ASN A C   1 
ATOM 759 O O   . ASN A 1 130 ? -6.502  -0.978  2.783   1.00 26.26 ? 130 ASN A O   1 
ATOM 760 C CB  . ASN A 1 130 ? -6.972  0.157   5.158   1.00 23.00 ? 130 ASN A CB  1 
ATOM 761 C CG  . ASN A 1 130 ? -6.763  1.073   6.350   1.00 23.98 ? 130 ASN A CG  1 
ATOM 762 O OD1 . ASN A 1 130 ? -6.398  2.243   6.165   1.00 26.78 ? 130 ASN A OD1 1 
ATOM 763 N ND2 . ASN A 1 130 ? -7.102  0.584   7.537   1.00 20.78 ? 130 ASN A ND2 1 
ATOM 764 N N   . MET A 1 131 ? -7.745  0.458   1.551   1.00 22.76 ? 131 MET A N   1 
ATOM 765 C CA  . MET A 1 131 ? -7.756  -0.329  0.319   1.00 20.20 ? 131 MET A CA  1 
ATOM 766 C C   . MET A 1 131 ? -6.777  0.272   -0.679  1.00 23.14 ? 131 MET A C   1 
ATOM 767 O O   . MET A 1 131 ? -6.060  -0.502  -1.346  1.00 30.66 ? 131 MET A O   1 
ATOM 768 C CB  . MET A 1 131 ? -9.147  -0.486  -0.264  1.00 19.18 ? 131 MET A CB  1 
ATOM 769 C CG  . MET A 1 131 ? -10.081 -1.263  0.601   1.00 11.13 ? 131 MET A CG  1 
ATOM 770 S SD  . MET A 1 131 ? -9.630  -3.034  0.468   1.00 18.22 ? 131 MET A SD  1 
ATOM 771 C CE  . MET A 1 131 ? -10.187 -3.345  -1.216  1.00 13.08 ? 131 MET A CE  1 
ATOM 772 N N   . VAL A 1 132 ? -6.806  1.578   -0.802  1.00 19.76 ? 132 VAL A N   1 
ATOM 773 C CA  . VAL A 1 132 ? -5.857  2.317   -1.652  1.00 18.83 ? 132 VAL A CA  1 
ATOM 774 C C   . VAL A 1 132 ? -4.625  2.738   -0.835  1.00 19.07 ? 132 VAL A C   1 
ATOM 775 O O   . VAL A 1 132 ? -4.720  3.300   0.269   1.00 19.40 ? 132 VAL A O   1 
ATOM 776 C CB  . VAL A 1 132 ? -6.558  3.574   -2.229  1.00 18.29 ? 132 VAL A CB  1 
ATOM 777 C CG1 . VAL A 1 132 ? -5.782  4.181   -3.389  1.00 14.60 ? 132 VAL A CG1 1 
ATOM 778 C CG2 . VAL A 1 132 ? -8.001  3.307   -2.601  1.00 23.30 ? 132 VAL A CG2 1 
ATOM 779 N N   . VAL A 1 133 ? -3.493  2.712   -1.522  1.00 20.93 ? 133 VAL A N   1 
ATOM 780 C CA  . VAL A 1 133 ? -2.244  3.270   -0.956  1.00 17.59 ? 133 VAL A CA  1 
ATOM 781 C C   . VAL A 1 133 ? -2.168  4.694   -1.542  1.00 20.35 ? 133 VAL A C   1 
ATOM 782 O O   . VAL A 1 133 ? -2.070  4.769   -2.771  1.00 20.23 ? 133 VAL A O   1 
ATOM 783 C CB  . VAL A 1 133 ? -1.006  2.459   -1.394  1.00 11.45 ? 133 VAL A CB  1 
ATOM 784 C CG1 . VAL A 1 133 ? 0.136   3.383   -1.779  1.00 9.32  ? 133 VAL A CG1 1 
ATOM 785 C CG2 . VAL A 1 133 ? -0.559  1.468   -0.343  1.00 6.03  ? 133 VAL A CG2 1 
ATOM 786 N N   . ARG A 1 134 ? -1.931  5.629   -0.650  1.00 23.54 ? 134 ARG A N   1 
ATOM 787 C CA  . ARG A 1 134 ? -1.821  7.052   -1.002  1.00 23.02 ? 134 ARG A CA  1 
ATOM 788 C C   . ARG A 1 134 ? -0.359  7.472   -1.086  1.00 21.02 ? 134 ARG A C   1 
ATOM 789 O O   . ARG A 1 134 ? 0.034   8.310   -1.907  1.00 17.59 ? 134 ARG A O   1 
ATOM 790 C CB  . ARG A 1 134 ? -2.549  7.893   0.051   1.00 26.61 ? 134 ARG A CB  1 
ATOM 791 C CG  . ARG A 1 134 ? -3.295  9.083   -0.531  1.00 43.62 ? 134 ARG A CG  1 
ATOM 792 C CD  . ARG A 1 134 ? -3.188  9.116   -2.029  1.00 50.11 ? 134 ARG A CD  1 
ATOM 793 N NE  . ARG A 1 134 ? -4.526  9.349   -2.600  1.00 58.58 ? 134 ARG A NE  1 
ATOM 794 C CZ  . ARG A 1 134 ? -5.592  9.292   -1.778  1.00 64.35 ? 134 ARG A CZ  1 
ATOM 795 N NH1 . ARG A 1 134 ? -5.638  8.403   -0.780  1.00 58.53 ? 134 ARG A NH1 1 
ATOM 796 N NH2 . ARG A 1 134 ? -6.442  10.322  -1.777  1.00 69.85 ? 134 ARG A NH2 1 
ATOM 797 N N   . ALA A 1 135 ? 0.415   6.880   -0.191  1.00 22.39 ? 135 ALA A N   1 
ATOM 798 C CA  . ALA A 1 135 ? 1.837   7.198   -0.044  1.00 21.32 ? 135 ALA A CA  1 
ATOM 799 C C   . ALA A 1 135 ? 2.597   6.072   0.646   1.00 21.32 ? 135 ALA A C   1 
ATOM 800 O O   . ALA A 1 135 ? 2.205   5.504   1.670   1.00 18.05 ? 135 ALA A O   1 
ATOM 801 C CB  . ALA A 1 135 ? 2.054   8.502   0.694   1.00 22.73 ? 135 ALA A CB  1 
ATOM 802 N N   . CYS A 1 136 ? 3.811   5.961   0.138   1.00 22.35 ? 136 CYS A N   1 
ATOM 803 C CA  . CYS A 1 136 ? 4.794   4.946   0.609   1.00 19.21 ? 136 CYS A CA  1 
ATOM 804 C C   . CYS A 1 136 ? 5.860   5.696   1.431   1.00 18.18 ? 136 CYS A C   1 
ATOM 805 O O   . CYS A 1 136 ? 6.190   6.851   1.053   1.00 19.10 ? 136 CYS A O   1 
ATOM 806 C CB  . CYS A 1 136 ? 5.446   4.435   -0.703  1.00 21.68 ? 136 CYS A CB  1 
ATOM 807 S SG  . CYS A 1 136 ? 4.277   3.404   -1.650  1.00 11.77 ? 136 CYS A SG  1 
ATOM 808 N N   . GLY A 1 137 ? 6.608   4.921   2.214   1.00 12.19 ? 137 GLY A N   1 
ATOM 809 C CA  . GLY A 1 137 ? 7.904   5.448   2.679   1.00 11.92 ? 137 GLY A CA  1 
ATOM 810 C C   . GLY A 1 137 ? 8.630   4.469   3.563   1.00 15.75 ? 137 GLY A C   1 
ATOM 811 O O   . GLY A 1 137 ? 8.021   3.529   4.107   1.00 20.73 ? 137 GLY A O   1 
ATOM 812 N N   . CYS A 1 138 ? 9.841   4.874   3.922   1.00 15.77 ? 138 CYS A N   1 
ATOM 813 C CA  . CYS A 1 138 ? 10.760  3.977   4.685   1.00 16.87 ? 138 CYS A CA  1 
ATOM 814 C C   . CYS A 1 138 ? 10.467  4.082   6.165   1.00 19.28 ? 138 CYS A C   1 
ATOM 815 O O   . CYS A 1 138 ? 10.307  5.216   6.627   1.00 22.74 ? 138 CYS A O   1 
ATOM 816 C CB  . CYS A 1 138 ? 12.175  4.411   4.332   1.00 10.01 ? 138 CYS A CB  1 
ATOM 817 S SG  . CYS A 1 138 ? 12.490  4.133   2.547   1.00 17.78 ? 138 CYS A SG  1 
ATOM 818 N N   . HIS A 1 139 ? 10.091  3.010   6.815   1.00 23.96 ? 139 HIS A N   1 
ATOM 819 C CA  . HIS A 1 139 ? 9.558   3.082   8.186   1.00 27.70 ? 139 HIS A CA  1 
ATOM 820 C C   . HIS A 1 139 ? 10.170  1.986   9.059   1.00 32.30 ? 139 HIS A C   1 
ATOM 821 O O   . HIS A 1 139 ? 10.377  0.858   8.530   1.00 31.27 ? 139 HIS A O   1 
ATOM 822 C CB  . HIS A 1 139 ? 8.018   2.948   8.240   1.00 33.33 ? 139 HIS A CB  1 
ATOM 823 C CG  . HIS A 1 139 ? 7.297   4.254   8.142   1.00 41.24 ? 139 HIS A CG  1 
ATOM 824 N ND1 . HIS A 1 139 ? 6.786   4.935   9.222   1.00 44.78 ? 139 HIS A ND1 1 
ATOM 825 C CD2 . HIS A 1 139 ? 7.007   5.012   7.053   1.00 44.19 ? 139 HIS A CD2 1 
ATOM 826 C CE1 . HIS A 1 139 ? 6.254   6.075   8.805   1.00 45.54 ? 139 HIS A CE1 1 
ATOM 827 N NE2 . HIS A 1 139 ? 6.462   6.189   7.517   1.00 45.97 ? 139 HIS A NE2 1 
ATOM 828 O OXT . HIS A 1 139 ? 10.318  2.311   10.254  1.00 40.60 ? 139 HIS A OXT 1 
# 
